data_7PGM
#
_entry.id   7PGM
#
_cell.length_a   170.637
_cell.length_b   105.252
_cell.length_c   148.433
_cell.angle_alpha   90.00
_cell.angle_beta   95.97
_cell.angle_gamma   90.00
#
_symmetry.space_group_name_H-M   'C 1 2 1'
#
loop_
_entity.id
_entity.type
_entity.pdbx_description
1 polymer 'Hedgehog-interacting protein'
2 branched '2-O-sulfo-alpha-L-idopyranuronic acid-(1-3)-2-deoxy-6-O-sulfo-2-(sulfoamino)-alpha-D-glucopyranose-(1-4)-2-O-sulfo-alpha-L-idopyranuronic acid-(1-4)-2-deoxy-6-O-sulfo-2-(sulfoamino)-alpha-D-glucopyranose-(1-4)-2-O-sulfo-alpha-L-idopyranuronic acid-(1-4)-2-deoxy-6-O-sulfo-2-(sulfoamino)-alpha-D-glucopyranose-(1-4)-2-O-sulfo-alpha-L-idopyranuronic acid-(1-4)-2-deoxy-6-O-sulfo-2-(sulfoamino)-alpha-D-glucopyranose'
#
_entity_poly.entity_id   1
_entity_poly.type   'polypeptide(L)'
_entity_poly.pdbx_seq_one_letter_code
;ETGKHNCFCIQEVVSGLRQPVGALHSGDGSQRLFILEKEGYVKILTPEGEIFKEPYLDIHKLVQSGIKGGDERGLLSLAF
HPNYKKNGKLYVSYTTNQERWAIGPHDHILRVVEYTVSRKNPHQVDLRTARVFLEVAELHRKHLGGQLLFGPDGFLYIIL
GDGMITLDDMEEMDGLSDFTGSVLRLDVDTDMCNVPYSIPRSNPHFNSTNQPPEVFAHGLHDPGRCAVDRHPTDININLT
ILCSDSNGKNRSSARILQIIKGKDYESEPSLLEFKPFSNGPLVGGFVYRGCQSERLYGSYVFGDRNGNFLTLQQSPVTKQ
WQEKPLCLGTSGSCRGYFSGHILGFGEDELGEVYILSSSKSMTQTHNGKLYKIVDPKRPLMPEECRATVQPAQTLTSECS
RLCRNGYCTPTGKCCCSPGWEGDFCRTAKCEPACRHGGVCVRPNKCLCKKGYLGPQCEQVDGTKHHHHHH
;
_entity_poly.pdbx_strand_id   A,B,C
#
# COMPACT_ATOMS: atom_id res chain seq x y z
N HIS A 5 2.60 14.84 28.43
CA HIS A 5 3.00 15.88 29.38
C HIS A 5 3.89 16.89 28.67
N ASN A 6 5.16 16.50 28.45
CA ASN A 6 6.12 17.32 27.74
C ASN A 6 6.35 16.78 26.33
N CYS A 7 5.42 15.98 25.83
CA CYS A 7 5.56 15.37 24.53
C CYS A 7 5.24 16.38 23.45
N PHE A 8 5.59 16.01 22.23
CA PHE A 8 5.18 16.76 21.07
C PHE A 8 4.05 15.97 20.41
N CYS A 9 3.53 16.50 19.32
CA CYS A 9 2.45 15.83 18.62
C CYS A 9 2.66 15.99 17.12
N ILE A 10 1.95 15.16 16.35
CA ILE A 10 2.13 15.08 14.91
C ILE A 10 0.81 15.44 14.24
N GLN A 11 0.84 16.43 13.34
CA GLN A 11 -0.36 16.93 12.68
C GLN A 11 -0.30 16.67 11.18
N GLU A 12 -1.33 16.01 10.66
CA GLU A 12 -1.39 15.75 9.23
C GLU A 12 -1.69 17.04 8.47
N VAL A 13 -0.88 17.33 7.46
CA VAL A 13 -1.03 18.54 6.65
C VAL A 13 -1.65 18.23 5.30
N VAL A 14 -1.08 17.27 4.57
CA VAL A 14 -1.65 16.81 3.30
C VAL A 14 -1.45 15.30 3.17
N SER A 15 -2.28 14.71 2.33
CA SER A 15 -2.16 13.30 1.99
C SER A 15 -2.31 13.15 0.48
N GLY A 16 -2.39 11.93 -0.03
CA GLY A 16 -2.46 11.75 -1.46
C GLY A 16 -1.13 11.95 -2.18
N LEU A 17 -0.02 11.98 -1.46
CA LEU A 17 1.29 12.08 -2.08
C LEU A 17 1.76 10.70 -2.55
N ARG A 18 2.80 10.70 -3.37
CA ARG A 18 3.37 9.47 -3.95
C ARG A 18 4.82 9.35 -3.49
N GLN A 19 5.09 8.48 -2.52
CA GLN A 19 6.43 8.20 -2.05
C GLN A 19 7.22 9.49 -1.80
N PRO A 20 6.71 10.37 -0.94
CA PRO A 20 7.44 11.60 -0.66
C PRO A 20 8.76 11.32 0.04
N VAL A 21 9.80 12.05 -0.35
CA VAL A 21 11.12 11.86 0.24
C VAL A 21 11.64 13.10 0.97
N GLY A 22 10.96 14.24 0.87
CA GLY A 22 11.41 15.42 1.56
C GLY A 22 10.58 16.62 1.17
N ALA A 23 10.80 17.72 1.88
CA ALA A 23 10.12 18.96 1.60
C ALA A 23 10.97 20.13 2.10
N LEU A 24 10.82 21.27 1.42
CA LEU A 24 11.63 22.45 1.76
C LEU A 24 11.00 23.66 1.09
N HIS A 25 11.50 24.83 1.49
CA HIS A 25 11.05 26.11 0.97
C HIS A 25 12.15 26.74 0.11
N SER A 26 11.79 27.81 -0.58
CA SER A 26 12.68 28.46 -1.53
C SER A 26 13.27 29.76 -0.98
N GLY A 27 12.85 30.17 0.22
CA GLY A 27 13.40 31.37 0.84
C GLY A 27 13.13 32.64 0.08
N ASP A 28 12.03 32.70 -0.67
CA ASP A 28 11.66 33.90 -1.43
C ASP A 28 10.56 34.71 -0.76
N GLY A 29 10.12 34.30 0.43
CA GLY A 29 9.07 34.99 1.13
C GLY A 29 7.68 34.47 0.84
N SER A 30 7.54 33.55 -0.12
CA SER A 30 6.23 33.07 -0.55
C SER A 30 5.64 32.03 0.39
N GLN A 31 6.44 31.51 1.33
CA GLN A 31 6.02 30.47 2.26
C GLN A 31 5.44 29.25 1.55
N ARG A 32 5.83 29.04 0.30
CA ARG A 32 5.53 27.80 -0.40
C ARG A 32 6.38 26.67 0.16
N LEU A 33 5.82 25.46 0.13
CA LEU A 33 6.54 24.25 0.53
C LEU A 33 6.63 23.34 -0.69
N PHE A 34 7.85 22.97 -1.06
CA PHE A 34 8.09 22.12 -2.21
C PHE A 34 8.29 20.69 -1.73
N ILE A 35 7.40 19.79 -2.14
CA ILE A 35 7.41 18.40 -1.70
C ILE A 35 8.01 17.55 -2.82
N LEU A 36 8.95 16.67 -2.45
CA LEU A 36 9.67 15.83 -3.40
C LEU A 36 9.07 14.41 -3.42
N GLU A 37 8.74 13.94 -4.62
CA GLU A 37 8.25 12.58 -4.82
C GLU A 37 9.31 11.75 -5.53
N LYS A 38 9.58 10.54 -5.01
CA LYS A 38 10.72 9.74 -5.47
C LYS A 38 10.69 9.50 -6.98
N GLU A 39 9.52 9.14 -7.52
CA GLU A 39 9.43 8.86 -8.95
C GLU A 39 9.86 10.03 -9.83
N GLY A 40 9.98 11.24 -9.27
CA GLY A 40 10.51 12.37 -10.02
C GLY A 40 9.60 13.56 -10.19
N TYR A 41 8.86 13.93 -9.14
CA TYR A 41 7.98 15.09 -9.17
C TYR A 41 8.29 15.98 -7.97
N VAL A 42 8.09 17.29 -8.16
CA VAL A 42 8.14 18.25 -7.08
C VAL A 42 6.84 19.04 -7.09
N LYS A 43 6.09 18.95 -6.01
CA LYS A 43 4.79 19.59 -5.89
C LYS A 43 4.88 20.76 -4.93
N ILE A 44 4.03 21.75 -5.16
CA ILE A 44 3.98 22.96 -4.34
C ILE A 44 2.80 22.87 -3.38
N LEU A 45 3.06 23.13 -2.11
CA LEU A 45 2.01 23.31 -1.10
C LEU A 45 1.98 24.79 -0.74
N THR A 46 0.84 25.44 -1.00
CA THR A 46 0.71 26.84 -0.69
C THR A 46 0.56 27.04 0.82
N PRO A 47 0.81 28.24 1.32
CA PRO A 47 0.61 28.47 2.77
C PRO A 47 -0.82 28.24 3.22
N GLU A 48 -1.80 28.47 2.33
CA GLU A 48 -3.19 28.20 2.63
C GLU A 48 -3.56 26.73 2.59
N GLY A 49 -2.61 25.84 2.30
CA GLY A 49 -2.85 24.41 2.37
C GLY A 49 -3.26 23.75 1.07
N GLU A 50 -3.09 24.42 -0.06
CA GLU A 50 -3.42 23.88 -1.37
C GLU A 50 -2.21 23.23 -2.03
N ILE A 51 -2.44 22.11 -2.71
CA ILE A 51 -1.45 21.49 -3.58
C ILE A 51 -1.80 21.85 -5.02
N PHE A 52 -0.89 22.51 -5.72
CA PHE A 52 -1.13 22.90 -7.10
C PHE A 52 -1.32 21.68 -7.99
N LYS A 53 -2.25 21.79 -8.94
CA LYS A 53 -2.45 20.71 -9.91
C LYS A 53 -1.17 20.43 -10.69
N GLU A 54 -0.57 21.48 -11.27
CA GLU A 54 0.61 21.29 -12.10
C GLU A 54 1.85 21.19 -11.21
N PRO A 55 2.63 20.13 -11.34
CA PRO A 55 3.86 20.03 -10.54
C PRO A 55 4.81 21.19 -10.80
N TYR A 56 5.62 21.50 -9.79
CA TYR A 56 6.67 22.49 -9.99
C TYR A 56 7.74 21.95 -10.92
N LEU A 57 8.04 20.64 -10.83
CA LEU A 57 9.04 19.98 -11.64
C LEU A 57 8.61 18.56 -11.94
N ASP A 58 8.57 18.19 -13.22
CA ASP A 58 8.24 16.83 -13.65
C ASP A 58 9.38 16.28 -14.49
N ILE A 59 10.18 15.39 -13.91
CA ILE A 59 11.26 14.74 -14.65
C ILE A 59 11.21 13.22 -14.46
N HIS A 60 10.00 12.67 -14.32
CA HIS A 60 9.87 11.25 -14.00
C HIS A 60 10.33 10.36 -15.15
N LYS A 61 10.28 10.85 -16.39
CA LYS A 61 10.87 10.08 -17.49
C LYS A 61 12.39 10.11 -17.42
N LEU A 62 12.97 11.25 -17.05
CA LEU A 62 14.41 11.32 -16.91
C LEU A 62 14.90 10.48 -15.74
N VAL A 63 14.08 10.35 -14.70
CA VAL A 63 14.48 9.74 -13.44
C VAL A 63 14.28 8.23 -13.51
N GLN A 64 15.31 7.49 -13.11
CA GLN A 64 15.18 6.05 -12.88
C GLN A 64 14.87 5.84 -11.41
N SER A 65 13.67 5.38 -11.11
CA SER A 65 13.22 5.14 -9.75
C SER A 65 12.98 3.65 -9.54
N GLY A 66 13.05 3.24 -8.27
CA GLY A 66 13.06 1.84 -7.92
C GLY A 66 11.73 1.33 -7.39
N ILE A 67 11.46 0.06 -7.64
CA ILE A 67 10.25 -0.62 -7.16
C ILE A 67 10.47 -1.24 -5.78
N LYS A 68 11.51 -2.07 -5.65
CA LYS A 68 11.74 -2.81 -4.41
C LYS A 68 11.80 -1.90 -3.19
N GLY A 69 11.38 -2.44 -2.05
CA GLY A 69 11.59 -1.77 -0.79
C GLY A 69 13.07 -1.83 -0.41
N GLY A 70 13.70 -0.68 -0.28
CA GLY A 70 15.14 -0.60 -0.08
C GLY A 70 15.89 -0.20 -1.33
N ASP A 71 15.20 -0.12 -2.47
CA ASP A 71 15.78 0.36 -3.72
C ASP A 71 15.76 1.89 -3.70
N GLU A 72 16.93 2.51 -3.60
CA GLU A 72 17.05 3.93 -3.34
C GLU A 72 17.04 4.83 -4.58
N ARG A 73 17.01 4.26 -5.78
CA ARG A 73 17.00 5.10 -6.98
C ARG A 73 15.75 5.94 -7.07
N GLY A 74 15.92 7.14 -7.58
CA GLY A 74 14.82 8.05 -7.79
C GLY A 74 15.30 9.48 -7.65
N LEU A 75 14.35 10.36 -7.35
CA LEU A 75 14.68 11.74 -7.05
C LEU A 75 15.14 11.83 -5.61
N LEU A 76 16.37 12.30 -5.40
CA LEU A 76 17.04 12.22 -4.12
C LEU A 76 16.95 13.52 -3.31
N SER A 77 17.20 14.66 -3.93
CA SER A 77 17.32 15.90 -3.17
C SER A 77 17.07 17.09 -4.07
N LEU A 78 16.80 18.24 -3.45
CA LEU A 78 16.60 19.51 -4.12
C LEU A 78 17.14 20.60 -3.21
N ALA A 79 17.78 21.61 -3.82
CA ALA A 79 18.26 22.76 -3.06
C ALA A 79 18.02 24.01 -3.87
N PHE A 80 17.45 25.03 -3.25
CA PHE A 80 17.25 26.31 -3.91
C PHE A 80 18.45 27.21 -3.68
N HIS A 81 18.86 27.91 -4.73
CA HIS A 81 19.96 28.86 -4.59
C HIS A 81 19.60 29.89 -3.52
N PRO A 82 20.56 30.32 -2.70
CA PRO A 82 20.27 31.32 -1.67
C PRO A 82 19.63 32.59 -2.20
N ASN A 83 19.83 32.90 -3.48
CA ASN A 83 19.26 34.09 -4.11
C ASN A 83 18.17 33.73 -5.12
N TYR A 84 17.38 32.68 -4.83
CA TYR A 84 16.36 32.23 -5.78
C TYR A 84 15.33 33.30 -6.07
N LYS A 85 15.05 34.19 -5.11
CA LYS A 85 14.06 35.23 -5.34
C LYS A 85 14.48 36.15 -6.49
N LYS A 86 15.77 36.24 -6.76
CA LYS A 86 16.27 37.11 -7.81
C LYS A 86 16.70 36.39 -9.07
N ASN A 87 17.20 35.15 -8.97
CA ASN A 87 17.74 34.44 -10.13
C ASN A 87 17.03 33.13 -10.49
N GLY A 88 16.11 32.64 -9.66
CA GLY A 88 15.36 31.45 -10.00
C GLY A 88 16.18 30.19 -10.21
N LYS A 89 17.33 30.08 -9.55
CA LYS A 89 18.20 28.92 -9.71
C LYS A 89 17.90 27.85 -8.65
N LEU A 90 17.83 26.60 -9.10
CA LEU A 90 17.60 25.47 -8.23
C LEU A 90 18.46 24.30 -8.69
N TYR A 91 18.75 23.39 -7.75
CA TYR A 91 19.60 22.25 -8.03
C TYR A 91 18.91 20.97 -7.57
N VAL A 92 19.10 19.90 -8.36
CA VAL A 92 18.37 18.64 -8.18
C VAL A 92 19.34 17.49 -8.39
N SER A 93 19.25 16.47 -7.53
CA SER A 93 20.04 15.26 -7.68
C SER A 93 19.10 14.07 -7.82
N TYR A 94 19.26 13.34 -8.92
CA TYR A 94 18.46 12.15 -9.17
C TYR A 94 19.32 11.08 -9.81
N THR A 95 18.81 9.86 -9.83
CA THR A 95 19.46 8.74 -10.49
C THR A 95 18.78 8.50 -11.83
N THR A 96 19.59 8.23 -12.85
CA THR A 96 19.07 7.87 -14.16
C THR A 96 20.03 6.86 -14.79
N ASN A 97 19.64 6.34 -15.96
CA ASN A 97 20.46 5.35 -16.63
C ASN A 97 20.61 5.64 -18.12
N GLN A 98 20.51 6.91 -18.54
CA GLN A 98 20.51 7.14 -19.98
C GLN A 98 21.91 7.21 -20.60
N GLU A 99 22.96 7.35 -19.78
CA GLU A 99 24.32 7.31 -20.31
C GLU A 99 25.05 6.06 -19.81
N PRO A 105 29.41 -1.85 -18.22
CA PRO A 105 29.94 -0.67 -17.52
C PRO A 105 29.34 -0.48 -16.13
N HIS A 106 28.34 0.39 -16.02
CA HIS A 106 27.76 0.79 -14.75
C HIS A 106 26.32 0.29 -14.63
N ASP A 107 25.76 0.44 -13.42
CA ASP A 107 24.34 0.19 -13.18
C ASP A 107 23.50 1.39 -13.55
N HIS A 108 23.75 2.52 -12.89
CA HIS A 108 23.03 3.76 -13.13
C HIS A 108 23.95 4.90 -12.76
N ILE A 109 23.47 6.12 -12.93
CA ILE A 109 24.32 7.29 -12.77
C ILE A 109 23.57 8.32 -11.94
N LEU A 110 24.22 8.79 -10.87
CA LEU A 110 23.63 9.80 -9.98
C LEU A 110 24.03 11.17 -10.50
N ARG A 111 23.05 11.92 -10.97
CA ARG A 111 23.28 13.22 -11.58
C ARG A 111 22.95 14.33 -10.59
N VAL A 112 23.66 15.44 -10.71
CA VAL A 112 23.33 16.68 -10.04
C VAL A 112 23.16 17.75 -11.11
N VAL A 113 21.95 18.27 -11.25
CA VAL A 113 21.58 19.12 -12.37
C VAL A 113 21.07 20.44 -11.82
N GLU A 114 21.31 21.50 -12.57
CA GLU A 114 20.75 22.81 -12.26
C GLU A 114 19.58 23.09 -13.20
N TYR A 115 18.47 23.56 -12.64
CA TYR A 115 17.29 23.96 -13.39
C TYR A 115 16.98 25.42 -13.03
N THR A 116 16.08 26.03 -13.81
CA THR A 116 15.70 27.42 -13.58
C THR A 116 14.19 27.58 -13.73
N VAL A 117 13.57 28.30 -12.78
CA VAL A 117 12.12 28.47 -12.83
C VAL A 117 11.74 29.21 -14.10
N SER A 118 10.59 28.82 -14.69
CA SER A 118 10.09 29.47 -15.89
C SER A 118 9.94 30.96 -15.67
N ARG A 119 10.41 31.74 -16.66
CA ARG A 119 10.25 33.19 -16.60
C ARG A 119 8.80 33.64 -16.78
N LYS A 120 7.92 32.77 -17.30
CA LYS A 120 6.50 33.11 -17.40
C LYS A 120 5.70 32.71 -16.18
N ASN A 121 6.11 31.64 -15.49
CA ASN A 121 5.31 31.06 -14.42
C ASN A 121 6.22 30.74 -13.23
N PRO A 122 6.06 31.45 -12.11
CA PRO A 122 6.91 31.19 -10.94
C PRO A 122 6.64 29.86 -10.25
N HIS A 123 5.62 29.12 -10.70
CA HIS A 123 5.24 27.86 -10.07
C HIS A 123 5.56 26.65 -10.95
N GLN A 124 6.32 26.84 -12.03
CA GLN A 124 6.82 25.75 -12.85
C GLN A 124 8.23 26.08 -13.29
N VAL A 125 9.07 25.05 -13.34
CA VAL A 125 10.46 25.21 -13.77
C VAL A 125 10.53 24.96 -15.27
N ASP A 126 11.30 25.79 -15.96
CA ASP A 126 11.54 25.63 -17.39
C ASP A 126 12.43 24.41 -17.60
N LEU A 127 11.85 23.33 -18.16
CA LEU A 127 12.57 22.06 -18.26
C LEU A 127 13.74 22.13 -19.21
N ARG A 128 13.73 23.06 -20.16
CA ARG A 128 14.80 23.19 -21.14
C ARG A 128 16.09 23.73 -20.53
N THR A 129 16.05 24.26 -19.32
CA THR A 129 17.20 24.91 -18.70
C THR A 129 18.05 23.96 -17.88
N ALA A 130 17.98 22.65 -18.17
CA ALA A 130 18.78 21.70 -17.42
C ALA A 130 20.25 21.87 -17.74
N ARG A 131 21.08 21.85 -16.69
CA ARG A 131 22.53 21.89 -16.83
C ARG A 131 23.12 20.84 -15.90
N VAL A 132 23.75 19.82 -16.49
CA VAL A 132 24.39 18.77 -15.70
C VAL A 132 25.65 19.31 -15.05
N PHE A 133 25.73 19.18 -13.73
CA PHE A 133 26.91 19.58 -12.97
C PHE A 133 27.83 18.39 -12.70
N LEU A 134 27.27 17.31 -12.16
CA LEU A 134 28.01 16.11 -11.82
C LEU A 134 27.26 14.89 -12.33
N GLU A 135 28.02 13.89 -12.73
CA GLU A 135 27.49 12.58 -13.07
C GLU A 135 28.33 11.55 -12.32
N VAL A 136 27.77 10.99 -11.25
CA VAL A 136 28.47 10.02 -10.42
C VAL A 136 28.02 8.63 -10.84
N ALA A 137 28.94 7.86 -11.40
CA ALA A 137 28.64 6.48 -11.74
C ALA A 137 28.35 5.69 -10.48
N GLU A 138 27.26 4.92 -10.50
CA GLU A 138 26.89 4.08 -9.39
C GLU A 138 26.85 2.63 -9.85
N LEU A 139 27.16 1.73 -8.92
CA LEU A 139 27.19 0.30 -9.20
C LEU A 139 26.09 -0.47 -8.49
N HIS A 140 25.53 0.08 -7.42
CA HIS A 140 24.50 -0.59 -6.65
C HIS A 140 23.36 0.39 -6.36
N ARG A 141 22.36 -0.09 -5.64
CA ARG A 141 21.13 0.67 -5.45
C ARG A 141 20.86 1.03 -3.99
N LYS A 142 21.83 0.82 -3.10
CA LYS A 142 21.74 1.22 -1.71
C LYS A 142 22.91 2.15 -1.39
N HIS A 143 22.85 2.76 -0.21
CA HIS A 143 23.91 3.62 0.32
C HIS A 143 24.31 4.72 -0.69
N LEU A 144 23.36 5.16 -1.50
CA LEU A 144 23.70 6.12 -2.57
C LEU A 144 23.15 7.52 -2.33
N GLY A 145 22.49 7.75 -1.20
CA GLY A 145 21.86 9.04 -0.93
C GLY A 145 22.69 10.24 -1.33
N GLY A 146 22.07 11.21 -2.00
CA GLY A 146 22.77 12.41 -2.41
C GLY A 146 22.09 13.71 -2.03
N GLN A 147 22.33 14.18 -0.80
CA GLN A 147 21.69 15.37 -0.29
C GLN A 147 22.37 16.63 -0.81
N LEU A 148 21.56 17.64 -1.15
CA LEU A 148 22.04 18.93 -1.61
C LEU A 148 21.67 19.99 -0.58
N LEU A 149 22.61 20.89 -0.28
CA LEU A 149 22.33 21.97 0.67
C LEU A 149 23.36 23.07 0.50
N PHE A 150 22.96 24.29 0.86
CA PHE A 150 23.84 25.45 0.83
C PHE A 150 24.18 25.87 2.26
N GLY A 151 25.48 26.09 2.50
CA GLY A 151 25.93 26.60 3.77
C GLY A 151 25.89 28.11 3.79
N PRO A 152 26.03 28.71 4.98
CA PRO A 152 26.09 30.18 5.06
C PRO A 152 27.27 30.78 4.32
N ASP A 153 28.19 29.97 3.82
CA ASP A 153 29.24 30.43 2.92
C ASP A 153 28.74 30.67 1.50
N GLY A 154 27.52 30.22 1.19
CA GLY A 154 26.99 30.31 -0.15
C GLY A 154 27.39 29.18 -1.07
N PHE A 155 28.05 28.16 -0.57
CA PHE A 155 28.54 27.06 -1.38
C PHE A 155 27.58 25.89 -1.35
N LEU A 156 27.64 25.07 -2.39
CA LEU A 156 26.77 23.91 -2.54
C LEU A 156 27.49 22.69 -1.99
N TYR A 157 26.89 22.05 -0.98
CA TYR A 157 27.39 20.82 -0.40
C TYR A 157 26.62 19.64 -0.97
N ILE A 158 27.34 18.60 -1.36
CA ILE A 158 26.74 17.38 -1.89
C ILE A 158 27.26 16.22 -1.04
N ILE A 159 26.34 15.45 -0.46
CA ILE A 159 26.68 14.39 0.48
C ILE A 159 26.34 13.07 -0.19
N LEU A 160 27.36 12.30 -0.54
CA LEU A 160 27.21 11.06 -1.27
C LEU A 160 27.61 9.89 -0.38
N GLY A 161 26.84 8.81 -0.44
CA GLY A 161 27.21 7.61 0.27
C GLY A 161 28.23 6.81 -0.51
N ASP A 162 28.55 5.63 0.00
CA ASP A 162 29.60 4.84 -0.63
C ASP A 162 29.06 3.95 -1.74
N GLY A 163 27.75 3.96 -1.97
CA GLY A 163 27.14 3.17 -3.01
C GLY A 163 27.45 1.69 -2.93
N MET A 164 27.82 1.21 -1.74
CA MET A 164 28.33 -0.14 -1.53
C MET A 164 29.27 -0.55 -2.65
N ILE A 165 30.37 0.18 -2.74
CA ILE A 165 31.39 -0.10 -3.72
C ILE A 165 32.57 -0.66 -2.95
N THR A 166 33.03 -1.84 -3.35
CA THR A 166 34.01 -2.53 -2.54
C THR A 166 35.41 -2.13 -3.01
N LEU A 167 36.41 -2.55 -2.24
CA LEU A 167 37.77 -2.16 -2.58
C LEU A 167 38.23 -2.81 -3.88
N ASP A 168 37.82 -4.06 -4.15
CA ASP A 168 38.20 -4.67 -5.41
C ASP A 168 37.48 -4.05 -6.61
N ASP A 169 36.30 -3.48 -6.39
CA ASP A 169 35.64 -2.75 -7.47
C ASP A 169 36.50 -1.58 -7.93
N MET A 170 37.10 -0.87 -6.98
CA MET A 170 37.94 0.29 -7.30
C MET A 170 39.20 -0.09 -8.06
N GLU A 171 39.75 -1.29 -7.84
CA GLU A 171 41.01 -1.68 -8.46
C GLU A 171 40.91 -1.74 -9.98
N GLU A 172 39.69 -1.76 -10.53
CA GLU A 172 39.49 -1.63 -11.96
C GLU A 172 39.17 -0.21 -12.39
N MET A 173 38.66 0.63 -11.47
CA MET A 173 38.34 2.03 -11.70
C MET A 173 37.59 2.22 -13.03
N ASP A 174 36.57 1.39 -13.21
CA ASP A 174 35.79 1.42 -14.44
C ASP A 174 35.01 2.73 -14.54
N GLY A 175 34.25 3.06 -13.51
CA GLY A 175 33.67 4.39 -13.37
C GLY A 175 34.38 5.13 -12.25
N LEU A 176 35.02 6.25 -12.59
CA LEU A 176 35.93 6.96 -11.69
C LEU A 176 35.36 7.05 -10.28
N SER A 177 34.21 7.71 -10.14
CA SER A 177 33.44 7.76 -8.89
C SER A 177 34.35 8.00 -7.68
N ASP A 178 35.30 8.90 -7.86
CA ASP A 178 36.09 9.37 -6.74
C ASP A 178 35.26 10.13 -5.73
N PHE A 179 33.96 10.32 -6.00
CA PHE A 179 33.07 11.16 -5.22
C PHE A 179 32.24 10.40 -4.20
N THR A 180 32.08 9.08 -4.36
CA THR A 180 31.23 8.32 -3.45
C THR A 180 31.84 8.30 -2.05
N GLY A 181 30.95 8.36 -1.05
CA GLY A 181 31.38 8.33 0.32
C GLY A 181 32.05 9.60 0.78
N SER A 182 31.85 10.69 0.07
CA SER A 182 32.47 11.97 0.40
C SER A 182 31.41 13.06 0.42
N VAL A 183 31.79 14.19 1.03
CA VAL A 183 31.01 15.42 0.98
C VAL A 183 31.68 16.34 -0.05
N LEU A 184 30.98 16.62 -1.14
CA LEU A 184 31.50 17.54 -2.13
C LEU A 184 31.06 18.96 -1.81
N ARG A 185 31.91 19.94 -2.13
CA ARG A 185 31.58 21.35 -1.97
C ARG A 185 31.99 22.11 -3.21
N LEU A 186 31.00 22.59 -3.96
CA LEU A 186 31.22 23.35 -5.18
C LEU A 186 30.87 24.82 -4.97
N ASP A 187 31.51 25.67 -5.77
CA ASP A 187 31.14 27.08 -5.85
C ASP A 187 30.37 27.27 -7.15
N VAL A 188 29.06 27.48 -7.04
CA VAL A 188 28.21 27.63 -8.23
C VAL A 188 28.20 29.03 -8.79
N ASP A 189 28.80 30.01 -8.10
CA ASP A 189 28.78 31.39 -8.55
C ASP A 189 30.02 31.68 -9.40
N THR A 190 30.01 31.12 -10.61
CA THR A 190 31.15 31.23 -11.51
C THR A 190 30.73 31.91 -12.82
N ASP A 191 31.72 32.50 -13.49
CA ASP A 191 31.53 33.13 -14.78
C ASP A 191 32.12 32.34 -15.95
N MET A 192 32.92 31.31 -15.68
CA MET A 192 33.52 30.53 -16.75
C MET A 192 32.47 29.65 -17.42
N CYS A 193 32.24 29.88 -18.71
CA CYS A 193 31.19 29.18 -19.44
C CYS A 193 31.61 27.78 -19.86
N ASN A 194 32.87 27.38 -19.64
CA ASN A 194 33.29 26.01 -19.91
C ASN A 194 32.80 25.07 -18.82
N VAL A 195 33.23 25.32 -17.58
CA VAL A 195 32.95 24.44 -16.46
C VAL A 195 31.67 24.91 -15.78
N PRO A 196 30.81 23.99 -15.32
CA PRO A 196 29.56 24.43 -14.68
C PRO A 196 29.75 24.99 -13.28
N TYR A 197 30.81 24.59 -12.58
CA TYR A 197 31.08 25.04 -11.22
C TYR A 197 32.59 25.23 -11.06
N SER A 198 32.97 26.11 -10.15
CA SER A 198 34.37 26.28 -9.80
C SER A 198 34.60 25.77 -8.37
N ILE A 199 35.83 25.38 -8.11
CA ILE A 199 36.19 24.81 -6.81
C ILE A 199 36.57 25.96 -5.88
N PRO A 200 35.96 26.05 -4.69
CA PRO A 200 36.35 27.13 -3.77
C PRO A 200 37.78 26.96 -3.29
N ARG A 201 38.49 28.08 -3.18
CA ARG A 201 39.87 28.05 -2.70
C ARG A 201 39.97 27.48 -1.29
N SER A 202 38.89 27.61 -0.50
CA SER A 202 38.91 27.12 0.86
C SER A 202 38.94 25.59 0.92
N ASN A 203 38.62 24.92 -0.18
CA ASN A 203 38.58 23.46 -0.21
C ASN A 203 39.94 22.89 0.17
N PRO A 204 39.97 21.75 0.86
CA PRO A 204 41.25 21.22 1.38
C PRO A 204 42.15 20.60 0.30
N HIS A 205 41.65 20.37 -0.91
CA HIS A 205 42.43 19.70 -1.94
C HIS A 205 42.43 20.45 -3.27
N PHE A 206 42.24 21.78 -3.24
CA PHE A 206 41.98 22.49 -4.50
C PHE A 206 43.19 22.55 -5.43
N ASN A 207 44.39 22.35 -4.90
CA ASN A 207 45.59 22.25 -5.74
C ASN A 207 46.11 20.83 -5.87
N SER A 208 45.70 19.92 -5.00
CA SER A 208 46.25 18.56 -4.98
C SER A 208 45.88 17.83 -6.26
N THR A 209 46.90 17.33 -6.97
CA THR A 209 46.69 16.52 -8.17
C THR A 209 46.36 15.07 -7.84
N ASN A 210 46.41 14.68 -6.58
CA ASN A 210 46.04 13.34 -6.15
C ASN A 210 44.58 13.29 -5.67
N GLN A 211 44.22 14.17 -4.71
CA GLN A 211 42.85 14.05 -4.25
C GLN A 211 41.94 14.95 -5.09
N PRO A 212 40.66 14.61 -5.20
CA PRO A 212 39.75 15.44 -6.01
C PRO A 212 39.51 16.79 -5.37
N PRO A 213 39.54 17.86 -6.16
CA PRO A 213 39.31 19.20 -5.57
C PRO A 213 37.91 19.39 -5.02
N GLU A 214 36.90 18.72 -5.59
CA GLU A 214 35.53 18.86 -5.10
C GLU A 214 35.34 18.25 -3.72
N VAL A 215 36.20 17.31 -3.32
CA VAL A 215 35.98 16.60 -2.06
C VAL A 215 36.30 17.52 -0.90
N PHE A 216 35.32 17.70 -0.02
CA PHE A 216 35.45 18.50 1.19
C PHE A 216 35.75 17.63 2.41
N ALA A 217 35.29 16.39 2.40
CA ALA A 217 35.53 15.39 3.43
C ALA A 217 34.96 14.08 2.92
N HIS A 218 35.57 12.96 3.32
CA HIS A 218 35.15 11.66 2.83
C HIS A 218 35.06 10.69 4.01
N GLY A 219 34.75 9.43 3.69
CA GLY A 219 34.60 8.40 4.71
C GLY A 219 33.19 8.09 5.11
N LEU A 220 32.20 8.59 4.38
CA LEU A 220 30.81 8.30 4.69
C LEU A 220 30.38 6.95 4.09
N HIS A 221 29.53 6.24 4.82
CA HIS A 221 28.83 5.08 4.30
C HIS A 221 27.37 5.20 4.69
N ASP A 222 26.49 5.23 3.70
CA ASP A 222 25.05 5.21 3.91
C ASP A 222 24.57 6.28 4.92
N PRO A 223 24.84 7.56 4.64
CA PRO A 223 24.42 8.59 5.60
C PRO A 223 22.96 8.95 5.42
N GLY A 224 22.29 9.22 6.54
CA GLY A 224 20.93 9.71 6.50
C GLY A 224 20.89 11.18 6.14
N ARG A 225 19.70 11.75 6.26
CA ARG A 225 19.56 13.19 6.05
C ARG A 225 20.30 13.94 7.15
N CYS A 226 21.16 14.86 6.75
CA CYS A 226 22.03 15.55 7.68
C CYS A 226 21.39 16.83 8.18
N ALA A 227 21.54 17.09 9.48
CA ALA A 227 21.04 18.31 10.08
C ALA A 227 21.99 19.47 9.77
N VAL A 228 21.42 20.63 9.45
CA VAL A 228 22.19 21.79 9.06
C VAL A 228 21.83 22.93 9.99
N ASP A 229 22.71 23.21 10.95
CA ASP A 229 22.56 24.36 11.82
C ASP A 229 23.17 25.57 11.13
N ARG A 230 22.48 26.70 11.21
CA ARG A 230 22.98 27.93 10.61
C ARG A 230 23.25 29.03 11.63
N HIS A 231 22.92 28.81 12.90
CA HIS A 231 23.05 29.80 13.95
C HIS A 231 22.37 31.12 13.56
N PRO A 232 21.10 31.09 13.13
CA PRO A 232 20.47 32.33 12.65
C PRO A 232 20.08 33.27 13.79
N ILE A 235 27.04 30.79 17.92
CA ILE A 235 27.81 30.03 18.90
C ILE A 235 29.30 30.03 18.52
N ASN A 236 29.71 31.14 17.92
CA ASN A 236 31.05 31.58 17.48
C ASN A 236 31.63 30.74 16.35
N ILE A 237 30.90 29.76 15.83
CA ILE A 237 31.33 29.00 14.66
C ILE A 237 30.39 29.34 13.51
N ASN A 238 30.92 29.21 12.29
CA ASN A 238 30.14 29.58 11.11
C ASN A 238 29.17 28.48 10.70
N LEU A 239 29.62 27.22 10.67
CA LEU A 239 28.87 26.15 10.04
C LEU A 239 28.95 24.86 10.85
N THR A 240 27.82 24.17 10.98
CA THR A 240 27.74 22.89 11.64
C THR A 240 26.82 21.98 10.83
N ILE A 241 27.32 20.80 10.48
CA ILE A 241 26.54 19.77 9.77
C ILE A 241 26.68 18.45 10.51
N LEU A 242 25.56 17.92 11.00
CA LEU A 242 25.53 16.61 11.66
C LEU A 242 24.84 15.59 10.77
N CYS A 243 25.46 14.42 10.62
CA CYS A 243 24.91 13.33 9.83
C CYS A 243 24.80 12.06 10.66
N SER A 244 23.71 11.32 10.46
CA SER A 244 23.64 9.95 10.93
C SER A 244 24.30 9.04 9.91
N ASP A 245 24.81 7.90 10.37
CA ASP A 245 25.58 7.02 9.50
C ASP A 245 25.61 5.62 10.10
N SER A 246 25.59 4.62 9.22
CA SER A 246 25.57 3.21 9.62
C SER A 246 26.87 2.55 9.13
N ASN A 247 27.83 2.40 10.04
CA ASN A 247 29.11 1.80 9.66
C ASN A 247 28.96 0.33 9.28
N GLY A 248 27.88 -0.33 9.69
CA GLY A 248 27.66 -1.72 9.35
C GLY A 248 26.74 -2.44 10.32
N SER A 252 22.33 -0.84 12.94
CA SER A 252 23.35 -1.50 13.74
C SER A 252 24.41 -0.53 14.26
N SER A 253 24.32 -0.22 15.56
CA SER A 253 25.28 0.64 16.25
C SER A 253 25.43 1.98 15.53
N ALA A 254 24.30 2.67 15.40
CA ALA A 254 24.27 3.92 14.66
C ALA A 254 25.24 4.93 15.26
N ARG A 255 25.85 5.73 14.39
CA ARG A 255 26.85 6.71 14.76
C ARG A 255 26.50 8.04 14.12
N ILE A 256 26.84 9.13 14.82
CA ILE A 256 26.52 10.47 14.35
C ILE A 256 27.83 11.23 14.20
N LEU A 257 27.94 12.01 13.13
CA LEU A 257 29.20 12.61 12.70
C LEU A 257 29.06 14.13 12.55
N GLN A 258 30.09 14.85 12.96
CA GLN A 258 30.18 16.28 12.75
C GLN A 258 31.09 16.49 11.55
N ILE A 259 30.68 17.33 10.61
CA ILE A 259 31.41 17.52 9.37
C ILE A 259 32.25 18.78 9.46
N ILE A 260 33.55 18.60 9.30
CA ILE A 260 34.54 19.67 9.32
C ILE A 260 35.52 19.41 8.18
N LYS A 261 36.05 20.50 7.61
CA LYS A 261 36.98 20.45 6.49
C LYS A 261 37.97 19.29 6.59
N GLY A 262 38.09 18.53 5.50
CA GLY A 262 39.13 17.55 5.30
C GLY A 262 39.29 16.46 6.34
N LYS A 263 38.22 15.75 6.68
CA LYS A 263 38.27 14.66 7.63
C LYS A 263 37.83 13.36 6.98
N ASP A 264 38.32 12.25 7.51
CA ASP A 264 38.05 10.90 7.01
C ASP A 264 37.34 10.11 8.10
N TYR A 265 36.05 9.85 7.91
CA TYR A 265 35.20 9.31 8.97
C TYR A 265 35.22 7.80 9.08
N GLU A 266 36.16 7.13 8.41
CA GLU A 266 36.54 5.80 8.83
C GLU A 266 37.60 5.86 9.92
N SER A 267 38.40 6.93 9.95
CA SER A 267 39.47 7.13 10.92
C SER A 267 39.22 8.33 11.82
N GLU A 268 37.97 8.80 11.89
CA GLU A 268 37.60 9.91 12.75
C GLU A 268 36.57 9.48 13.79
N PRO A 269 36.69 9.97 15.02
CA PRO A 269 35.72 9.61 16.07
C PRO A 269 34.29 9.99 15.68
N SER A 270 33.41 8.99 15.73
CA SER A 270 31.98 9.26 15.65
C SER A 270 31.55 10.05 16.88
N LEU A 271 30.88 11.17 16.66
CA LEU A 271 30.51 12.08 17.74
C LEU A 271 29.62 11.42 18.78
N LEU A 272 28.98 10.30 18.46
CA LEU A 272 28.19 9.55 19.40
C LEU A 272 27.90 8.17 18.82
N GLU A 273 27.74 7.19 19.70
CA GLU A 273 27.42 5.83 19.30
C GLU A 273 26.42 5.22 20.28
N PHE A 274 25.26 4.80 19.75
CA PHE A 274 24.18 4.22 20.55
C PHE A 274 23.47 3.14 19.73
N LYS A 275 23.22 1.97 20.35
CA LYS A 275 22.54 0.90 19.64
C LYS A 275 21.15 1.36 19.18
N PRO A 276 20.70 0.99 17.97
CA PRO A 276 19.41 1.54 17.50
C PRO A 276 18.23 0.97 18.25
N PHE A 277 17.10 1.64 18.09
CA PHE A 277 15.83 1.22 18.71
C PHE A 277 15.23 -0.03 18.08
N SER A 278 15.87 -0.61 17.05
CA SER A 278 15.54 -1.91 16.48
C SER A 278 14.32 -1.86 15.56
N ASN A 279 13.56 -0.76 15.58
CA ASN A 279 12.53 -0.56 14.55
C ASN A 279 13.14 -0.09 13.25
N GLY A 280 14.31 0.55 13.31
CA GLY A 280 15.02 1.01 12.15
C GLY A 280 16.26 1.80 12.51
N PRO A 281 17.21 1.88 11.59
CA PRO A 281 18.32 2.83 11.74
C PRO A 281 17.79 4.25 11.63
N LEU A 282 18.65 5.22 11.90
CA LEU A 282 18.19 6.60 11.95
C LEU A 282 17.96 7.10 10.52
N VAL A 283 16.78 7.66 10.29
CA VAL A 283 16.47 8.23 8.99
C VAL A 283 17.28 9.50 8.76
N GLY A 284 17.40 10.33 9.78
CA GLY A 284 18.10 11.58 9.64
C GLY A 284 17.74 12.51 10.79
N GLY A 285 18.04 13.79 10.59
CA GLY A 285 17.82 14.73 11.66
C GLY A 285 17.68 16.14 11.14
N PHE A 286 17.38 17.05 12.08
CA PHE A 286 17.26 18.45 11.76
C PHE A 286 17.68 19.27 12.96
N VAL A 287 17.99 20.54 12.71
CA VAL A 287 18.20 21.53 13.77
C VAL A 287 17.00 22.46 13.74
N TYR A 288 16.19 22.42 14.80
CA TYR A 288 14.96 23.21 14.85
C TYR A 288 15.31 24.67 15.07
N ARG A 289 15.01 25.51 14.07
CA ARG A 289 15.10 26.95 14.20
C ARG A 289 13.74 27.59 13.94
N GLY A 290 12.67 26.82 14.17
CA GLY A 290 11.33 27.32 14.02
C GLY A 290 10.93 28.25 15.15
N CYS A 291 9.66 28.67 15.10
CA CYS A 291 9.13 29.64 16.03
C CYS A 291 7.98 29.13 16.87
N GLN A 292 7.25 28.11 16.42
CA GLN A 292 6.08 27.67 17.17
C GLN A 292 6.48 27.08 18.51
N SER A 293 7.56 26.32 18.54
CA SER A 293 8.02 25.66 19.76
C SER A 293 9.17 26.45 20.38
N GLU A 294 8.96 26.94 21.60
CA GLU A 294 10.04 27.65 22.30
C GLU A 294 11.13 26.70 22.76
N ARG A 295 10.76 25.61 23.43
CA ARG A 295 11.75 24.75 24.06
C ARG A 295 12.61 24.01 23.05
N LEU A 296 12.08 23.77 21.86
CA LEU A 296 12.81 22.98 20.88
C LEU A 296 13.87 23.78 20.13
N TYR A 297 13.87 25.11 20.28
CA TYR A 297 14.76 25.95 19.50
C TYR A 297 16.22 25.56 19.74
N GLY A 298 16.98 25.46 18.65
CA GLY A 298 18.39 25.15 18.72
C GLY A 298 18.74 23.70 18.96
N SER A 299 17.75 22.83 19.15
CA SER A 299 18.04 21.44 19.45
C SER A 299 18.24 20.62 18.18
N TYR A 300 19.10 19.60 18.28
CA TYR A 300 19.26 18.63 17.22
C TYR A 300 18.31 17.48 17.49
N VAL A 301 17.46 17.18 16.52
CA VAL A 301 16.51 16.08 16.61
C VAL A 301 16.85 15.07 15.54
N PHE A 302 16.87 13.79 15.91
CA PHE A 302 17.01 12.70 14.95
C PHE A 302 15.88 11.72 15.18
N GLY A 303 15.52 10.97 14.14
CA GLY A 303 14.42 10.04 14.23
C GLY A 303 14.62 8.84 13.33
N ASP A 304 14.03 7.72 13.73
CA ASP A 304 14.17 6.48 12.97
C ASP A 304 12.92 6.24 12.12
N ARG A 305 12.93 5.12 11.40
CA ARG A 305 11.85 4.81 10.46
C ARG A 305 10.48 4.84 11.13
N ASN A 306 10.41 4.58 12.44
CA ASN A 306 9.14 4.36 13.12
C ASN A 306 8.72 5.51 14.01
N GLY A 307 9.40 6.65 13.93
CA GLY A 307 8.98 7.81 14.68
C GLY A 307 9.52 7.90 16.09
N ASN A 308 10.57 7.15 16.41
CA ASN A 308 11.28 7.34 17.68
C ASN A 308 12.24 8.51 17.51
N PHE A 309 11.98 9.61 18.21
CA PHE A 309 12.78 10.82 18.08
C PHE A 309 13.74 10.96 19.25
N LEU A 310 14.92 11.48 18.95
CA LEU A 310 15.94 11.77 19.95
C LEU A 310 16.35 13.24 19.86
N THR A 311 16.92 13.71 20.96
CA THR A 311 17.54 15.03 21.04
C THR A 311 19.00 14.81 21.39
N LEU A 312 19.87 15.61 20.81
CA LEU A 312 21.28 15.56 21.18
C LEU A 312 21.56 16.78 22.04
N GLN A 313 22.11 16.54 23.24
CA GLN A 313 22.48 17.60 24.17
C GLN A 313 23.90 17.37 24.65
N GLN A 314 24.73 18.39 24.52
CA GLN A 314 26.12 18.37 24.96
C GLN A 314 26.24 18.74 26.44
N SER A 315 27.09 17.99 27.15
CA SER A 315 27.40 18.31 28.53
C SER A 315 28.35 19.50 28.58
N PRO A 316 27.99 20.62 29.21
CA PRO A 316 28.96 21.70 29.35
C PRO A 316 30.22 21.30 30.10
N VAL A 317 30.13 20.30 30.98
CA VAL A 317 31.27 19.91 31.80
C VAL A 317 32.28 19.12 30.98
N THR A 318 31.83 18.09 30.27
CA THR A 318 32.71 17.21 29.53
C THR A 318 32.65 17.42 28.03
N LYS A 319 31.78 18.30 27.54
CA LYS A 319 31.61 18.58 26.12
C LYS A 319 31.26 17.31 25.34
N GLN A 320 30.76 16.30 26.05
CA GLN A 320 30.35 15.05 25.43
C GLN A 320 28.87 15.08 25.09
N TRP A 321 28.53 14.45 23.98
CA TRP A 321 27.17 14.41 23.49
C TRP A 321 26.41 13.20 24.02
N GLN A 322 25.12 13.38 24.23
CA GLN A 322 24.25 12.34 24.71
C GLN A 322 22.88 12.45 24.06
N GLU A 323 22.23 11.30 23.91
CA GLU A 323 20.91 11.19 23.29
C GLU A 323 19.86 11.21 24.38
N LYS A 324 18.79 11.96 24.14
CA LYS A 324 17.65 12.00 25.05
C LYS A 324 16.38 11.78 24.23
N PRO A 325 15.52 10.86 24.65
CA PRO A 325 14.29 10.60 23.90
C PRO A 325 13.27 11.74 24.00
N LEU A 326 12.47 11.85 22.93
CA LEU A 326 11.31 12.71 22.85
C LEU A 326 10.07 11.85 22.71
N CYS A 327 9.01 12.21 23.40
CA CYS A 327 7.79 11.42 23.35
C CYS A 327 6.74 12.14 22.53
N LEU A 328 5.78 11.38 22.03
CA LEU A 328 4.67 11.92 21.27
C LEU A 328 3.37 11.60 22.01
N GLY A 329 2.43 12.52 21.97
CA GLY A 329 1.15 12.33 22.63
C GLY A 329 0.04 13.05 21.90
N THR A 330 -1.17 12.55 22.06
CA THR A 330 -2.33 13.10 21.37
C THR A 330 -2.89 14.30 22.13
N SER A 331 -3.18 15.38 21.39
CA SER A 331 -3.90 16.54 21.89
C SER A 331 -4.89 16.91 20.79
N GLY A 332 -6.10 16.35 20.88
CA GLY A 332 -7.10 16.62 19.84
C GLY A 332 -6.67 16.12 18.48
N SER A 333 -6.69 17.02 17.50
CA SER A 333 -6.32 16.66 16.13
C SER A 333 -4.86 16.30 16.04
N CYS A 334 -4.03 16.88 16.91
CA CYS A 334 -2.60 16.63 16.92
C CYS A 334 -2.35 15.36 17.73
N ARG A 335 -1.80 14.34 17.08
CA ARG A 335 -1.76 12.99 17.63
C ARG A 335 -0.35 12.52 17.87
N GLY A 336 -0.23 11.52 18.75
CA GLY A 336 1.05 10.94 19.10
C GLY A 336 1.43 9.74 18.25
N TYR A 337 0.92 9.71 17.02
CA TYR A 337 1.24 8.66 16.06
C TYR A 337 1.01 9.22 14.67
N PHE A 338 1.34 8.42 13.67
CA PHE A 338 1.17 8.78 12.27
C PHE A 338 1.19 7.50 11.45
N SER A 339 0.79 7.62 10.19
CA SER A 339 0.67 6.44 9.33
C SER A 339 2.02 6.09 8.73
N GLY A 340 2.25 4.78 8.54
CA GLY A 340 3.40 4.30 7.81
C GLY A 340 4.74 4.60 8.47
N HIS A 341 5.77 4.68 7.62
CA HIS A 341 7.15 4.86 8.06
C HIS A 341 7.69 6.20 7.55
N ILE A 342 8.64 6.75 8.29
CA ILE A 342 9.28 8.00 7.88
C ILE A 342 10.20 7.75 6.70
N LEU A 343 10.07 8.58 5.68
CA LEU A 343 10.97 8.55 4.53
C LEU A 343 11.89 9.75 4.45
N GLY A 344 11.49 10.89 5.03
CA GLY A 344 12.29 12.09 4.95
C GLY A 344 11.69 13.15 5.84
N PHE A 345 12.35 14.30 5.87
CA PHE A 345 11.95 15.42 6.71
C PHE A 345 11.63 16.64 5.85
N GLY A 346 10.99 17.63 6.50
CA GLY A 346 10.65 18.86 5.82
C GLY A 346 10.92 20.05 6.71
N GLU A 347 11.08 21.21 6.07
CA GLU A 347 11.22 22.47 6.79
C GLU A 347 10.59 23.57 5.94
N ASP A 348 9.69 24.35 6.52
CA ASP A 348 9.09 25.44 5.78
C ASP A 348 9.87 26.73 6.03
N GLU A 349 9.45 27.80 5.37
CA GLU A 349 10.20 29.04 5.44
C GLU A 349 10.15 29.69 6.81
N LEU A 350 9.16 29.36 7.64
CA LEU A 350 9.10 29.84 9.00
C LEU A 350 9.90 28.98 9.96
N GLY A 351 10.48 27.88 9.49
CA GLY A 351 11.35 27.06 10.29
C GLY A 351 10.70 25.85 10.92
N GLU A 352 9.41 25.64 10.72
CA GLU A 352 8.75 24.48 11.28
C GLU A 352 9.14 23.24 10.49
N VAL A 353 9.21 22.11 11.19
CA VAL A 353 9.76 20.90 10.61
C VAL A 353 8.64 19.91 10.37
N TYR A 354 8.85 19.03 9.39
CA TYR A 354 7.81 18.11 8.94
C TYR A 354 8.42 16.73 8.78
N ILE A 355 7.57 15.72 8.81
CA ILE A 355 7.96 14.36 8.45
C ILE A 355 7.07 13.91 7.31
N LEU A 356 7.66 13.23 6.34
CA LEU A 356 6.93 12.66 5.21
C LEU A 356 6.95 11.15 5.37
N SER A 357 5.78 10.54 5.28
CA SER A 357 5.62 9.12 5.58
C SER A 357 4.95 8.41 4.43
N SER A 358 5.21 7.11 4.36
CA SER A 358 4.58 6.22 3.38
C SER A 358 4.75 4.81 3.92
N SER A 359 4.02 3.88 3.34
CA SER A 359 4.22 2.47 3.67
C SER A 359 4.15 1.67 2.39
N LYS A 360 4.28 0.36 2.53
CA LYS A 360 4.01 -0.48 1.38
C LYS A 360 2.54 -0.36 0.96
N SER A 361 1.62 -0.24 1.94
CA SER A 361 0.21 -0.10 1.60
C SER A 361 -0.09 1.29 1.08
N MET A 362 0.62 2.33 1.56
CA MET A 362 0.38 3.71 1.14
C MET A 362 1.01 4.06 -0.21
N THR A 363 1.96 3.25 -0.69
CA THR A 363 2.58 3.51 -1.99
C THR A 363 1.66 3.12 -3.14
N GLN A 364 1.13 1.88 -3.17
CA GLN A 364 0.22 1.51 -4.27
C GLN A 364 -1.02 2.38 -4.24
N THR A 365 -1.51 2.73 -3.03
CA THR A 365 -2.64 3.66 -2.91
C THR A 365 -2.27 5.09 -3.29
N HIS A 366 -0.98 5.35 -3.55
CA HIS A 366 -0.50 6.69 -3.87
C HIS A 366 -0.92 7.66 -2.76
N ASN A 367 -0.69 7.23 -1.51
CA ASN A 367 -1.13 7.99 -0.34
C ASN A 367 0.04 8.14 0.64
N GLY A 368 1.03 8.90 0.23
CA GLY A 368 2.01 9.39 1.16
C GLY A 368 1.47 10.63 1.84
N LYS A 369 2.01 10.95 3.02
CA LYS A 369 1.45 12.01 3.83
C LYS A 369 2.54 12.96 4.32
N LEU A 370 2.14 14.21 4.52
CA LEU A 370 2.99 15.24 5.10
C LEU A 370 2.46 15.59 6.48
N TYR A 371 3.32 15.48 7.48
CA TYR A 371 2.96 15.71 8.87
C TYR A 371 3.81 16.84 9.43
N LYS A 372 3.18 17.73 10.20
CA LYS A 372 3.88 18.79 10.90
C LYS A 372 4.11 18.39 12.35
N ILE A 373 5.30 18.68 12.85
CA ILE A 373 5.60 18.45 14.26
C ILE A 373 5.19 19.68 15.04
N VAL A 374 4.40 19.49 16.09
CA VAL A 374 3.80 20.59 16.83
C VAL A 374 4.20 20.47 18.29
N ASP A 375 4.32 21.62 18.95
CA ASP A 375 4.51 21.68 20.38
C ASP A 375 3.17 22.06 21.01
N PRO A 376 2.44 21.13 21.61
CA PRO A 376 1.08 21.45 22.09
C PRO A 376 1.06 22.36 23.31
N LYS A 377 2.21 22.58 23.95
CA LYS A 377 2.28 23.57 25.04
C LYS A 377 2.20 25.00 24.54
N ARG A 378 2.38 25.23 23.24
CA ARG A 378 2.42 26.57 22.69
C ARG A 378 1.27 26.79 21.71
N PRO A 379 0.84 28.03 21.52
CA PRO A 379 -0.18 28.32 20.50
C PRO A 379 0.29 27.87 19.12
N LEU A 380 -0.70 27.66 18.25
CA LEU A 380 -0.38 27.33 16.86
C LEU A 380 0.21 28.53 16.13
N MET A 381 -0.32 29.72 16.40
CA MET A 381 0.20 30.98 15.86
C MET A 381 0.48 31.93 17.01
N PRO A 382 1.59 31.73 17.73
CA PRO A 382 1.99 32.73 18.73
C PRO A 382 2.17 34.08 18.08
N GLU A 383 1.88 35.13 18.86
CA GLU A 383 1.92 36.50 18.33
C GLU A 383 3.21 36.75 17.55
N GLU A 384 4.34 36.30 18.11
CA GLU A 384 5.65 36.61 17.53
C GLU A 384 5.96 35.81 16.26
N CYS A 385 5.23 34.76 15.95
CA CYS A 385 5.57 33.93 14.80
C CYS A 385 4.86 34.35 13.53
N ARG A 386 4.08 35.42 13.57
CA ARG A 386 3.36 35.86 12.38
C ARG A 386 4.34 36.42 11.36
N ALA A 387 4.20 36.01 10.11
CA ALA A 387 4.97 36.54 9.00
C ALA A 387 4.05 36.75 7.82
N THR A 388 4.31 37.82 7.07
CA THR A 388 3.46 38.16 5.93
C THR A 388 3.94 37.46 4.67
N VAL A 389 3.01 36.79 3.99
CA VAL A 389 3.32 36.10 2.74
C VAL A 389 3.65 37.12 1.66
N GLN A 390 4.82 36.95 1.03
CA GLN A 390 5.19 37.72 -0.14
C GLN A 390 5.03 36.84 -1.38
N PRO A 391 3.89 36.91 -2.07
CA PRO A 391 3.64 35.97 -3.18
C PRO A 391 4.73 36.01 -4.24
N ALA A 392 5.02 34.83 -4.79
CA ALA A 392 6.15 34.68 -5.71
C ALA A 392 5.93 35.48 -6.98
N GLN A 393 7.01 36.11 -7.45
CA GLN A 393 6.96 36.91 -8.67
C GLN A 393 7.81 36.26 -9.75
N THR A 394 7.47 36.58 -11.00
CA THR A 394 8.25 36.11 -12.13
C THR A 394 9.64 36.73 -12.12
N LEU A 395 10.55 36.10 -12.85
CA LEU A 395 11.93 36.57 -12.91
C LEU A 395 12.01 37.96 -13.52
N THR A 396 12.75 38.85 -12.84
CA THR A 396 12.96 40.22 -13.29
C THR A 396 14.43 40.48 -13.59
N SER A 397 15.31 39.53 -13.31
CA SER A 397 16.74 39.77 -13.48
C SER A 397 17.06 40.10 -14.93
N GLU A 398 18.09 40.92 -15.11
CA GLU A 398 18.46 41.35 -16.45
C GLU A 398 18.83 40.17 -17.33
N CYS A 399 19.41 39.11 -16.74
CA CYS A 399 19.87 37.98 -17.55
C CYS A 399 18.69 37.19 -18.12
N SER A 400 17.77 36.77 -17.25
CA SER A 400 16.67 35.94 -17.71
C SER A 400 15.84 36.64 -18.78
N ARG A 401 15.79 37.97 -18.73
CA ARG A 401 14.95 38.74 -19.63
C ARG A 401 15.60 38.97 -20.99
N LEU A 402 16.92 39.17 -21.03
CA LEU A 402 17.63 39.53 -22.26
C LEU A 402 18.53 38.44 -22.81
N CYS A 403 18.96 37.49 -21.98
CA CYS A 403 19.86 36.41 -22.40
C CYS A 403 19.01 35.27 -22.95
N ARG A 404 19.04 35.10 -24.28
CA ARG A 404 18.15 34.15 -24.93
C ARG A 404 18.87 33.10 -25.76
N ASN A 405 20.10 33.33 -26.20
CA ASN A 405 20.85 32.37 -27.00
C ASN A 405 21.91 31.64 -26.17
N GLY A 406 21.63 31.39 -24.90
CA GLY A 406 22.57 30.73 -24.03
C GLY A 406 21.98 30.36 -22.68
N TYR A 407 22.80 30.40 -21.64
CA TYR A 407 22.33 30.15 -20.28
C TYR A 407 22.84 31.25 -19.35
N CYS A 408 22.15 31.41 -18.23
CA CYS A 408 22.46 32.42 -17.23
C CYS A 408 23.15 31.76 -16.04
N THR A 409 24.34 32.25 -15.69
CA THR A 409 24.99 31.81 -14.47
C THR A 409 24.27 32.44 -13.26
N PRO A 410 24.31 31.78 -12.09
CA PRO A 410 23.61 32.33 -10.92
C PRO A 410 23.95 33.78 -10.59
N THR A 411 25.11 34.25 -11.05
CA THR A 411 25.49 35.64 -10.83
C THR A 411 24.88 36.59 -11.86
N GLY A 412 24.62 36.11 -13.07
CA GLY A 412 24.01 36.95 -14.09
C GLY A 412 24.74 37.04 -15.42
N LYS A 413 25.93 36.46 -15.52
CA LYS A 413 26.65 36.50 -16.79
C LYS A 413 25.96 35.59 -17.80
N CYS A 414 25.80 36.10 -19.02
CA CYS A 414 25.12 35.37 -20.08
C CYS A 414 26.17 34.61 -20.88
N CYS A 415 26.10 33.28 -20.82
CA CYS A 415 27.05 32.41 -21.51
C CYS A 415 26.44 31.92 -22.82
N CYS A 416 27.06 32.29 -23.93
CA CYS A 416 26.47 32.03 -25.23
C CYS A 416 26.67 30.58 -25.66
N SER A 417 25.73 30.09 -26.45
CA SER A 417 25.88 28.80 -27.10
C SER A 417 26.94 28.92 -28.19
N PRO A 418 27.44 27.81 -28.71
CA PRO A 418 28.40 27.89 -29.83
C PRO A 418 27.77 28.61 -31.01
N GLY A 419 28.51 29.59 -31.54
CA GLY A 419 28.03 30.40 -32.64
C GLY A 419 27.31 31.67 -32.28
N TRP A 420 27.39 32.12 -31.02
CA TRP A 420 26.74 33.36 -30.60
C TRP A 420 27.68 34.20 -29.75
N GLU A 421 27.52 35.51 -29.85
CA GLU A 421 28.32 36.48 -29.11
C GLU A 421 27.45 37.67 -28.75
N GLY A 422 28.04 38.62 -28.04
CA GLY A 422 27.34 39.80 -27.60
C GLY A 422 27.22 39.87 -26.10
N ASP A 423 26.72 41.02 -25.63
CA ASP A 423 26.52 41.19 -24.20
C ASP A 423 25.52 40.18 -23.67
N PHE A 424 24.41 40.00 -24.37
CA PHE A 424 23.41 38.98 -24.05
C PHE A 424 23.25 37.97 -25.18
N CYS A 425 24.29 37.78 -25.98
CA CYS A 425 24.30 36.76 -27.03
C CYS A 425 23.19 36.99 -28.04
N ARG A 426 22.88 38.26 -28.31
CA ARG A 426 21.80 38.58 -29.22
C ARG A 426 22.23 38.63 -30.69
N THR A 427 23.54 38.60 -30.97
CA THR A 427 24.05 38.67 -32.33
C THR A 427 24.68 37.35 -32.72
N ALA A 428 24.26 36.81 -33.87
CA ALA A 428 24.83 35.56 -34.36
C ALA A 428 26.24 35.79 -34.90
N LYS A 429 27.03 34.71 -34.94
CA LYS A 429 28.39 34.75 -35.46
C LYS A 429 28.51 33.88 -36.72
N CYS A 430 29.15 34.43 -37.74
CA CYS A 430 29.44 33.71 -38.98
C CYS A 430 30.95 33.69 -39.15
N GLU A 431 31.52 32.49 -39.19
CA GLU A 431 32.96 32.33 -39.41
C GLU A 431 33.12 31.30 -40.52
N PRO A 432 33.70 31.67 -41.67
CA PRO A 432 34.14 33.03 -41.99
C PRO A 432 32.98 34.03 -42.13
N ALA A 433 33.30 35.32 -41.99
CA ALA A 433 32.29 36.36 -41.94
C ALA A 433 31.56 36.51 -43.27
N CYS A 434 30.30 36.96 -43.19
CA CYS A 434 29.56 37.30 -44.40
C CYS A 434 30.22 38.48 -45.10
N ARG A 435 30.18 38.47 -46.42
CA ARG A 435 30.85 39.50 -47.20
C ARG A 435 29.84 40.23 -48.08
N HIS A 436 30.29 41.35 -48.64
CA HIS A 436 29.50 42.23 -49.50
C HIS A 436 28.16 42.59 -48.88
N GLY A 437 28.23 43.13 -47.66
CA GLY A 437 27.05 43.62 -46.99
C GLY A 437 26.09 42.56 -46.49
N GLY A 438 26.44 41.28 -46.63
CA GLY A 438 25.57 40.23 -46.13
C GLY A 438 25.34 40.33 -44.64
N VAL A 439 24.26 39.72 -44.18
CA VAL A 439 23.86 39.75 -42.78
C VAL A 439 23.98 38.34 -42.22
N CYS A 440 24.61 38.25 -41.05
CA CYS A 440 24.75 36.98 -40.35
C CYS A 440 23.51 36.81 -39.49
N VAL A 441 22.54 36.03 -40.00
CA VAL A 441 21.22 35.94 -39.39
C VAL A 441 21.18 34.86 -38.30
N ARG A 442 21.73 33.70 -38.60
CA ARG A 442 21.91 32.58 -37.68
C ARG A 442 23.38 32.18 -37.77
N PRO A 443 23.90 31.48 -36.76
CA PRO A 443 25.33 31.12 -36.80
C PRO A 443 25.69 30.37 -38.07
N ASN A 444 26.64 30.94 -38.83
CA ASN A 444 27.14 30.37 -40.08
C ASN A 444 26.08 30.31 -41.18
N LYS A 445 25.14 31.26 -41.19
CA LYS A 445 24.21 31.43 -42.29
C LYS A 445 24.18 32.89 -42.70
N CYS A 446 24.57 33.18 -43.93
CA CYS A 446 24.63 34.54 -44.45
C CYS A 446 23.44 34.80 -45.37
N LEU A 447 22.75 35.91 -45.12
CA LEU A 447 21.71 36.40 -46.03
C LEU A 447 22.35 37.44 -46.95
N CYS A 448 22.59 37.06 -48.20
CA CYS A 448 23.34 37.88 -49.15
C CYS A 448 22.43 38.88 -49.84
N LYS A 449 23.03 39.98 -50.29
CA LYS A 449 22.35 40.91 -51.17
C LYS A 449 22.39 40.39 -52.59
N LYS A 450 21.34 40.71 -53.36
CA LYS A 450 21.29 40.29 -54.76
C LYS A 450 22.53 40.72 -55.51
N GLY A 451 23.11 39.78 -56.24
CA GLY A 451 24.35 40.00 -56.95
C GLY A 451 25.54 39.30 -56.32
N TYR A 452 25.36 38.64 -55.18
CA TYR A 452 26.46 38.02 -54.47
C TYR A 452 26.00 36.67 -53.98
N LEU A 453 26.78 35.65 -54.32
CA LEU A 453 26.40 34.25 -54.14
C LEU A 453 27.44 33.53 -53.30
N GLY A 454 27.07 32.35 -52.84
CA GLY A 454 27.95 31.53 -52.04
C GLY A 454 27.59 31.64 -50.57
N PRO A 455 28.12 30.72 -49.76
CA PRO A 455 27.75 30.69 -48.33
C PRO A 455 28.09 31.95 -47.57
N GLN A 456 29.11 32.70 -48.00
CA GLN A 456 29.45 33.97 -47.38
C GLN A 456 29.29 35.15 -48.32
N CYS A 457 28.56 34.96 -49.42
CA CYS A 457 28.35 36.00 -50.43
C CYS A 457 29.66 36.42 -51.07
N GLU A 458 30.61 35.48 -51.17
CA GLU A 458 31.94 35.83 -51.65
C GLU A 458 32.02 35.97 -53.16
N GLN A 459 31.14 35.29 -53.90
CA GLN A 459 31.22 35.30 -55.35
C GLN A 459 30.38 36.42 -55.92
N VAL A 460 30.91 37.09 -56.93
CA VAL A 460 30.25 38.23 -57.56
C VAL A 460 29.67 37.76 -58.89
N ASP A 461 28.46 38.21 -59.19
CA ASP A 461 27.80 37.80 -60.42
C ASP A 461 27.70 38.97 -61.39
N HIS B 5 30.06 -49.56 -45.84
CA HIS B 5 28.93 -49.63 -44.92
C HIS B 5 28.16 -48.34 -44.73
N ASN B 6 26.89 -48.53 -44.36
CA ASN B 6 25.94 -47.48 -44.06
C ASN B 6 25.67 -47.40 -42.56
N CYS B 7 26.57 -47.96 -41.76
CA CYS B 7 26.35 -48.06 -40.32
C CYS B 7 26.64 -46.72 -39.64
N PHE B 8 26.18 -46.62 -38.40
CA PHE B 8 26.49 -45.51 -37.52
C PHE B 8 27.48 -45.98 -36.46
N CYS B 9 27.90 -45.10 -35.58
CA CYS B 9 28.82 -45.50 -34.54
C CYS B 9 28.45 -44.81 -33.24
N ILE B 10 29.03 -45.32 -32.14
CA ILE B 10 28.73 -44.88 -30.78
C ILE B 10 29.99 -44.33 -30.17
N GLN B 11 29.93 -43.09 -29.69
CA GLN B 11 31.08 -42.41 -29.12
C GLN B 11 30.82 -42.08 -27.65
N GLU B 12 31.73 -42.50 -26.77
CA GLU B 12 31.59 -42.20 -25.35
C GLU B 12 31.83 -40.71 -25.10
N VAL B 13 30.91 -40.08 -24.39
CA VAL B 13 31.00 -38.65 -24.07
C VAL B 13 31.41 -38.45 -22.61
N VAL B 14 30.70 -39.08 -21.68
CA VAL B 14 31.05 -39.04 -20.25
C VAL B 14 30.77 -40.40 -19.64
N SER B 15 31.45 -40.66 -18.52
CA SER B 15 31.28 -41.87 -17.74
C SER B 15 31.19 -41.46 -16.27
N GLY B 16 31.19 -42.45 -15.38
CA GLY B 16 31.08 -42.10 -13.97
C GLY B 16 29.71 -41.68 -13.50
N LEU B 17 28.66 -41.96 -14.29
CA LEU B 17 27.29 -41.66 -13.90
C LEU B 17 26.69 -42.78 -13.06
N ARG B 18 25.53 -42.50 -12.45
CA ARG B 18 24.79 -43.45 -11.62
C ARG B 18 23.41 -43.66 -12.23
N GLN B 19 23.18 -44.84 -12.79
CA GLN B 19 21.88 -45.26 -13.26
C GLN B 19 21.22 -44.15 -14.11
N PRO B 20 21.90 -43.69 -15.16
CA PRO B 20 21.31 -42.63 -15.99
C PRO B 20 20.07 -43.14 -16.69
N VAL B 21 19.03 -42.30 -16.74
CA VAL B 21 17.76 -42.70 -17.37
C VAL B 21 17.38 -41.82 -18.54
N GLY B 22 18.07 -40.72 -18.80
CA GLY B 22 17.73 -39.87 -19.92
C GLY B 22 18.53 -38.61 -19.88
N ALA B 23 18.43 -37.84 -20.96
CA ALA B 23 19.10 -36.54 -21.05
C ALA B 23 18.35 -35.66 -22.04
N LEU B 24 18.44 -34.35 -21.82
CA LEU B 24 17.73 -33.38 -22.63
C LEU B 24 18.30 -32.00 -22.36
N HIS B 25 17.91 -31.04 -23.20
CA HIS B 25 18.33 -29.65 -23.12
C HIS B 25 17.16 -28.76 -22.73
N SER B 26 17.47 -27.48 -22.46
CA SER B 26 16.46 -26.53 -22.01
C SER B 26 16.03 -25.54 -23.09
N GLY B 27 16.66 -25.58 -24.27
CA GLY B 27 16.26 -24.68 -25.33
C GLY B 27 16.47 -23.21 -25.01
N ASP B 28 17.46 -22.88 -24.19
CA ASP B 28 17.77 -21.49 -23.88
C ASP B 28 18.99 -20.98 -24.63
N GLY B 29 19.57 -21.79 -25.52
CA GLY B 29 20.73 -21.41 -26.29
C GLY B 29 22.06 -21.73 -25.66
N SER B 30 22.06 -22.23 -24.43
CA SER B 30 23.29 -22.50 -23.70
C SER B 30 23.94 -23.81 -24.10
N GLN B 31 23.22 -24.65 -24.83
CA GLN B 31 23.72 -25.96 -25.25
C GLN B 31 24.16 -26.82 -24.07
N ARG B 32 23.63 -26.54 -22.88
CA ARG B 32 23.81 -27.45 -21.75
C ARG B 32 22.99 -28.72 -21.98
N LEU B 33 23.50 -29.84 -21.47
CA LEU B 33 22.78 -31.12 -21.50
C LEU B 33 22.51 -31.54 -20.07
N PHE B 34 21.24 -31.75 -19.76
CA PHE B 34 20.82 -32.13 -18.42
C PHE B 34 20.63 -33.64 -18.37
N ILE B 35 21.42 -34.31 -17.53
CA ILE B 35 21.41 -35.76 -17.43
C ILE B 35 20.64 -36.18 -16.19
N LEU B 36 19.75 -37.14 -16.36
CA LEU B 36 18.89 -37.63 -15.28
C LEU B 36 19.45 -38.92 -14.70
N GLU B 37 19.62 -38.96 -13.38
CA GLU B 37 20.02 -40.15 -12.65
C GLU B 37 18.83 -40.68 -11.86
N LYS B 38 18.60 -41.99 -11.93
CA LYS B 38 17.40 -42.60 -11.34
C LYS B 38 17.25 -42.27 -9.87
N GLU B 39 18.34 -42.40 -9.09
CA GLU B 39 18.24 -42.17 -7.65
C GLU B 39 17.70 -40.78 -7.30
N GLY B 40 17.66 -39.84 -8.26
CA GLY B 40 17.03 -38.56 -8.04
C GLY B 40 17.94 -37.35 -8.17
N TYR B 41 18.83 -37.38 -9.17
CA TYR B 41 19.73 -36.27 -9.43
C TYR B 41 19.62 -35.85 -10.89
N VAL B 42 19.84 -34.57 -11.14
CA VAL B 42 19.96 -34.05 -12.50
C VAL B 42 21.28 -33.28 -12.57
N LYS B 43 22.17 -33.73 -13.44
CA LYS B 43 23.49 -33.16 -13.59
C LYS B 43 23.60 -32.41 -14.91
N ILE B 44 24.45 -31.37 -14.92
CA ILE B 44 24.66 -30.54 -16.11
C ILE B 44 25.95 -30.97 -16.80
N LEU B 45 25.87 -31.20 -18.12
CA LEU B 45 27.03 -31.39 -18.97
C LEU B 45 27.17 -30.16 -19.87
N THR B 46 28.28 -29.44 -19.73
CA THR B 46 28.52 -28.27 -20.55
C THR B 46 28.94 -28.67 -21.96
N PRO B 47 28.85 -27.77 -22.93
CA PRO B 47 29.32 -28.10 -24.29
C PRO B 47 30.80 -28.44 -24.34
N GLU B 48 31.65 -27.85 -23.48
CA GLU B 48 33.05 -28.24 -23.45
C GLU B 48 33.28 -29.59 -22.79
N GLY B 49 32.24 -30.25 -22.29
CA GLY B 49 32.35 -31.61 -21.78
C GLY B 49 32.54 -31.75 -20.30
N GLU B 50 32.35 -30.69 -19.52
CA GLU B 50 32.48 -30.76 -18.08
C GLU B 50 31.14 -31.07 -17.44
N ILE B 51 31.18 -31.88 -16.39
CA ILE B 51 30.03 -32.13 -15.53
C ILE B 51 30.18 -31.23 -14.31
N PHE B 52 29.21 -30.35 -14.09
CA PHE B 52 29.28 -29.46 -12.95
C PHE B 52 29.27 -30.26 -11.66
N LYS B 53 30.09 -29.83 -10.70
CA LYS B 53 30.13 -30.51 -9.41
C LYS B 53 28.76 -30.51 -8.74
N GLU B 54 28.12 -29.35 -8.67
CA GLU B 54 26.83 -29.28 -7.99
C GLU B 54 25.73 -29.76 -8.92
N PRO B 55 24.90 -30.71 -8.49
CA PRO B 55 23.78 -31.13 -9.33
C PRO B 55 22.88 -29.94 -9.63
N TYR B 56 22.21 -30.01 -10.77
CA TYR B 56 21.20 -29.00 -11.08
C TYR B 56 19.99 -29.18 -10.19
N LEU B 57 19.66 -30.43 -9.87
CA LEU B 57 18.51 -30.75 -9.05
C LEU B 57 18.88 -31.97 -8.21
N ASP B 58 18.74 -31.85 -6.90
CA ASP B 58 19.00 -32.95 -5.97
C ASP B 58 17.75 -33.19 -5.16
N ILE B 59 17.01 -34.26 -5.49
CA ILE B 59 15.80 -34.62 -4.75
C ILE B 59 15.84 -36.08 -4.35
N HIS B 60 17.04 -36.61 -4.08
CA HIS B 60 17.17 -38.04 -3.80
C HIS B 60 16.50 -38.44 -2.48
N LYS B 61 16.34 -37.51 -1.54
CA LYS B 61 15.62 -37.81 -0.32
C LYS B 61 14.12 -37.96 -0.58
N LEU B 62 13.56 -37.12 -1.45
CA LEU B 62 12.14 -37.22 -1.80
C LEU B 62 11.85 -38.45 -2.64
N VAL B 63 12.82 -38.90 -3.44
CA VAL B 63 12.61 -39.92 -4.46
C VAL B 63 12.77 -41.30 -3.85
N GLN B 64 11.79 -42.17 -4.11
CA GLN B 64 11.90 -43.58 -3.78
C GLN B 64 12.40 -44.34 -5.01
N SER B 65 13.63 -44.85 -4.94
CA SER B 65 14.23 -45.60 -6.02
C SER B 65 14.46 -47.04 -5.57
N GLY B 66 14.55 -47.93 -6.55
CA GLY B 66 14.60 -49.36 -6.30
C GLY B 66 16.02 -49.88 -6.43
N ILE B 67 16.30 -50.96 -5.71
CA ILE B 67 17.65 -51.55 -5.76
C ILE B 67 17.75 -52.51 -6.94
N LYS B 68 16.85 -53.49 -7.00
CA LYS B 68 16.93 -54.52 -8.04
C LYS B 68 16.80 -53.90 -9.44
N GLY B 69 17.46 -54.53 -10.40
CA GLY B 69 17.30 -54.16 -11.79
C GLY B 69 15.93 -54.59 -12.29
N GLY B 70 15.14 -53.65 -12.79
CA GLY B 70 13.75 -53.88 -13.13
C GLY B 70 12.78 -53.25 -12.18
N ASP B 71 13.24 -52.68 -11.08
CA ASP B 71 12.41 -51.85 -10.20
C ASP B 71 12.38 -50.46 -10.80
N GLU B 72 11.23 -50.05 -11.30
CA GLU B 72 11.13 -48.83 -12.11
C GLU B 72 10.98 -47.56 -11.27
N ARG B 73 10.90 -47.70 -9.95
CA ARG B 73 10.76 -46.52 -9.10
C ARG B 73 12.00 -45.65 -9.20
N GLY B 74 11.81 -44.35 -9.15
CA GLY B 74 12.91 -43.40 -9.16
C GLY B 74 12.51 -42.12 -9.86
N LEU B 75 13.51 -41.40 -10.35
CA LEU B 75 13.26 -40.21 -11.16
C LEU B 75 12.98 -40.65 -12.60
N LEU B 76 11.81 -40.25 -13.11
CA LEU B 76 11.29 -40.78 -14.38
C LEU B 76 11.55 -39.87 -15.58
N SER B 77 11.27 -38.58 -15.47
CA SER B 77 11.30 -37.70 -16.64
C SER B 77 11.50 -36.27 -16.19
N LEU B 78 11.87 -35.43 -17.16
CA LEU B 78 12.04 -33.99 -16.97
C LEU B 78 11.64 -33.30 -18.26
N ALA B 79 10.94 -32.19 -18.14
CA ALA B 79 10.56 -31.37 -19.28
C ALA B 79 10.71 -29.91 -18.92
N PHE B 80 11.38 -29.15 -19.79
CA PHE B 80 11.54 -27.73 -19.57
C PHE B 80 10.40 -26.99 -20.26
N HIS B 81 9.91 -25.96 -19.60
CA HIS B 81 8.87 -25.15 -20.21
C HIS B 81 9.39 -24.60 -21.55
N PRO B 82 8.54 -24.54 -22.57
CA PRO B 82 8.99 -24.02 -23.87
C PRO B 82 9.61 -22.64 -23.76
N ASN B 83 9.26 -21.90 -22.70
CA ASN B 83 9.79 -20.56 -22.46
C ASN B 83 10.74 -20.53 -21.25
N TYR B 84 11.50 -21.61 -21.04
CA TYR B 84 12.36 -21.68 -19.86
C TYR B 84 13.39 -20.55 -19.86
N LYS B 85 13.82 -20.10 -21.04
CA LYS B 85 14.84 -19.05 -21.07
C LYS B 85 14.37 -17.78 -20.37
N LYS B 86 13.05 -17.56 -20.32
CA LYS B 86 12.51 -16.34 -19.71
C LYS B 86 11.87 -16.56 -18.35
N ASN B 87 11.29 -17.74 -18.08
CA ASN B 87 10.60 -17.97 -16.82
C ASN B 87 11.22 -19.06 -15.96
N GLY B 88 12.21 -19.79 -16.46
CA GLY B 88 12.90 -20.78 -15.65
C GLY B 88 12.04 -21.90 -15.12
N LYS B 89 10.97 -22.27 -15.83
CA LYS B 89 10.06 -23.30 -15.36
C LYS B 89 10.46 -24.67 -15.91
N LEU B 90 10.44 -25.68 -15.03
CA LEU B 90 10.74 -27.06 -15.41
C LEU B 90 9.79 -27.98 -14.67
N TYR B 91 9.61 -29.18 -15.24
CA TYR B 91 8.67 -30.17 -14.71
C TYR B 91 9.35 -31.52 -14.56
N VAL B 92 8.99 -32.22 -13.50
CA VAL B 92 9.67 -33.46 -13.09
C VAL B 92 8.62 -34.46 -12.65
N SER B 93 8.81 -35.72 -13.02
CA SER B 93 7.97 -36.80 -12.54
C SER B 93 8.85 -37.82 -11.82
N TYR B 94 8.53 -38.12 -10.56
CA TYR B 94 9.27 -39.09 -9.78
C TYR B 94 8.31 -39.90 -8.90
N THR B 95 8.83 -41.00 -8.36
CA THR B 95 8.09 -41.85 -7.44
C THR B 95 8.50 -41.58 -6.00
N THR B 96 7.52 -41.52 -5.11
CA THR B 96 7.78 -41.36 -3.68
C THR B 96 6.71 -42.13 -2.92
N ASN B 97 6.82 -42.15 -1.60
CA ASN B 97 5.89 -42.91 -0.78
C ASN B 97 5.27 -42.01 0.28
N GLN B 98 4.02 -42.35 0.62
CA GLN B 98 3.16 -41.57 1.50
C GLN B 98 3.37 -41.87 2.99
N HIS B 106 -1.51 -49.20 -1.59
CA HIS B 106 -0.98 -47.84 -1.50
C HIS B 106 0.54 -47.82 -1.63
N ASP B 107 1.09 -48.71 -2.47
CA ASP B 107 2.53 -48.98 -2.49
C ASP B 107 3.34 -47.69 -2.55
N HIS B 108 3.15 -46.90 -3.61
CA HIS B 108 3.87 -45.65 -3.75
C HIS B 108 3.04 -44.72 -4.63
N ILE B 109 3.53 -43.50 -4.82
CA ILE B 109 2.78 -42.45 -5.51
C ILE B 109 3.67 -41.77 -6.53
N LEU B 110 3.20 -41.69 -7.77
CA LEU B 110 3.93 -41.07 -8.86
C LEU B 110 3.55 -39.59 -8.93
N ARG B 111 4.52 -38.72 -8.65
CA ARG B 111 4.29 -37.28 -8.61
C ARG B 111 4.70 -36.65 -9.93
N VAL B 112 4.01 -35.58 -10.30
CA VAL B 112 4.45 -34.67 -11.35
C VAL B 112 4.51 -33.28 -10.73
N VAL B 113 5.70 -32.72 -10.64
CA VAL B 113 5.97 -31.51 -9.90
C VAL B 113 6.59 -30.46 -10.81
N GLU B 114 6.29 -29.20 -10.53
CA GLU B 114 6.92 -28.07 -11.20
C GLU B 114 7.99 -27.47 -10.30
N TYR B 115 9.14 -27.17 -10.88
CA TYR B 115 10.21 -26.48 -10.18
C TYR B 115 10.60 -25.23 -10.95
N THR B 116 11.35 -24.35 -10.29
CA THR B 116 11.82 -23.11 -10.88
C THR B 116 13.29 -22.93 -10.57
N VAL B 117 14.06 -22.56 -11.59
CA VAL B 117 15.49 -22.38 -11.43
C VAL B 117 15.75 -21.25 -10.43
N SER B 118 16.80 -21.41 -9.65
CA SER B 118 17.22 -20.37 -8.71
C SER B 118 17.44 -19.05 -9.44
N ARG B 119 16.85 -17.99 -8.91
CA ARG B 119 17.10 -16.66 -9.47
C ARG B 119 18.53 -16.20 -9.20
N LYS B 120 19.22 -16.85 -8.28
CA LYS B 120 20.59 -16.52 -7.92
C LYS B 120 21.63 -17.28 -8.77
N ASN B 121 21.31 -18.49 -9.19
CA ASN B 121 22.25 -19.37 -9.89
C ASN B 121 21.54 -20.08 -11.04
N PRO B 122 21.88 -19.78 -12.29
CA PRO B 122 21.18 -20.43 -13.42
C PRO B 122 21.48 -21.91 -13.58
N HIS B 123 22.37 -22.48 -12.76
CA HIS B 123 22.77 -23.88 -12.89
C HIS B 123 22.28 -24.75 -11.73
N GLN B 124 21.43 -24.25 -10.84
CA GLN B 124 20.78 -25.11 -9.85
C GLN B 124 19.36 -24.62 -9.57
N VAL B 125 18.49 -25.56 -9.24
CA VAL B 125 17.06 -25.32 -9.04
C VAL B 125 16.82 -24.88 -7.60
N ASP B 126 15.99 -23.86 -7.44
CA ASP B 126 15.54 -23.45 -6.12
C ASP B 126 14.55 -24.49 -5.61
N LEU B 127 14.97 -25.30 -4.63
CA LEU B 127 14.15 -26.41 -4.18
C LEU B 127 12.88 -25.95 -3.49
N ARG B 128 12.85 -24.71 -3.00
CA ARG B 128 11.68 -24.18 -2.32
C ARG B 128 10.50 -23.95 -3.25
N THR B 129 10.72 -23.97 -4.56
CA THR B 129 9.69 -23.63 -5.53
C THR B 129 8.89 -24.84 -6.01
N ALA B 130 8.87 -25.93 -5.26
CA ALA B 130 8.15 -27.12 -5.69
C ALA B 130 6.64 -26.88 -5.65
N ARG B 131 5.96 -27.31 -6.70
CA ARG B 131 4.50 -27.28 -6.78
C ARG B 131 4.01 -28.62 -7.31
N VAL B 132 3.27 -29.35 -6.49
CA VAL B 132 2.72 -30.62 -6.94
C VAL B 132 1.56 -30.36 -7.89
N PHE B 133 1.65 -30.94 -9.09
CA PHE B 133 0.60 -30.86 -10.11
C PHE B 133 -0.31 -32.07 -10.08
N LEU B 134 0.27 -33.27 -10.14
CA LEU B 134 -0.46 -34.52 -10.17
C LEU B 134 0.13 -35.47 -9.15
N GLU B 135 -0.74 -36.28 -8.54
CA GLU B 135 -0.31 -37.36 -7.66
C GLU B 135 -1.08 -38.61 -8.09
N VAL B 136 -0.38 -39.52 -8.74
CA VAL B 136 -0.98 -40.74 -9.26
C VAL B 136 -0.69 -41.85 -8.27
N ALA B 137 -1.73 -42.36 -7.62
CA ALA B 137 -1.56 -43.52 -6.75
C ALA B 137 -1.11 -44.73 -7.56
N GLU B 138 -0.08 -45.40 -7.08
CA GLU B 138 0.42 -46.60 -7.73
C GLU B 138 0.35 -47.78 -6.78
N LEU B 139 0.13 -48.97 -7.34
CA LEU B 139 0.05 -50.20 -6.58
C LEU B 139 1.21 -51.14 -6.80
N HIS B 140 1.93 -51.00 -7.92
CA HIS B 140 3.07 -51.87 -8.23
C HIS B 140 4.24 -51.03 -8.70
N ARG B 141 5.33 -51.70 -9.06
CA ARG B 141 6.60 -51.05 -9.34
C ARG B 141 7.06 -51.23 -10.79
N LYS B 142 6.21 -51.72 -11.68
CA LYS B 142 6.51 -51.82 -13.10
C LYS B 142 5.42 -51.12 -13.89
N HIS B 143 5.65 -51.00 -15.20
CA HIS B 143 4.67 -50.41 -16.12
C HIS B 143 4.26 -49.01 -15.67
N LEU B 144 5.25 -48.19 -15.28
CA LEU B 144 4.93 -46.92 -14.66
C LEU B 144 4.90 -45.75 -15.64
N GLY B 145 5.52 -45.87 -16.81
CA GLY B 145 5.54 -44.69 -17.66
C GLY B 145 6.14 -43.51 -16.93
N GLY B 146 5.74 -42.31 -17.34
CA GLY B 146 6.15 -41.13 -16.61
C GLY B 146 6.79 -40.08 -17.48
N GLN B 147 6.65 -40.21 -18.80
CA GLN B 147 7.35 -39.32 -19.70
C GLN B 147 6.62 -37.99 -19.78
N LEU B 148 7.40 -36.91 -19.75
CA LEU B 148 6.89 -35.55 -19.85
C LEU B 148 7.39 -34.93 -21.14
N LEU B 149 6.52 -34.18 -21.82
CA LEU B 149 6.94 -33.51 -23.03
C LEU B 149 5.96 -32.39 -23.34
N PHE B 150 6.45 -31.36 -24.02
CA PHE B 150 5.62 -30.26 -24.48
C PHE B 150 5.42 -30.39 -25.98
N GLY B 151 4.17 -30.30 -26.42
CA GLY B 151 3.88 -30.32 -27.83
C GLY B 151 3.95 -28.93 -28.42
N PRO B 152 4.01 -28.82 -29.75
CA PRO B 152 4.01 -27.49 -30.38
C PRO B 152 2.77 -26.67 -30.09
N ASP B 153 1.73 -27.26 -29.48
CA ASP B 153 0.61 -26.50 -28.96
C ASP B 153 0.94 -25.77 -27.66
N GLY B 154 2.09 -26.07 -27.05
CA GLY B 154 2.47 -25.49 -25.78
C GLY B 154 1.96 -26.23 -24.56
N PHE B 155 1.35 -27.40 -24.74
CA PHE B 155 0.73 -28.14 -23.66
C PHE B 155 1.68 -29.22 -23.14
N LEU B 156 1.47 -29.61 -21.88
CA LEU B 156 2.28 -30.61 -21.22
C LEU B 156 1.62 -31.98 -21.38
N TYR B 157 2.32 -32.91 -22.01
CA TYR B 157 1.86 -34.27 -22.18
C TYR B 157 2.51 -35.16 -21.14
N ILE B 158 1.72 -36.03 -20.53
CA ILE B 158 2.20 -36.98 -19.53
C ILE B 158 1.78 -38.37 -19.99
N ILE B 159 2.74 -39.27 -20.09
CA ILE B 159 2.51 -40.62 -20.61
C ILE B 159 2.72 -41.60 -19.46
N LEU B 160 1.62 -42.20 -19.00
CA LEU B 160 1.62 -43.09 -17.85
C LEU B 160 1.28 -44.50 -18.28
N GLY B 161 1.97 -45.47 -17.69
CA GLY B 161 1.65 -46.86 -17.89
C GLY B 161 0.46 -47.25 -17.05
N ASP B 162 0.22 -48.55 -16.95
CA ASP B 162 -0.97 -49.00 -16.23
C ASP B 162 -0.63 -49.51 -14.84
N GLY B 163 0.64 -49.68 -14.52
CA GLY B 163 1.05 -50.11 -13.19
C GLY B 163 0.61 -51.50 -12.84
N MET B 164 0.31 -52.33 -13.85
CA MET B 164 -0.22 -53.67 -13.67
C MET B 164 -1.40 -53.70 -12.70
N ILE B 165 -2.40 -52.86 -12.96
CA ILE B 165 -3.62 -52.82 -12.16
C ILE B 165 -4.78 -53.25 -13.05
N THR B 166 -5.67 -54.10 -12.51
CA THR B 166 -6.76 -54.69 -13.26
C THR B 166 -7.91 -55.02 -12.30
N LEU B 167 -7.82 -56.18 -11.66
CA LEU B 167 -8.85 -56.57 -10.71
C LEU B 167 -8.90 -55.63 -9.51
N ASP B 168 -7.75 -55.07 -9.13
CA ASP B 168 -7.70 -54.08 -8.06
C ASP B 168 -8.35 -52.76 -8.47
N ASP B 169 -8.42 -52.48 -9.77
CA ASP B 169 -9.08 -51.25 -10.24
C ASP B 169 -10.54 -51.20 -9.78
N MET B 170 -11.22 -52.35 -9.74
CA MET B 170 -12.61 -52.35 -9.27
C MET B 170 -12.69 -51.84 -7.84
N GLU B 171 -11.60 -51.97 -7.09
CA GLU B 171 -11.46 -51.53 -5.69
C GLU B 171 -12.20 -52.49 -4.75
N SER B 177 -5.59 -42.21 -8.87
CA SER B 177 -6.36 -43.20 -9.62
C SER B 177 -6.89 -42.61 -10.92
N ASP B 178 -7.25 -43.49 -11.86
CA ASP B 178 -7.92 -43.23 -13.13
C ASP B 178 -6.98 -42.62 -14.15
N PHE B 179 -5.73 -42.31 -13.80
CA PHE B 179 -4.79 -41.72 -14.73
C PHE B 179 -3.84 -42.75 -15.34
N THR B 180 -3.72 -43.93 -14.73
CA THR B 180 -2.80 -44.94 -15.23
C THR B 180 -3.21 -45.40 -16.62
N GLY B 181 -2.22 -45.66 -17.46
CA GLY B 181 -2.47 -46.14 -18.80
C GLY B 181 -3.05 -45.11 -19.74
N SER B 182 -2.91 -43.83 -19.43
CA SER B 182 -3.45 -42.77 -20.27
C SER B 182 -2.36 -41.76 -20.58
N VAL B 183 -2.60 -40.96 -21.62
CA VAL B 183 -1.76 -39.79 -21.91
C VAL B 183 -2.54 -38.57 -21.44
N LEU B 184 -1.99 -37.88 -20.45
CA LEU B 184 -2.62 -36.68 -19.94
C LEU B 184 -2.11 -35.48 -20.72
N ARG B 185 -2.97 -34.49 -20.89
CA ARG B 185 -2.56 -33.23 -21.51
C ARG B 185 -3.06 -32.08 -20.66
N LEU B 186 -2.13 -31.41 -19.98
CA LEU B 186 -2.45 -30.29 -19.12
C LEU B 186 -1.98 -29.00 -19.77
N ASP B 187 -2.66 -27.90 -19.43
CA ASP B 187 -2.22 -26.55 -19.79
C ASP B 187 -1.60 -25.93 -18.54
N VAL B 188 -0.27 -25.80 -18.53
CA VAL B 188 0.42 -25.24 -17.38
C VAL B 188 0.41 -23.72 -17.37
N ASP B 189 -0.06 -23.09 -18.45
CA ASP B 189 -0.08 -21.63 -18.59
C ASP B 189 -1.43 -21.08 -18.13
N THR B 190 -1.65 -21.09 -16.82
CA THR B 190 -2.91 -20.65 -16.25
C THR B 190 -2.65 -19.50 -15.30
N ASP B 191 -3.71 -18.70 -15.08
CA ASP B 191 -3.66 -17.59 -14.12
C ASP B 191 -4.39 -17.91 -12.83
N MET B 192 -5.16 -18.99 -12.79
CA MET B 192 -5.92 -19.33 -11.60
C MET B 192 -4.97 -19.82 -10.51
N CYS B 193 -4.92 -19.08 -9.41
CA CYS B 193 -4.03 -19.43 -8.31
C CYS B 193 -4.58 -20.57 -7.46
N ASN B 194 -5.81 -21.02 -7.75
CA ASN B 194 -6.37 -22.17 -7.07
C ASN B 194 -5.75 -23.47 -7.58
N VAL B 195 -5.94 -23.75 -8.86
CA VAL B 195 -5.53 -25.00 -9.50
C VAL B 195 -4.15 -24.81 -10.13
N PRO B 196 -3.26 -25.81 -10.06
CA PRO B 196 -1.95 -25.67 -10.69
C PRO B 196 -1.98 -25.76 -12.21
N TYR B 197 -2.98 -26.42 -12.78
CA TYR B 197 -3.09 -26.57 -14.22
C TYR B 197 -4.56 -26.44 -14.60
N SER B 198 -4.80 -25.95 -15.82
CA SER B 198 -6.13 -25.93 -16.39
C SER B 198 -6.18 -26.88 -17.59
N ILE B 199 -7.38 -27.37 -17.88
CA ILE B 199 -7.58 -28.34 -18.97
C ILE B 199 -7.80 -27.59 -20.28
N PRO B 200 -7.05 -27.91 -21.32
CA PRO B 200 -7.28 -27.26 -22.62
C PRO B 200 -8.63 -27.63 -23.19
N ARG B 201 -9.24 -26.66 -23.89
CA ARG B 201 -10.57 -26.87 -24.46
C ARG B 201 -10.58 -28.03 -25.45
N SER B 202 -9.44 -28.30 -26.10
CA SER B 202 -9.35 -29.33 -27.12
C SER B 202 -9.38 -30.74 -26.55
N ASN B 203 -9.17 -30.90 -25.24
CA ASN B 203 -9.13 -32.22 -24.64
C ASN B 203 -10.43 -32.97 -24.90
N PRO B 204 -10.37 -34.29 -25.08
CA PRO B 204 -11.58 -35.03 -25.50
C PRO B 204 -12.63 -35.16 -24.42
N HIS B 205 -12.32 -34.82 -23.17
CA HIS B 205 -13.27 -34.97 -22.09
C HIS B 205 -13.40 -33.68 -21.27
N PHE B 206 -13.07 -32.55 -21.88
CA PHE B 206 -13.21 -31.25 -21.22
C PHE B 206 -14.66 -31.00 -20.84
N ASN B 207 -14.90 -30.72 -19.56
CA ASN B 207 -16.22 -30.39 -19.02
C ASN B 207 -17.24 -31.50 -19.24
N SER B 208 -16.79 -32.73 -19.52
CA SER B 208 -17.73 -33.84 -19.65
C SER B 208 -18.26 -34.29 -18.30
N THR B 209 -17.46 -34.18 -17.24
CA THR B 209 -17.78 -34.59 -15.88
C THR B 209 -18.03 -36.09 -15.74
N ASN B 210 -17.66 -36.89 -16.75
CA ASN B 210 -17.79 -38.34 -16.68
C ASN B 210 -16.44 -39.06 -16.74
N GLN B 211 -15.54 -38.61 -17.59
CA GLN B 211 -14.14 -39.03 -17.62
C GLN B 211 -13.25 -37.88 -17.20
N PRO B 212 -12.03 -38.15 -16.74
CA PRO B 212 -11.17 -37.06 -16.28
C PRO B 212 -10.84 -36.13 -17.44
N PRO B 213 -10.97 -34.82 -17.24
CA PRO B 213 -10.70 -33.89 -18.34
C PRO B 213 -9.25 -33.92 -18.80
N GLU B 214 -8.33 -34.26 -17.91
CA GLU B 214 -6.92 -34.29 -18.26
C GLU B 214 -6.59 -35.40 -19.24
N VAL B 215 -7.42 -36.44 -19.31
CA VAL B 215 -7.10 -37.61 -20.14
C VAL B 215 -7.28 -37.24 -21.60
N PHE B 216 -6.22 -37.40 -22.38
CA PHE B 216 -6.20 -37.12 -23.80
C PHE B 216 -6.37 -38.36 -24.66
N ALA B 217 -5.91 -39.51 -24.16
CA ALA B 217 -6.02 -40.81 -24.82
C ALA B 217 -5.54 -41.86 -23.83
N HIS B 218 -6.12 -43.05 -23.91
CA HIS B 218 -5.85 -44.10 -22.93
C HIS B 218 -5.60 -45.43 -23.63
N GLY B 219 -5.39 -46.47 -22.83
CA GLY B 219 -5.13 -47.80 -23.32
C GLY B 219 -3.68 -48.26 -23.33
N LEU B 220 -2.77 -47.52 -22.69
CA LEU B 220 -1.37 -47.93 -22.62
C LEU B 220 -1.11 -48.93 -21.50
N HIS B 221 -0.17 -49.85 -21.77
CA HIS B 221 0.41 -50.73 -20.77
C HIS B 221 1.92 -50.72 -20.99
N ASP B 222 2.70 -50.33 -20.00
CA ASP B 222 4.15 -50.43 -20.07
C ASP B 222 4.73 -49.78 -21.33
N PRO B 223 4.52 -48.49 -21.54
CA PRO B 223 5.09 -47.85 -22.73
C PRO B 223 6.53 -47.46 -22.50
N GLY B 224 7.34 -47.61 -23.55
CA GLY B 224 8.72 -47.14 -23.54
C GLY B 224 8.78 -45.64 -23.77
N ARG B 225 10.00 -45.15 -23.99
CA ARG B 225 10.15 -43.75 -24.34
C ARG B 225 9.55 -43.53 -25.72
N CYS B 226 8.65 -42.56 -25.81
CA CYS B 226 7.90 -42.34 -27.04
C CYS B 226 8.61 -41.34 -27.94
N ALA B 227 8.62 -41.64 -29.24
CA ALA B 227 9.19 -40.72 -30.22
C ALA B 227 8.22 -39.58 -30.47
N VAL B 228 8.77 -38.37 -30.57
CA VAL B 228 7.97 -37.15 -30.69
C VAL B 228 8.39 -36.45 -31.97
N ASP B 229 7.58 -36.59 -33.02
CA ASP B 229 7.81 -35.83 -34.24
C ASP B 229 7.09 -34.49 -34.12
N ARG B 230 7.79 -33.43 -34.51
CA ARG B 230 7.21 -32.10 -34.45
C ARG B 230 7.03 -31.47 -35.83
N HIS B 231 7.55 -32.11 -36.88
CA HIS B 231 7.45 -31.61 -38.25
C HIS B 231 7.91 -30.17 -38.42
N ILE B 235 3.33 -29.12 -40.23
CA ILE B 235 2.40 -28.14 -40.77
C ILE B 235 1.08 -28.83 -41.12
N ASN B 236 1.14 -29.78 -42.05
CA ASN B 236 -0.03 -30.59 -42.38
C ASN B 236 -0.51 -31.40 -41.18
N ILE B 237 0.37 -31.65 -40.22
CA ILE B 237 0.03 -32.34 -38.98
C ILE B 237 0.80 -31.66 -37.85
N ASN B 238 0.14 -31.50 -36.70
CA ASN B 238 0.73 -30.69 -35.63
C ASN B 238 1.80 -31.46 -34.86
N LEU B 239 1.48 -32.68 -34.43
CA LEU B 239 2.31 -33.41 -33.50
C LEU B 239 2.06 -34.91 -33.69
N THR B 240 3.12 -35.69 -33.59
CA THR B 240 3.05 -37.13 -33.73
C THR B 240 3.83 -37.76 -32.58
N ILE B 241 3.18 -38.69 -31.89
CA ILE B 241 3.80 -39.41 -30.78
C ILE B 241 3.68 -40.89 -31.10
N LEU B 242 4.81 -41.55 -31.28
CA LEU B 242 4.87 -42.99 -31.47
C LEU B 242 5.43 -43.62 -30.20
N CYS B 243 4.76 -44.64 -29.70
CA CYS B 243 5.22 -45.33 -28.51
C CYS B 243 5.41 -46.80 -28.82
N SER B 244 6.50 -47.36 -28.31
CA SER B 244 6.63 -48.80 -28.26
C SER B 244 5.91 -49.31 -27.03
N ASP B 245 5.48 -50.56 -27.08
CA ASP B 245 4.67 -51.09 -26.00
C ASP B 245 4.79 -52.61 -25.99
N SER B 246 4.86 -53.18 -24.79
CA SER B 246 5.03 -54.62 -24.61
C SER B 246 4.18 -55.08 -23.44
N ASN B 247 2.88 -55.26 -23.69
CA ASN B 247 2.03 -55.82 -22.64
C ASN B 247 2.44 -57.25 -22.32
N GLY B 248 2.59 -58.07 -23.35
CA GLY B 248 3.05 -59.44 -23.17
C GLY B 248 3.95 -59.84 -24.33
N LYS B 249 4.87 -60.74 -24.03
CA LYS B 249 5.80 -61.24 -25.03
C LYS B 249 5.22 -62.44 -25.79
N ALA B 254 6.04 -57.22 -29.31
CA ALA B 254 6.02 -55.77 -29.12
C ALA B 254 5.16 -55.09 -30.17
N ARG B 255 4.48 -54.02 -29.77
CA ARG B 255 3.55 -53.29 -30.62
C ARG B 255 3.84 -51.80 -30.50
N ILE B 256 3.50 -51.05 -31.56
CA ILE B 256 3.76 -49.61 -31.61
C ILE B 256 2.46 -48.85 -31.86
N LEU B 257 2.31 -47.69 -31.19
CA LEU B 257 1.07 -46.91 -31.19
C LEU B 257 1.33 -45.47 -31.61
N GLN B 258 0.46 -44.92 -32.45
CA GLN B 258 0.53 -43.53 -32.88
C GLN B 258 -0.59 -42.67 -32.29
N ILE B 259 -0.22 -41.50 -31.76
CA ILE B 259 -1.15 -40.40 -31.50
C ILE B 259 -0.83 -39.29 -32.50
N ILE B 260 -1.85 -38.71 -33.12
CA ILE B 260 -1.63 -37.69 -34.17
C ILE B 260 -2.34 -36.39 -33.78
N LYS B 261 -1.70 -35.28 -34.11
CA LYS B 261 -2.17 -33.91 -33.83
C LYS B 261 -2.71 -33.75 -32.41
N GLU B 273 -2.38 -51.02 -33.22
CA GLU B 273 -1.31 -51.92 -33.59
C GLU B 273 -0.72 -51.39 -34.86
N PHE B 274 0.59 -51.21 -34.93
CA PHE B 274 1.16 -50.65 -36.15
C PHE B 274 2.21 -51.54 -36.78
N LYS B 275 2.56 -52.67 -36.16
CA LYS B 275 3.58 -53.48 -36.81
C LYS B 275 3.70 -54.89 -36.27
N PRO B 276 3.94 -55.89 -37.14
CA PRO B 276 4.11 -57.26 -36.66
C PRO B 276 5.56 -57.70 -36.48
N PHE B 277 6.42 -56.86 -35.90
CA PHE B 277 7.80 -57.30 -35.66
C PHE B 277 7.87 -58.15 -34.39
N SER B 278 8.93 -58.96 -34.30
CA SER B 278 9.03 -59.99 -33.28
C SER B 278 10.43 -60.03 -32.68
N ASN B 279 10.55 -60.78 -31.59
CA ASN B 279 11.82 -61.06 -30.90
C ASN B 279 12.49 -59.79 -30.38
N GLY B 280 11.70 -58.83 -29.89
CA GLY B 280 12.30 -57.67 -29.28
C GLY B 280 11.59 -57.10 -28.07
N PRO B 281 12.36 -56.51 -27.13
CA PRO B 281 11.76 -55.63 -26.12
C PRO B 281 12.33 -54.22 -26.22
N LEU B 282 11.56 -53.27 -26.75
CA LEU B 282 12.11 -51.96 -27.09
C LEU B 282 12.21 -51.02 -25.88
N VAL B 283 13.38 -50.40 -25.73
CA VAL B 283 13.54 -49.37 -24.69
C VAL B 283 12.73 -48.14 -25.05
N GLY B 284 12.75 -47.74 -26.32
CA GLY B 284 12.03 -46.56 -26.74
C GLY B 284 12.54 -46.09 -28.09
N GLY B 285 12.20 -44.85 -28.41
CA GLY B 285 12.58 -44.34 -29.72
C GLY B 285 12.67 -42.82 -29.74
N PHE B 286 13.14 -42.32 -30.88
CA PHE B 286 13.24 -40.90 -31.09
C PHE B 286 13.11 -40.61 -32.59
N VAL B 287 12.82 -39.35 -32.90
CA VAL B 287 12.83 -38.85 -34.27
C VAL B 287 14.06 -37.96 -34.40
N TYR B 288 15.03 -38.39 -35.20
CA TYR B 288 16.28 -37.64 -35.34
C TYR B 288 16.03 -36.36 -36.10
N ARG B 289 16.25 -35.23 -35.44
CA ARG B 289 16.21 -33.93 -36.10
C ARG B 289 17.54 -33.21 -35.99
N GLY B 290 18.63 -33.94 -35.78
CA GLY B 290 19.94 -33.36 -35.68
C GLY B 290 20.50 -32.90 -37.01
N CYS B 291 21.75 -32.46 -36.97
CA CYS B 291 22.42 -31.88 -38.10
C CYS B 291 23.64 -32.66 -38.56
N GLN B 292 24.27 -33.43 -37.67
CA GLN B 292 25.50 -34.14 -38.03
C GLN B 292 25.22 -35.20 -39.09
N SER B 293 24.09 -35.90 -38.98
CA SER B 293 23.74 -36.95 -39.91
C SER B 293 22.73 -36.40 -40.92
N GLU B 294 23.13 -36.36 -42.19
CA GLU B 294 22.22 -35.90 -43.22
C GLU B 294 21.16 -36.96 -43.52
N ARG B 295 21.59 -38.22 -43.69
CA ARG B 295 20.67 -39.26 -44.13
C ARG B 295 19.67 -39.65 -43.07
N LEU B 296 20.02 -39.48 -41.78
CA LEU B 296 19.14 -39.90 -40.70
C LEU B 296 18.04 -38.88 -40.40
N TYR B 297 18.12 -37.68 -40.99
CA TYR B 297 17.16 -36.65 -40.67
C TYR B 297 15.74 -37.12 -40.96
N GLY B 298 14.84 -36.84 -40.01
CA GLY B 298 13.44 -37.21 -40.11
C GLY B 298 13.11 -38.65 -39.81
N SER B 299 14.11 -39.48 -39.50
CA SER B 299 13.86 -40.90 -39.30
C SER B 299 13.39 -41.16 -37.87
N TYR B 300 12.53 -42.16 -37.72
CA TYR B 300 12.17 -42.67 -36.41
C TYR B 300 13.11 -43.84 -36.10
N VAL B 301 13.84 -43.72 -34.99
CA VAL B 301 14.80 -44.74 -34.58
C VAL B 301 14.32 -45.35 -33.27
N PHE B 302 14.33 -46.67 -33.19
CA PHE B 302 14.02 -47.40 -31.97
C PHE B 302 15.13 -48.40 -31.68
N GLY B 303 15.31 -48.71 -30.40
CA GLY B 303 16.38 -49.61 -29.98
C GLY B 303 15.96 -50.38 -28.76
N ASP B 304 16.55 -51.56 -28.60
CA ASP B 304 16.22 -52.39 -27.46
C ASP B 304 17.29 -52.27 -26.38
N ARG B 305 17.10 -53.00 -25.29
CA ARG B 305 18.00 -52.95 -24.14
C ARG B 305 19.45 -53.18 -24.53
N ASN B 306 19.69 -53.92 -25.62
CA ASN B 306 21.03 -54.38 -25.95
C ASN B 306 21.64 -53.64 -27.13
N GLY B 307 21.03 -52.55 -27.58
CA GLY B 307 21.62 -51.74 -28.61
C GLY B 307 21.35 -52.18 -30.02
N ASN B 308 20.35 -53.04 -30.23
CA ASN B 308 19.88 -53.35 -31.58
C ASN B 308 18.93 -52.24 -32.00
N PHE B 309 19.34 -51.44 -32.99
CA PHE B 309 18.54 -50.30 -33.42
C PHE B 309 17.82 -50.61 -34.73
N LEU B 310 16.60 -50.12 -34.85
CA LEU B 310 15.83 -50.19 -36.08
C LEU B 310 15.33 -48.80 -36.46
N THR B 311 14.96 -48.64 -37.71
CA THR B 311 14.36 -47.40 -38.20
C THR B 311 12.97 -47.73 -38.74
N LEU B 312 12.02 -46.83 -38.49
CA LEU B 312 10.67 -46.95 -39.03
C LEU B 312 10.46 -45.94 -40.15
N GLN B 313 9.94 -46.41 -41.28
CA GLN B 313 9.68 -45.58 -42.44
C GLN B 313 8.23 -45.81 -42.86
N GLN B 314 7.45 -44.73 -42.91
CA GLN B 314 6.09 -44.79 -43.43
C GLN B 314 6.09 -44.55 -44.93
N SER B 315 5.30 -45.34 -45.66
CA SER B 315 5.08 -45.06 -47.05
C SER B 315 4.11 -43.89 -47.18
N PRO B 316 4.52 -42.76 -47.78
CA PRO B 316 3.53 -41.70 -48.02
C PRO B 316 2.38 -42.15 -48.89
N VAL B 317 2.61 -43.15 -49.75
CA VAL B 317 1.58 -43.63 -50.66
C VAL B 317 0.60 -44.56 -49.95
N THR B 318 1.11 -45.58 -49.25
CA THR B 318 0.26 -46.61 -48.68
C THR B 318 0.04 -46.43 -47.18
N LYS B 319 0.72 -45.47 -46.56
CA LYS B 319 0.61 -45.17 -45.14
C LYS B 319 0.93 -46.38 -44.26
N GLN B 320 1.59 -47.40 -44.79
CA GLN B 320 1.98 -48.56 -44.01
C GLN B 320 3.40 -48.36 -43.49
N TRP B 321 3.66 -48.83 -42.27
CA TRP B 321 4.95 -48.70 -41.61
C TRP B 321 5.85 -49.91 -41.89
N GLN B 322 7.16 -49.67 -42.00
CA GLN B 322 8.09 -50.77 -42.22
C GLN B 322 9.41 -50.55 -41.49
N GLU B 323 10.00 -51.67 -41.07
CA GLU B 323 11.24 -51.72 -40.30
C GLU B 323 12.43 -52.10 -41.18
N LYS B 324 13.52 -51.37 -40.99
CA LYS B 324 14.81 -51.71 -41.55
C LYS B 324 15.80 -51.58 -40.40
N PRO B 325 16.69 -52.54 -40.21
CA PRO B 325 17.66 -52.40 -39.13
C PRO B 325 18.62 -51.27 -39.44
N LEU B 326 19.12 -50.66 -38.38
CA LEU B 326 20.17 -49.66 -38.47
C LEU B 326 21.38 -50.29 -37.78
N CYS B 327 22.53 -50.26 -38.45
CA CYS B 327 23.68 -51.03 -37.97
C CYS B 327 24.75 -50.12 -37.38
N LEU B 328 25.58 -50.72 -36.55
CA LEU B 328 26.69 -50.05 -35.92
C LEU B 328 28.00 -50.69 -36.36
N GLY B 329 29.02 -49.87 -36.56
CA GLY B 329 30.33 -50.36 -36.95
C GLY B 329 31.38 -49.41 -36.44
N THR B 330 32.58 -49.94 -36.23
CA THR B 330 33.65 -49.12 -35.68
C THR B 330 34.32 -48.31 -36.78
N SER B 331 34.54 -47.03 -36.52
CA SER B 331 35.33 -46.14 -37.38
C SER B 331 36.21 -45.33 -36.45
N GLY B 332 37.43 -45.81 -36.23
CA GLY B 332 38.33 -45.11 -35.32
C GLY B 332 37.81 -45.07 -33.90
N SER B 333 37.73 -43.87 -33.33
CA SER B 333 37.36 -43.74 -31.93
C SER B 333 35.92 -44.14 -31.65
N CYS B 334 35.01 -43.88 -32.58
CA CYS B 334 33.61 -44.24 -32.36
C CYS B 334 33.41 -45.67 -32.85
N ARG B 335 32.84 -46.50 -31.98
CA ARG B 335 32.90 -47.94 -32.09
C ARG B 335 31.52 -48.48 -32.38
N GLY B 336 31.46 -49.71 -32.88
CA GLY B 336 30.19 -50.32 -33.19
C GLY B 336 29.63 -51.09 -32.02
N TYR B 337 29.94 -50.65 -30.80
CA TYR B 337 29.44 -51.27 -29.58
C TYR B 337 29.50 -50.24 -28.46
N PHE B 338 28.99 -50.63 -27.30
CA PHE B 338 28.99 -49.78 -26.11
C PHE B 338 28.82 -50.68 -24.89
N SER B 339 29.09 -50.12 -23.71
CA SER B 339 29.09 -50.90 -22.49
C SER B 339 27.68 -51.05 -21.90
N GLY B 340 27.41 -52.22 -21.33
CA GLY B 340 26.20 -52.40 -20.58
C GLY B 340 24.94 -52.38 -21.43
N HIS B 341 23.83 -51.99 -20.78
CA HIS B 341 22.52 -52.01 -21.38
C HIS B 341 21.99 -50.58 -21.49
N ILE B 342 21.15 -50.34 -22.51
CA ILE B 342 20.56 -49.02 -22.68
C ILE B 342 19.47 -48.81 -21.63
N LEU B 343 19.51 -47.65 -20.97
CA LEU B 343 18.47 -47.27 -20.02
C LEU B 343 17.58 -46.16 -20.52
N GLY B 344 18.08 -45.30 -21.41
CA GLY B 344 17.31 -44.17 -21.90
C GLY B 344 18.05 -43.51 -23.03
N PHE B 345 17.42 -42.49 -23.58
CA PHE B 345 17.96 -41.74 -24.71
C PHE B 345 18.17 -40.29 -24.32
N GLY B 346 18.93 -39.58 -25.15
CA GLY B 346 19.21 -38.18 -24.90
C GLY B 346 19.12 -37.38 -26.19
N GLU B 347 18.88 -36.09 -26.02
CA GLU B 347 18.88 -35.17 -27.16
C GLU B 347 19.43 -33.83 -26.68
N ASP B 348 20.44 -33.32 -27.40
CA ASP B 348 20.99 -32.02 -27.04
C ASP B 348 20.29 -30.91 -27.84
N GLU B 349 20.68 -29.66 -27.56
CA GLU B 349 19.96 -28.53 -28.15
C GLU B 349 20.17 -28.44 -29.66
N LEU B 350 21.23 -29.04 -30.18
CA LEU B 350 21.46 -29.07 -31.62
C LEU B 350 20.75 -30.23 -32.29
N GLY B 351 20.12 -31.11 -31.53
CA GLY B 351 19.35 -32.19 -32.10
C GLY B 351 20.05 -33.53 -32.17
N GLU B 352 21.32 -33.63 -31.76
CA GLU B 352 21.99 -34.91 -31.79
C GLU B 352 21.47 -35.80 -30.66
N VAL B 353 21.44 -37.10 -30.91
CA VAL B 353 20.79 -38.04 -29.99
C VAL B 353 21.84 -38.86 -29.26
N TYR B 354 21.46 -39.37 -28.10
CA TYR B 354 22.41 -40.02 -27.20
C TYR B 354 21.84 -41.34 -26.66
N ILE B 355 22.76 -42.16 -26.17
CA ILE B 355 22.47 -43.40 -25.47
C ILE B 355 22.96 -43.25 -24.03
N LEU B 356 22.15 -43.71 -23.09
CA LEU B 356 22.57 -43.76 -21.68
C LEU B 356 22.59 -45.21 -21.26
N SER B 357 23.73 -45.67 -20.77
CA SER B 357 23.91 -47.08 -20.52
C SER B 357 24.40 -47.32 -19.09
N SER B 358 24.11 -48.52 -18.60
CA SER B 358 24.55 -48.98 -17.29
C SER B 358 24.43 -50.49 -17.27
N SER B 359 25.02 -51.12 -16.27
CA SER B 359 24.83 -52.54 -16.05
C SER B 359 24.67 -52.76 -14.55
N LYS B 360 24.49 -54.01 -14.15
CA LYS B 360 24.59 -54.31 -12.73
C LYS B 360 26.02 -54.14 -12.25
N SER B 361 26.98 -54.31 -13.16
CA SER B 361 28.38 -54.08 -12.83
C SER B 361 28.70 -52.59 -12.81
N MET B 362 28.06 -51.81 -13.69
CA MET B 362 28.28 -50.37 -13.79
C MET B 362 27.54 -49.56 -12.73
N THR B 363 26.53 -50.15 -12.06
CA THR B 363 25.79 -49.45 -11.02
C THR B 363 26.55 -49.44 -9.69
N GLN B 364 26.93 -50.62 -9.18
CA GLN B 364 27.74 -50.68 -7.96
C GLN B 364 29.08 -49.99 -8.16
N THR B 365 29.70 -50.15 -9.33
CA THR B 365 30.93 -49.44 -9.64
C THR B 365 30.69 -47.95 -9.90
N HIS B 366 29.44 -47.50 -9.89
CA HIS B 366 29.08 -46.09 -10.08
C HIS B 366 29.59 -45.57 -11.43
N ASN B 367 29.38 -46.35 -12.50
CA ASN B 367 29.92 -46.00 -13.82
C ASN B 367 28.86 -46.18 -14.91
N GLY B 368 27.83 -45.34 -14.87
CA GLY B 368 26.96 -45.22 -16.01
C GLY B 368 27.59 -44.29 -17.02
N LYS B 369 27.16 -44.43 -18.27
CA LYS B 369 27.80 -43.73 -19.38
C LYS B 369 26.79 -43.05 -20.29
N LEU B 370 27.26 -41.96 -20.90
CA LEU B 370 26.54 -41.23 -21.92
C LEU B 370 27.27 -41.38 -23.23
N TYR B 371 26.58 -41.89 -24.25
CA TYR B 371 27.12 -42.16 -25.56
C TYR B 371 26.40 -41.33 -26.61
N LYS B 372 27.15 -40.78 -27.56
CA LYS B 372 26.59 -40.07 -28.69
C LYS B 372 26.54 -40.97 -29.92
N ILE B 373 25.45 -40.88 -30.66
CA ILE B 373 25.30 -41.57 -31.94
C ILE B 373 25.84 -40.65 -33.04
N VAL B 374 26.76 -41.18 -33.84
CA VAL B 374 27.47 -40.40 -34.86
C VAL B 374 27.25 -41.05 -36.22
N ASP B 375 27.22 -40.21 -37.27
CA ASP B 375 27.21 -40.69 -38.64
C ASP B 375 28.62 -40.57 -39.16
N PRO B 376 29.38 -41.66 -39.25
CA PRO B 376 30.81 -41.54 -39.60
C PRO B 376 31.04 -41.10 -41.04
N LYS B 377 30.00 -41.10 -41.87
CA LYS B 377 30.11 -40.57 -43.23
C LYS B 377 30.27 -39.05 -43.24
N ARG B 378 29.95 -38.37 -42.14
CA ARG B 378 29.95 -36.91 -42.08
C ARG B 378 30.95 -36.38 -41.06
N PRO B 379 31.43 -35.15 -41.26
CA PRO B 379 32.33 -34.55 -40.27
C PRO B 379 31.69 -34.49 -38.89
N LEU B 380 32.54 -34.38 -37.88
CA LEU B 380 32.04 -34.25 -36.51
C LEU B 380 31.34 -32.92 -36.30
N MET B 381 31.89 -31.84 -36.85
CA MET B 381 31.27 -30.51 -36.81
C MET B 381 31.19 -30.02 -38.24
N PRO B 382 30.21 -30.49 -39.02
CA PRO B 382 30.03 -29.93 -40.36
C PRO B 382 29.77 -28.44 -40.24
N GLU B 383 30.30 -27.68 -41.21
CA GLU B 383 30.23 -26.23 -41.13
C GLU B 383 28.81 -25.74 -40.85
N GLU B 384 27.82 -26.31 -41.52
CA GLU B 384 26.47 -25.80 -41.40
C GLU B 384 25.87 -26.05 -40.03
N CYS B 385 26.47 -26.93 -39.22
CA CYS B 385 25.91 -27.29 -37.92
C CYS B 385 26.46 -26.47 -36.77
N ARG B 386 27.34 -25.49 -37.03
CA ARG B 386 27.86 -24.69 -35.94
C ARG B 386 26.79 -23.76 -35.37
N ALA B 387 26.74 -23.68 -34.06
CA ALA B 387 25.89 -22.74 -33.34
C ALA B 387 26.70 -22.13 -32.22
N THR B 388 26.49 -20.85 -31.95
CA THR B 388 27.25 -20.15 -30.94
C THR B 388 26.56 -20.32 -29.59
N VAL B 389 27.33 -20.73 -28.58
CA VAL B 389 26.78 -20.90 -27.25
C VAL B 389 26.38 -19.55 -26.70
N GLN B 390 25.12 -19.45 -26.25
CA GLN B 390 24.66 -18.29 -25.50
C GLN B 390 24.60 -18.70 -24.04
N PRO B 391 25.65 -18.42 -23.26
CA PRO B 391 25.70 -18.92 -21.88
C PRO B 391 24.47 -18.49 -21.09
N ALA B 392 24.00 -19.39 -20.24
CA ALA B 392 22.75 -19.19 -19.54
C ALA B 392 22.83 -18.00 -18.60
N GLN B 393 21.76 -17.21 -18.59
CA GLN B 393 21.68 -16.01 -17.79
C GLN B 393 20.66 -16.21 -16.68
N THR B 394 20.82 -15.42 -15.62
CA THR B 394 19.85 -15.44 -14.54
C THR B 394 18.51 -14.92 -15.05
N LEU B 395 17.46 -15.21 -14.30
CA LEU B 395 16.12 -14.80 -14.69
C LEU B 395 16.02 -13.28 -14.77
N THR B 396 15.41 -12.80 -15.86
CA THR B 396 15.26 -11.38 -16.12
C THR B 396 13.81 -10.92 -16.07
N SER B 397 12.87 -11.84 -15.95
CA SER B 397 11.44 -11.52 -15.98
C SER B 397 11.04 -10.66 -14.79
N GLU B 398 10.02 -9.83 -15.02
CA GLU B 398 9.49 -8.98 -13.95
C GLU B 398 8.93 -9.79 -12.79
N CYS B 399 8.40 -11.00 -13.04
CA CYS B 399 7.77 -11.75 -11.97
C CYS B 399 8.79 -12.27 -10.96
N SER B 400 9.81 -13.00 -11.44
CA SER B 400 10.77 -13.59 -10.52
C SER B 400 11.50 -12.53 -9.70
N ARG B 401 11.62 -11.32 -10.25
CA ARG B 401 12.39 -10.26 -9.61
C ARG B 401 11.62 -9.60 -8.47
N LEU B 402 10.30 -9.45 -8.59
CA LEU B 402 9.51 -8.70 -7.62
C LEU B 402 8.56 -9.55 -6.80
N CYS B 403 8.19 -10.75 -7.26
CA CYS B 403 7.23 -11.61 -6.58
C CYS B 403 7.96 -12.46 -5.53
N ARG B 404 7.76 -12.16 -4.25
CA ARG B 404 8.52 -12.82 -3.20
C ARG B 404 7.69 -13.54 -2.15
N ASN B 405 6.44 -13.14 -1.92
CA ASN B 405 5.58 -13.81 -0.94
C ASN B 405 4.53 -14.67 -1.62
N GLY B 406 4.91 -15.34 -2.71
CA GLY B 406 4.02 -16.21 -3.43
C GLY B 406 4.77 -17.02 -4.48
N TYR B 407 4.10 -17.38 -5.58
CA TYR B 407 4.75 -18.09 -6.67
C TYR B 407 4.38 -17.44 -8.00
N CYS B 408 5.22 -17.68 -9.00
CA CYS B 408 5.03 -17.13 -10.34
C CYS B 408 4.47 -18.20 -11.25
N THR B 409 3.32 -17.92 -11.88
CA THR B 409 2.81 -18.82 -12.91
C THR B 409 3.65 -18.67 -14.18
N PRO B 410 3.74 -19.74 -14.99
CA PRO B 410 4.57 -19.67 -16.21
C PRO B 410 4.27 -18.48 -17.11
N THR B 411 3.07 -17.92 -16.97
CA THR B 411 2.71 -16.74 -17.74
C THR B 411 3.21 -15.47 -17.06
N GLY B 412 3.38 -15.47 -15.75
CA GLY B 412 3.91 -14.30 -15.06
C GLY B 412 3.05 -13.77 -13.93
N LYS B 413 1.87 -14.33 -13.74
CA LYS B 413 0.99 -13.87 -12.67
C LYS B 413 1.57 -14.27 -11.32
N CYS B 414 1.62 -13.32 -10.39
CA CYS B 414 2.17 -13.57 -9.06
C CYS B 414 1.01 -13.97 -8.16
N CYS B 415 1.02 -15.22 -7.70
CA CYS B 415 -0.05 -15.76 -6.88
C CYS B 415 0.38 -15.70 -5.41
N CYS B 416 -0.34 -14.91 -4.62
CA CYS B 416 0.11 -14.65 -3.27
C CYS B 416 -0.16 -15.80 -2.33
N SER B 417 0.71 -15.94 -1.34
CA SER B 417 0.47 -16.86 -0.25
C SER B 417 -0.64 -16.30 0.63
N PRO B 418 -1.22 -17.13 1.49
CA PRO B 418 -2.25 -16.60 2.40
C PRO B 418 -1.68 -15.48 3.27
N GLY B 419 -2.44 -14.38 3.34
CA GLY B 419 -2.04 -13.22 4.11
C GLY B 419 -1.28 -12.14 3.37
N TRP B 420 -1.22 -12.17 2.05
CA TRP B 420 -0.55 -11.16 1.26
C TRP B 420 -1.46 -10.79 0.08
N GLU B 421 -1.39 -9.53 -0.36
CA GLU B 421 -2.29 -9.13 -1.45
C GLU B 421 -1.72 -8.11 -2.43
N GLY B 422 -0.45 -7.78 -2.38
CA GLY B 422 0.08 -6.82 -3.33
C GLY B 422 0.07 -7.36 -4.76
N ASP B 423 0.41 -6.47 -5.69
CA ASP B 423 0.56 -6.87 -7.09
C ASP B 423 1.63 -7.94 -7.20
N PHE B 424 2.73 -7.77 -6.47
CA PHE B 424 3.75 -8.78 -6.32
C PHE B 424 3.75 -9.34 -4.90
N CYS B 425 2.60 -9.24 -4.24
CA CYS B 425 2.35 -9.80 -2.90
C CYS B 425 3.30 -9.22 -1.85
N ARG B 426 3.70 -7.96 -2.02
CA ARG B 426 4.63 -7.35 -1.09
C ARG B 426 3.95 -6.67 0.10
N THR B 427 2.62 -6.54 0.09
CA THR B 427 1.90 -5.87 1.17
C THR B 427 1.10 -6.92 1.95
N ALA B 428 1.35 -6.97 3.25
CA ALA B 428 0.70 -7.92 4.14
C ALA B 428 -0.73 -7.47 4.46
N LYS B 429 -1.55 -8.44 4.87
CA LYS B 429 -2.93 -8.20 5.25
C LYS B 429 -3.08 -8.46 6.74
N CYS B 430 -3.69 -7.51 7.45
CA CYS B 430 -3.97 -7.63 8.87
C CYS B 430 -5.45 -7.45 9.08
N GLU B 431 -6.12 -8.46 9.63
CA GLU B 431 -7.54 -8.39 9.96
C GLU B 431 -7.71 -8.88 11.39
N PRO B 432 -8.22 -8.06 12.31
CA PRO B 432 -8.60 -6.65 12.11
C PRO B 432 -7.41 -5.75 11.86
N ALA B 433 -7.67 -4.57 11.29
CA ALA B 433 -6.61 -3.68 10.85
C ALA B 433 -5.79 -3.17 12.02
N CYS B 434 -4.53 -2.84 11.75
CA CYS B 434 -3.70 -2.17 12.75
C CYS B 434 -4.24 -0.78 13.00
N ARG B 435 -4.16 -0.34 14.24
CA ARG B 435 -4.69 0.97 14.61
C ARG B 435 -3.59 1.84 15.22
N HIS B 436 -3.95 3.12 15.40
CA HIS B 436 -3.02 4.14 15.89
C HIS B 436 -1.74 4.16 15.07
N GLY B 437 -1.89 4.29 13.76
CA GLY B 437 -0.78 4.46 12.85
C GLY B 437 0.08 3.23 12.64
N GLY B 438 -0.26 2.10 13.23
CA GLY B 438 0.52 0.89 13.04
C GLY B 438 0.63 0.49 11.58
N VAL B 439 1.64 -0.32 11.31
CA VAL B 439 1.94 -0.81 9.97
C VAL B 439 1.80 -2.32 9.96
N CYS B 440 1.12 -2.85 8.95
CA CYS B 440 0.96 -4.29 8.78
C CYS B 440 2.19 -4.79 8.02
N VAL B 441 3.16 -5.33 8.75
CA VAL B 441 4.46 -5.67 8.18
C VAL B 441 4.48 -7.09 7.61
N ARG B 442 3.97 -8.06 8.36
CA ARG B 442 3.81 -9.45 7.97
C ARG B 442 2.36 -9.80 8.31
N PRO B 443 1.79 -10.85 7.69
CA PRO B 443 0.35 -11.12 7.87
C PRO B 443 -0.09 -11.22 9.32
N ASN B 444 -1.02 -10.34 9.70
CA ASN B 444 -1.58 -10.29 11.05
C ASN B 444 -0.53 -9.97 12.09
N LYS B 445 0.47 -9.17 11.74
CA LYS B 445 1.45 -8.69 12.70
C LYS B 445 1.58 -7.19 12.53
N CYS B 446 1.24 -6.44 13.58
CA CYS B 446 1.25 -4.99 13.55
C CYS B 446 2.52 -4.48 14.21
N LEU B 447 3.23 -3.60 13.51
CA LEU B 447 4.38 -2.90 14.08
C LEU B 447 3.86 -1.57 14.61
N CYS B 448 3.72 -1.48 15.93
CA CYS B 448 3.05 -0.34 16.53
C CYS B 448 4.01 0.82 16.74
N LYS B 449 3.44 2.02 16.80
CA LYS B 449 4.19 3.20 17.20
C LYS B 449 4.33 3.21 18.73
N LYS B 450 5.45 3.77 19.20
CA LYS B 450 5.69 3.85 20.63
C LYS B 450 4.48 4.45 21.34
N GLY B 451 4.04 3.79 22.39
CA GLY B 451 2.86 4.23 23.11
C GLY B 451 1.61 3.43 22.85
N TYR B 452 1.66 2.45 21.95
CA TYR B 452 0.46 1.70 21.57
C TYR B 452 0.77 0.21 21.54
N LEU B 453 -0.05 -0.56 22.22
CA LEU B 453 0.21 -1.97 22.49
C LEU B 453 -0.96 -2.82 21.99
N GLY B 454 -0.72 -4.13 21.94
CA GLY B 454 -1.74 -5.06 21.54
C GLY B 454 -1.57 -5.55 20.12
N PRO B 455 -2.26 -6.63 19.76
CA PRO B 455 -2.08 -7.21 18.42
C PRO B 455 -2.41 -6.25 17.29
N GLN B 456 -3.27 -5.26 17.53
CA GLN B 456 -3.60 -4.24 16.54
C GLN B 456 -3.21 -2.84 17.00
N CYS B 457 -2.36 -2.74 18.03
CA CYS B 457 -1.97 -1.45 18.61
C CYS B 457 -3.18 -0.72 19.17
N GLU B 458 -4.19 -1.47 19.63
CA GLU B 458 -5.43 -0.86 20.08
C GLU B 458 -5.32 -0.27 21.48
N GLN B 459 -4.38 -0.75 22.30
CA GLN B 459 -4.25 -0.31 23.68
C GLN B 459 -3.30 0.88 23.77
N VAL B 460 -3.65 1.82 24.64
CA VAL B 460 -2.89 3.06 24.82
C VAL B 460 -2.07 2.98 26.10
N ASP B 461 -0.85 3.53 26.05
CA ASP B 461 0.10 3.57 27.18
C ASP B 461 0.78 2.23 27.40
N LYS C 4 -7.25 40.48 10.45
CA LYS C 4 -7.56 39.05 10.51
C LYS C 4 -6.75 38.41 11.64
N HIS C 5 -6.39 39.24 12.62
CA HIS C 5 -5.55 38.83 13.73
C HIS C 5 -6.31 38.00 14.76
N ASN C 6 -7.63 38.15 14.82
CA ASN C 6 -8.46 37.48 15.82
C ASN C 6 -9.29 36.33 15.26
N CYS C 7 -8.93 35.79 14.10
CA CYS C 7 -9.77 34.75 13.56
C CYS C 7 -9.52 33.43 14.28
N PHE C 8 -10.42 32.48 14.04
CA PHE C 8 -10.23 31.11 14.48
C PHE C 8 -9.83 30.27 13.28
N CYS C 9 -9.60 28.98 13.50
CA CYS C 9 -9.21 28.12 12.40
C CYS C 9 -9.86 26.75 12.57
N ILE C 10 -9.84 26.00 11.47
CA ILE C 10 -10.53 24.73 11.34
C ILE C 10 -9.49 23.65 11.10
N GLN C 11 -9.52 22.60 11.92
CA GLN C 11 -8.56 21.51 11.80
C GLN C 11 -9.34 20.23 11.53
N GLU C 12 -9.01 19.53 10.46
CA GLU C 12 -9.72 18.31 10.11
C GLU C 12 -9.38 17.21 11.11
N VAL C 13 -10.42 16.57 11.63
CA VAL C 13 -10.28 15.52 12.64
C VAL C 13 -10.47 14.13 12.05
N VAL C 14 -11.62 13.89 11.40
CA VAL C 14 -11.87 12.62 10.74
C VAL C 14 -12.63 12.87 9.45
N SER C 15 -12.49 11.95 8.51
CA SER C 15 -13.23 12.02 7.25
C SER C 15 -13.76 10.63 6.93
N GLY C 16 -14.30 10.48 5.72
CA GLY C 16 -14.92 9.23 5.35
C GLY C 16 -16.29 9.01 5.94
N LEU C 17 -16.91 10.05 6.48
CA LEU C 17 -18.26 9.94 7.00
C LEU C 17 -19.27 10.06 5.85
N ARG C 18 -20.51 9.66 6.11
CA ARG C 18 -21.57 9.73 5.11
C ARG C 18 -22.71 10.58 5.68
N GLN C 19 -22.85 11.79 5.14
CA GLN C 19 -23.91 12.72 5.53
C GLN C 19 -23.97 12.92 7.05
N PRO C 20 -22.89 13.35 7.68
CA PRO C 20 -22.94 13.58 9.13
C PRO C 20 -23.89 14.72 9.45
N VAL C 21 -24.67 14.55 10.52
CA VAL C 21 -25.64 15.54 10.93
C VAL C 21 -25.38 16.09 12.32
N GLY C 22 -24.45 15.52 13.07
CA GLY C 22 -24.16 16.03 14.40
C GLY C 22 -23.19 15.13 15.12
N ALA C 23 -22.72 15.61 16.27
CA ALA C 23 -21.86 14.82 17.12
C ALA C 23 -22.00 15.29 18.56
N LEU C 24 -21.79 14.38 19.51
CA LEU C 24 -21.97 14.70 20.91
C LEU C 24 -21.30 13.63 21.76
N HIS C 25 -21.18 13.90 23.05
CA HIS C 25 -20.59 13.00 24.02
C HIS C 25 -21.65 12.48 24.99
N SER C 26 -21.26 11.49 25.79
CA SER C 26 -22.18 10.83 26.71
C SER C 26 -21.99 11.23 28.16
N GLY C 27 -20.98 12.04 28.47
CA GLY C 27 -20.78 12.49 29.85
C GLY C 27 -20.46 11.39 30.83
N ASP C 28 -19.84 10.31 30.37
CA ASP C 28 -19.43 9.21 31.24
C ASP C 28 -17.94 9.21 31.55
N GLY C 29 -17.21 10.23 31.08
CA GLY C 29 -15.79 10.34 31.32
C GLY C 29 -14.92 9.69 30.27
N SER C 30 -15.51 8.98 29.30
CA SER C 30 -14.74 8.23 28.33
C SER C 30 -14.21 9.09 27.19
N GLN C 31 -14.68 10.33 27.08
CA GLN C 31 -14.27 11.24 26.01
C GLN C 31 -14.50 10.64 24.62
N ARG C 32 -15.42 9.69 24.51
CA ARG C 32 -15.88 9.24 23.20
C ARG C 32 -16.71 10.33 22.54
N LEU C 33 -16.62 10.41 21.22
CA LEU C 33 -17.45 11.34 20.44
C LEU C 33 -18.34 10.50 19.54
N PHE C 34 -19.65 10.67 19.69
CA PHE C 34 -20.62 9.91 18.93
C PHE C 34 -21.08 10.72 17.73
N ILE C 35 -20.79 10.22 16.53
CA ILE C 35 -21.08 10.92 15.29
C ILE C 35 -22.36 10.33 14.69
N LEU C 36 -23.27 11.22 14.27
CA LEU C 36 -24.54 10.80 13.70
C LEU C 36 -24.46 10.86 12.19
N GLU C 37 -24.81 9.77 11.53
CA GLU C 37 -24.90 9.72 10.08
C GLU C 37 -26.37 9.64 9.69
N LYS C 38 -26.75 10.46 8.71
CA LYS C 38 -28.17 10.64 8.36
C LYS C 38 -28.87 9.34 8.07
N GLU C 39 -28.25 8.47 7.27
CA GLU C 39 -28.86 7.21 6.85
C GLU C 39 -29.31 6.33 8.02
N GLY C 40 -28.85 6.62 9.24
CA GLY C 40 -29.28 5.90 10.42
C GLY C 40 -28.17 5.16 11.16
N TYR C 41 -27.01 5.80 11.29
CA TYR C 41 -25.87 5.23 12.00
C TYR C 41 -25.35 6.21 13.04
N VAL C 42 -24.81 5.66 14.12
CA VAL C 42 -24.06 6.44 15.10
C VAL C 42 -22.70 5.76 15.28
N LYS C 43 -21.63 6.48 14.96
CA LYS C 43 -20.27 5.96 15.04
C LYS C 43 -19.51 6.59 16.20
N ILE C 44 -18.58 5.82 16.76
CA ILE C 44 -17.78 6.24 17.90
C ILE C 44 -16.41 6.68 17.42
N LEU C 45 -15.99 7.86 17.85
CA LEU C 45 -14.64 8.35 17.63
C LEU C 45 -13.90 8.36 18.96
N THR C 46 -12.83 7.58 19.06
CA THR C 46 -12.07 7.55 20.29
C THR C 46 -11.26 8.85 20.44
N PRO C 47 -10.82 9.17 21.66
CA PRO C 47 -9.98 10.36 21.82
C PRO C 47 -8.68 10.30 21.03
N GLU C 48 -8.12 9.11 20.83
CA GLU C 48 -6.94 8.98 20.00
C GLU C 48 -7.24 9.11 18.51
N GLY C 49 -8.51 9.29 18.13
CA GLY C 49 -8.89 9.59 16.77
C GLY C 49 -9.31 8.41 15.91
N GLU C 50 -9.57 7.24 16.50
CA GLU C 50 -9.99 6.07 15.74
C GLU C 50 -11.51 5.98 15.69
N ILE C 51 -12.02 5.53 14.55
CA ILE C 51 -13.44 5.22 14.39
C ILE C 51 -13.61 3.71 14.52
N PHE C 52 -14.42 3.29 15.48
CA PHE C 52 -14.66 1.87 15.69
C PHE C 52 -15.28 1.25 14.46
N LYS C 53 -14.84 0.04 14.12
CA LYS C 53 -15.42 -0.65 12.97
C LYS C 53 -16.91 -0.84 13.15
N GLU C 54 -17.32 -1.34 14.32
CA GLU C 54 -18.74 -1.58 14.55
C GLU C 54 -19.44 -0.31 15.00
N PRO C 55 -20.53 0.09 14.34
CA PRO C 55 -21.29 1.27 14.78
C PRO C 55 -21.80 1.15 16.20
N TYR C 56 -21.96 2.29 16.85
CA TYR C 56 -22.59 2.30 18.16
C TYR C 56 -24.08 1.99 18.03
N LEU C 57 -24.70 2.46 16.97
CA LEU C 57 -26.11 2.24 16.73
C LEU C 57 -26.33 2.10 15.22
N ASP C 58 -26.96 1.00 14.81
CA ASP C 58 -27.26 0.74 13.40
C ASP C 58 -28.76 0.53 13.30
N ILE C 59 -29.49 1.54 12.83
CA ILE C 59 -30.94 1.46 12.65
C ILE C 59 -31.30 1.92 11.24
N HIS C 60 -30.42 1.67 10.28
CA HIS C 60 -30.65 2.17 8.92
C HIS C 60 -31.83 1.49 8.25
N LYS C 61 -32.19 0.28 8.69
CA LYS C 61 -33.38 -0.37 8.18
C LYS C 61 -34.65 0.32 8.66
N LEU C 62 -34.67 0.75 9.93
CA LEU C 62 -35.83 1.45 10.48
C LEU C 62 -35.99 2.84 9.89
N VAL C 63 -34.90 3.48 9.49
CA VAL C 63 -34.90 4.90 9.16
C VAL C 63 -35.25 5.08 7.68
N GLN C 64 -36.20 5.99 7.42
CA GLN C 64 -36.49 6.47 6.08
C GLN C 64 -35.73 7.78 5.86
N SER C 65 -34.75 7.75 4.97
CA SER C 65 -33.93 8.92 4.66
C SER C 65 -34.17 9.33 3.21
N GLY C 66 -33.88 10.61 2.92
CA GLY C 66 -34.26 11.22 1.67
C GLY C 66 -33.14 11.34 0.64
N ILE C 67 -33.55 11.33 -0.63
CA ILE C 67 -32.62 11.39 -1.76
C ILE C 67 -32.30 12.82 -2.18
N LYS C 68 -33.32 13.59 -2.56
CA LYS C 68 -33.11 14.92 -3.10
C LYS C 68 -32.38 15.82 -2.09
N GLY C 69 -31.63 16.78 -2.61
CA GLY C 69 -31.03 17.78 -1.76
C GLY C 69 -32.12 18.69 -1.21
N GLY C 70 -32.23 18.75 0.11
CA GLY C 70 -33.34 19.42 0.77
C GLY C 70 -34.36 18.48 1.36
N ASP C 71 -34.24 17.17 1.12
CA ASP C 71 -35.10 16.17 1.74
C ASP C 71 -34.54 15.87 3.13
N GLU C 72 -35.27 16.26 4.17
CA GLU C 72 -34.77 16.25 5.53
C GLU C 72 -34.96 14.92 6.26
N ARG C 73 -35.60 13.93 5.63
CA ARG C 73 -35.82 12.67 6.31
C ARG C 73 -34.50 11.96 6.60
N GLY C 74 -34.47 11.25 7.72
CA GLY C 74 -33.31 10.48 8.14
C GLY C 74 -33.23 10.43 9.65
N LEU C 75 -32.01 10.18 10.14
CA LEU C 75 -31.74 10.22 11.57
C LEU C 75 -31.53 11.68 11.98
N LEU C 76 -32.32 12.15 12.93
CA LEU C 76 -32.40 13.57 13.24
C LEU C 76 -31.52 13.99 14.41
N SER C 77 -31.58 13.28 15.53
CA SER C 77 -30.88 13.75 16.73
C SER C 77 -30.64 12.60 17.70
N LEU C 78 -29.75 12.85 18.65
CA LEU C 78 -29.43 11.92 19.71
C LEU C 78 -29.11 12.72 20.97
N ALA C 79 -29.57 12.23 22.11
CA ALA C 79 -29.26 12.83 23.40
C ALA C 79 -29.04 11.72 24.42
N PHE C 80 -27.97 11.82 25.19
CA PHE C 80 -27.70 10.84 26.25
C PHE C 80 -28.33 11.29 27.55
N HIS C 81 -28.89 10.34 28.29
CA HIS C 81 -29.45 10.66 29.59
C HIS C 81 -28.37 11.26 30.48
N PRO C 82 -28.71 12.27 31.30
CA PRO C 82 -27.69 12.89 32.16
C PRO C 82 -26.97 11.91 33.07
N ASN C 83 -27.58 10.78 33.41
CA ASN C 83 -26.97 9.77 34.26
C ASN C 83 -26.61 8.52 33.46
N TYR C 84 -26.19 8.71 32.21
CA TYR C 84 -25.90 7.59 31.32
C TYR C 84 -24.80 6.69 31.86
N LYS C 85 -23.86 7.24 32.63
CA LYS C 85 -22.77 6.40 33.14
C LYS C 85 -23.29 5.28 34.04
N LYS C 86 -24.46 5.48 34.67
CA LYS C 86 -25.02 4.48 35.57
C LYS C 86 -26.19 3.71 34.99
N ASN C 87 -26.99 4.32 34.12
CA ASN C 87 -28.18 3.66 33.60
C ASN C 87 -28.15 3.42 32.09
N GLY C 88 -27.17 3.97 31.37
CA GLY C 88 -27.00 3.67 29.96
C GLY C 88 -28.17 4.05 29.07
N LYS C 89 -28.93 5.07 29.42
CA LYS C 89 -30.10 5.46 28.64
C LYS C 89 -29.75 6.54 27.62
N LEU C 90 -30.27 6.37 26.41
CA LEU C 90 -30.07 7.33 25.32
C LEU C 90 -31.38 7.48 24.56
N TYR C 91 -31.52 8.61 23.89
CA TYR C 91 -32.74 8.92 23.16
C TYR C 91 -32.40 9.34 21.73
N VAL C 92 -33.24 8.92 20.79
CA VAL C 92 -32.97 9.06 19.37
C VAL C 92 -34.25 9.50 18.67
N SER C 93 -34.12 10.43 17.73
CA SER C 93 -35.23 10.88 16.90
C SER C 93 -34.89 10.64 15.44
N TYR C 94 -35.75 9.88 14.76
CA TYR C 94 -35.58 9.62 13.34
C TYR C 94 -36.95 9.59 12.68
N THR C 95 -36.94 9.59 11.35
CA THR C 95 -38.16 9.46 10.56
C THR C 95 -38.29 8.04 10.03
N THR C 96 -39.51 7.55 10.01
CA THR C 96 -39.85 6.28 9.41
C THR C 96 -41.21 6.47 8.73
N ASN C 97 -41.68 5.46 8.00
CA ASN C 97 -42.87 5.68 7.17
C ASN C 97 -43.98 4.66 7.39
N GLN C 98 -43.95 3.92 8.49
CA GLN C 98 -44.97 2.89 8.72
C GLN C 98 -46.21 3.49 9.38
N ASP C 107 -47.51 10.50 4.82
CA ASP C 107 -46.24 10.37 4.13
C ASP C 107 -45.24 9.60 5.00
N HIS C 108 -44.93 10.13 6.18
CA HIS C 108 -44.00 9.45 7.09
C HIS C 108 -44.31 9.90 8.51
N ILE C 109 -43.57 9.33 9.48
CA ILE C 109 -43.81 9.54 10.90
C ILE C 109 -42.47 9.78 11.60
N LEU C 110 -42.41 10.87 12.38
CA LEU C 110 -41.20 11.23 13.13
C LEU C 110 -41.27 10.58 14.52
N ARG C 111 -40.36 9.64 14.78
CA ARG C 111 -40.34 8.88 16.02
C ARG C 111 -39.29 9.42 16.98
N VAL C 112 -39.58 9.31 18.28
CA VAL C 112 -38.62 9.54 19.35
C VAL C 112 -38.56 8.29 20.23
N VAL C 113 -37.40 7.63 20.26
CA VAL C 113 -37.26 6.33 20.89
C VAL C 113 -36.16 6.39 21.94
N GLU C 114 -36.32 5.59 23.00
CA GLU C 114 -35.29 5.39 24.00
C GLU C 114 -34.59 4.06 23.77
N TYR C 115 -33.27 4.08 23.83
CA TYR C 115 -32.45 2.88 23.74
C TYR C 115 -31.58 2.77 24.98
N THR C 116 -30.97 1.60 25.14
CA THR C 116 -30.09 1.34 26.27
C THR C 116 -28.85 0.62 25.77
N VAL C 117 -27.69 1.05 26.25
CA VAL C 117 -26.44 0.42 25.85
C VAL C 117 -26.44 -1.04 26.29
N SER C 118 -25.86 -1.89 25.46
CA SER C 118 -25.76 -3.32 25.75
C SER C 118 -25.11 -3.53 27.11
N ARG C 119 -25.68 -4.44 27.91
CA ARG C 119 -25.07 -4.74 29.20
C ARG C 119 -23.77 -5.51 29.02
N LYS C 120 -23.56 -6.11 27.84
CA LYS C 120 -22.35 -6.87 27.54
C LYS C 120 -21.24 -6.01 26.95
N ASN C 121 -21.58 -4.99 26.18
CA ASN C 121 -20.61 -4.21 25.42
C ASN C 121 -20.94 -2.73 25.54
N PRO C 122 -20.08 -1.94 26.19
CA PRO C 122 -20.36 -0.50 26.35
C PRO C 122 -20.26 0.30 25.07
N HIS C 123 -19.83 -0.31 23.97
CA HIS C 123 -19.64 0.39 22.70
C HIS C 123 -20.67 -0.02 21.66
N GLN C 124 -21.72 -0.73 22.05
CA GLN C 124 -22.79 -1.08 21.15
C GLN C 124 -24.12 -1.00 21.88
N VAL C 125 -25.16 -0.57 21.17
CA VAL C 125 -26.49 -0.40 21.73
C VAL C 125 -27.27 -1.69 21.54
N ASP C 126 -27.96 -2.13 22.58
CA ASP C 126 -28.87 -3.27 22.46
C ASP C 126 -30.11 -2.82 21.70
N LEU C 127 -30.28 -3.30 20.47
CA LEU C 127 -31.35 -2.84 19.62
C LEU C 127 -32.72 -3.25 20.16
N ARG C 128 -32.77 -4.30 20.99
CA ARG C 128 -34.01 -4.81 21.58
C ARG C 128 -34.57 -3.90 22.67
N THR C 129 -33.81 -2.94 23.19
CA THR C 129 -34.24 -2.11 24.30
C THR C 129 -34.97 -0.85 23.86
N ALA C 130 -35.54 -0.85 22.66
CA ALA C 130 -36.25 0.32 22.16
C ALA C 130 -37.56 0.53 22.94
N ARG C 131 -37.83 1.79 23.27
CA ARG C 131 -39.11 2.21 23.82
C ARG C 131 -39.56 3.45 23.06
N VAL C 132 -40.68 3.33 22.34
CA VAL C 132 -41.21 4.46 21.62
C VAL C 132 -41.82 5.45 22.62
N PHE C 133 -41.35 6.69 22.57
CA PHE C 133 -41.86 7.75 23.43
C PHE C 133 -42.91 8.61 22.72
N LEU C 134 -42.59 9.10 21.53
CA LEU C 134 -43.47 9.96 20.76
C LEU C 134 -43.52 9.45 19.32
N GLU C 135 -44.68 9.58 18.70
CA GLU C 135 -44.83 9.33 17.26
C GLU C 135 -45.59 10.49 16.66
N VAL C 136 -44.86 11.36 15.94
CA VAL C 136 -45.42 12.56 15.36
C VAL C 136 -45.66 12.30 13.87
N ALA C 137 -46.93 12.31 13.47
CA ALA C 137 -47.29 12.17 12.07
C ALA C 137 -46.80 13.37 11.27
N GLU C 138 -46.14 13.12 10.14
CA GLU C 138 -45.65 14.17 9.25
C GLU C 138 -46.25 14.02 7.86
N LEU C 139 -46.41 15.15 7.17
CA LEU C 139 -46.97 15.16 5.84
C LEU C 139 -45.99 15.55 4.74
N HIS C 140 -44.91 16.24 5.07
CA HIS C 140 -43.94 16.66 4.09
C HIS C 140 -42.53 16.33 4.58
N ARG C 141 -41.53 16.71 3.78
CA ARG C 141 -40.16 16.28 3.99
C ARG C 141 -39.23 17.43 4.32
N LYS C 142 -39.77 18.62 4.60
CA LYS C 142 -38.99 19.78 5.05
C LYS C 142 -39.57 20.26 6.37
N HIS C 143 -38.87 21.21 7.00
CA HIS C 143 -39.33 21.79 8.27
C HIS C 143 -39.58 20.75 9.35
N LEU C 144 -38.69 19.76 9.48
CA LEU C 144 -38.96 18.69 10.43
C LEU C 144 -38.27 18.86 11.78
N GLY C 145 -37.14 19.56 11.83
CA GLY C 145 -36.40 19.68 13.07
C GLY C 145 -36.21 18.34 13.76
N GLY C 146 -36.48 18.33 15.06
CA GLY C 146 -36.45 17.12 15.86
C GLY C 146 -35.20 16.98 16.70
N GLN C 147 -34.79 18.06 17.33
CA GLN C 147 -33.59 18.06 18.16
C GLN C 147 -33.91 17.52 19.54
N LEU C 148 -33.01 16.71 20.07
CA LEU C 148 -33.15 16.19 21.42
C LEU C 148 -32.04 16.76 22.29
N LEU C 149 -32.41 17.17 23.50
CA LEU C 149 -31.43 17.70 24.43
C LEU C 149 -32.03 17.66 25.83
N PHE C 150 -31.16 17.57 26.83
CA PHE C 150 -31.55 17.63 28.22
C PHE C 150 -31.13 18.99 28.75
N GLY C 151 -32.05 19.67 29.42
CA GLY C 151 -31.72 20.92 30.03
C GLY C 151 -31.11 20.72 31.40
N PRO C 152 -30.51 21.79 31.93
CA PRO C 152 -29.95 21.71 33.28
C PRO C 152 -30.98 21.40 34.34
N ASP C 153 -32.27 21.42 34.00
CA ASP C 153 -33.34 20.93 34.87
C ASP C 153 -33.42 19.41 34.91
N GLY C 154 -32.72 18.72 34.01
CA GLY C 154 -32.80 17.28 33.92
C GLY C 154 -33.91 16.74 33.06
N PHE C 155 -34.65 17.60 32.36
CA PHE C 155 -35.79 17.23 31.55
C PHE C 155 -35.40 17.11 30.07
N LEU C 156 -36.19 16.34 29.34
CA LEU C 156 -35.94 16.11 27.91
C LEU C 156 -36.71 17.12 27.08
N TYR C 157 -35.98 17.91 26.29
CA TYR C 157 -36.58 18.87 25.38
C TYR C 157 -36.57 18.31 23.97
N ILE C 158 -37.69 18.45 23.26
CA ILE C 158 -37.84 18.03 21.88
C ILE C 158 -38.34 19.21 21.07
N ILE C 159 -37.62 19.55 20.01
CA ILE C 159 -37.86 20.75 19.21
C ILE C 159 -38.30 20.32 17.81
N LEU C 160 -39.57 20.55 17.47
CA LEU C 160 -40.15 20.08 16.22
C LEU C 160 -40.57 21.23 15.31
N GLY C 161 -40.30 21.09 14.01
CA GLY C 161 -40.80 22.00 13.00
C GLY C 161 -42.20 21.65 12.54
N ASP C 162 -42.64 22.33 11.48
CA ASP C 162 -43.98 22.15 10.92
C ASP C 162 -43.97 22.27 9.40
N GLY C 163 -44.28 21.17 8.71
CA GLY C 163 -44.33 21.20 7.26
C GLY C 163 -45.74 21.17 6.72
N MET C 164 -46.71 21.62 7.53
CA MET C 164 -48.13 21.46 7.25
C MET C 164 -48.82 22.80 7.01
N ILE C 165 -49.96 22.72 6.30
CA ILE C 165 -50.84 23.83 5.96
C ILE C 165 -52.20 23.59 6.59
N THR C 166 -52.93 24.70 6.84
CA THR C 166 -54.23 24.63 7.50
C THR C 166 -55.22 23.71 6.80
N LEU C 167 -55.15 23.62 5.46
CA LEU C 167 -56.04 22.70 4.76
C LEU C 167 -55.71 21.26 5.11
N ASP C 168 -54.43 20.97 5.35
CA ASP C 168 -54.00 19.64 5.73
C ASP C 168 -54.42 19.28 7.15
N ASP C 169 -54.55 20.27 8.05
CA ASP C 169 -54.96 20.00 9.42
C ASP C 169 -56.35 19.39 9.48
N MET C 170 -57.28 19.96 8.72
CA MET C 170 -58.68 19.52 8.75
C MET C 170 -58.84 18.12 8.15
N GLU C 171 -57.96 17.72 7.24
CA GLU C 171 -58.09 16.45 6.53
C GLU C 171 -57.65 15.24 7.35
N GLU C 172 -57.03 15.44 8.51
CA GLU C 172 -56.55 14.35 9.37
C GLU C 172 -57.47 13.11 9.44
N LEU C 176 -52.42 15.85 11.71
CA LEU C 176 -52.83 14.91 12.74
C LEU C 176 -52.09 15.16 14.05
N SER C 177 -51.00 15.93 13.97
CA SER C 177 -50.01 16.04 15.04
C SER C 177 -50.23 17.31 15.85
N ASP C 178 -50.72 17.16 17.08
CA ASP C 178 -50.78 18.29 18.01
C ASP C 178 -49.40 18.82 18.41
N PHE C 179 -48.32 18.15 18.01
CA PHE C 179 -46.99 18.46 18.54
C PHE C 179 -46.11 19.31 17.62
N THR C 180 -46.41 19.41 16.33
CA THR C 180 -45.53 20.12 15.42
C THR C 180 -45.47 21.61 15.77
N GLY C 181 -44.29 22.20 15.58
CA GLY C 181 -44.07 23.60 15.85
C GLY C 181 -44.02 23.97 17.31
N SER C 182 -43.76 23.01 18.19
CA SER C 182 -43.70 23.27 19.62
C SER C 182 -42.40 22.71 20.16
N VAL C 183 -42.04 23.18 21.36
CA VAL C 183 -40.95 22.60 22.13
C VAL C 183 -41.58 21.76 23.23
N LEU C 184 -41.41 20.46 23.17
CA LEU C 184 -41.92 19.59 24.21
C LEU C 184 -40.89 19.44 25.31
N ARG C 185 -41.36 19.28 26.54
CA ARG C 185 -40.50 19.02 27.69
C ARG C 185 -41.11 17.85 28.47
N LEU C 186 -40.45 16.70 28.41
CA LEU C 186 -40.89 15.50 29.07
C LEU C 186 -39.98 15.18 30.25
N ASP C 187 -40.54 14.51 31.25
CA ASP C 187 -39.77 13.98 32.38
C ASP C 187 -39.63 12.47 32.17
N VAL C 188 -38.43 12.03 31.79
CA VAL C 188 -38.20 10.61 31.52
C VAL C 188 -37.88 9.81 32.76
N ASP C 189 -37.66 10.47 33.91
CA ASP C 189 -37.29 9.79 35.15
C ASP C 189 -38.55 9.47 35.95
N THR C 190 -39.31 8.50 35.44
CA THR C 190 -40.59 8.14 36.02
C THR C 190 -40.60 6.68 36.43
N ASP C 191 -41.49 6.37 37.38
CA ASP C 191 -41.71 5.00 37.83
C ASP C 191 -43.00 4.41 37.29
N MET C 192 -43.86 5.22 36.67
CA MET C 192 -45.12 4.71 36.13
C MET C 192 -44.84 3.93 34.84
N CYS C 193 -45.16 2.64 34.86
CA CYS C 193 -44.87 1.74 33.74
C CYS C 193 -45.88 1.83 32.61
N ASN C 194 -46.96 2.60 32.77
CA ASN C 194 -47.93 2.74 31.67
C ASN C 194 -47.39 3.65 30.58
N VAL C 195 -47.18 4.93 30.91
CA VAL C 195 -46.74 5.93 29.94
C VAL C 195 -45.21 5.99 30.05
N PRO C 196 -44.49 6.15 28.94
CA PRO C 196 -43.02 6.22 29.05
C PRO C 196 -42.52 7.49 29.68
N TYR C 197 -43.30 8.57 29.65
CA TYR C 197 -42.85 9.85 30.19
C TYR C 197 -43.98 10.49 31.00
N SER C 198 -43.59 11.27 32.00
CA SER C 198 -44.51 12.08 32.78
C SER C 198 -44.25 13.56 32.53
N ILE C 199 -45.29 14.36 32.73
CA ILE C 199 -45.22 15.80 32.46
C ILE C 199 -44.72 16.54 33.71
N PRO C 200 -43.70 17.38 33.57
CA PRO C 200 -43.23 18.16 34.73
C PRO C 200 -44.29 19.17 35.17
N ARG C 201 -44.38 19.38 36.49
CA ARG C 201 -45.36 20.30 37.03
C ARG C 201 -45.20 21.71 36.49
N SER C 202 -43.99 22.10 36.10
CA SER C 202 -43.77 23.46 35.64
C SER C 202 -44.33 23.70 34.24
N ASN C 203 -44.61 22.65 33.48
CA ASN C 203 -45.09 22.83 32.11
C ASN C 203 -46.39 23.63 32.11
N PRO C 204 -46.60 24.51 31.12
CA PRO C 204 -47.81 25.35 31.12
C PRO C 204 -49.06 24.57 30.72
N HIS C 205 -49.57 23.75 31.65
CA HIS C 205 -50.74 22.92 31.38
C HIS C 205 -51.79 23.08 32.49
N GLN C 211 -52.82 23.74 24.29
CA GLN C 211 -51.77 22.77 23.94
C GLN C 211 -51.80 21.49 24.79
N PRO C 212 -51.29 20.40 24.24
CA PRO C 212 -51.16 19.18 25.03
C PRO C 212 -50.16 19.39 26.16
N PRO C 213 -50.31 18.65 27.26
CA PRO C 213 -49.46 18.93 28.44
C PRO C 213 -47.97 18.88 28.17
N GLU C 214 -47.53 18.14 27.15
CA GLU C 214 -46.11 18.03 26.85
C GLU C 214 -45.49 19.34 26.35
N VAL C 215 -46.30 20.28 25.86
CA VAL C 215 -45.77 21.48 25.23
C VAL C 215 -45.20 22.45 26.27
N PHE C 216 -43.94 22.83 26.06
CA PHE C 216 -43.21 23.79 26.89
C PHE C 216 -43.21 25.20 26.29
N ALA C 217 -43.29 25.30 24.97
CA ALA C 217 -43.37 26.53 24.19
C ALA C 217 -43.64 26.14 22.75
N HIS C 218 -44.38 26.99 22.04
CA HIS C 218 -44.81 26.65 20.69
C HIS C 218 -44.58 27.83 19.75
N GLY C 219 -44.94 27.63 18.48
CA GLY C 219 -44.82 28.67 17.48
C GLY C 219 -43.57 28.65 16.61
N LEU C 220 -42.77 27.60 16.67
CA LEU C 220 -41.56 27.53 15.85
C LEU C 220 -41.86 27.03 14.44
N HIS C 221 -41.11 27.55 13.47
CA HIS C 221 -41.12 27.05 12.09
C HIS C 221 -39.68 26.88 11.62
N ASP C 222 -39.33 25.66 11.18
CA ASP C 222 -38.04 25.39 10.56
C ASP C 222 -36.86 25.85 11.43
N PRO C 223 -36.73 25.31 12.65
CA PRO C 223 -35.62 25.75 13.51
C PRO C 223 -34.33 25.01 13.22
N GLY C 224 -33.23 25.74 13.30
CA GLY C 224 -31.91 25.14 13.23
C GLY C 224 -31.55 24.48 14.54
N ARG C 225 -30.29 24.06 14.65
CA ARG C 225 -29.82 23.52 15.92
C ARG C 225 -29.81 24.59 16.99
N CYS C 226 -30.40 24.29 18.14
CA CYS C 226 -30.52 25.24 19.22
C CYS C 226 -29.35 25.09 20.19
N ALA C 227 -28.81 26.22 20.64
CA ALA C 227 -27.74 26.23 21.64
C ALA C 227 -28.31 26.09 23.05
N VAL C 228 -27.64 25.29 23.88
CA VAL C 228 -28.08 25.00 25.25
C VAL C 228 -26.94 25.33 26.21
N ASP C 229 -27.06 26.44 26.93
CA ASP C 229 -26.04 26.84 27.89
C ASP C 229 -26.21 26.16 29.24
N ARG C 230 -25.09 25.66 29.78
CA ARG C 230 -24.98 25.13 31.13
C ARG C 230 -23.91 25.93 31.88
N HIS C 231 -23.79 25.65 33.17
CA HIS C 231 -22.94 26.41 34.08
C HIS C 231 -23.28 27.91 34.04
N PRO C 232 -24.56 28.28 34.22
CA PRO C 232 -24.89 29.71 34.04
C PRO C 232 -24.41 30.57 35.20
N ILE C 237 -28.27 29.40 37.72
CA ILE C 237 -29.01 30.57 38.17
C ILE C 237 -30.17 30.88 37.22
N ASN C 238 -30.18 30.24 36.05
CA ASN C 238 -31.26 30.41 35.08
C ASN C 238 -31.20 29.27 34.06
N LEU C 239 -32.16 29.29 33.12
CA LEU C 239 -32.24 28.35 32.01
C LEU C 239 -32.18 29.15 30.70
N THR C 240 -31.36 28.69 29.75
CA THR C 240 -31.25 29.40 28.47
C THR C 240 -31.13 28.44 27.29
N ILE C 241 -32.03 28.59 26.32
CA ILE C 241 -32.00 27.87 25.05
C ILE C 241 -32.22 28.88 23.92
N LEU C 242 -31.24 28.99 23.03
CA LEU C 242 -31.36 29.87 21.86
C LEU C 242 -31.50 29.05 20.59
N CYS C 243 -32.49 29.41 19.77
CA CYS C 243 -32.74 28.75 18.48
C CYS C 243 -32.74 29.77 17.36
N SER C 244 -32.16 29.39 16.22
CA SER C 244 -32.36 30.13 14.99
C SER C 244 -33.65 29.67 14.31
N ASP C 245 -34.20 30.56 13.50
CA ASP C 245 -35.49 30.32 12.85
C ASP C 245 -35.58 31.25 11.65
N SER C 246 -36.23 30.78 10.59
CA SER C 246 -36.32 31.57 9.36
C SER C 246 -37.58 32.44 9.33
N SER C 253 -32.24 39.96 8.62
CA SER C 253 -32.29 38.94 7.59
C SER C 253 -32.33 37.55 8.21
N ALA C 254 -31.57 37.38 9.28
CA ALA C 254 -31.56 36.15 10.06
C ALA C 254 -32.31 36.38 11.36
N ARG C 255 -32.94 35.32 11.87
CA ARG C 255 -33.76 35.42 13.06
C ARG C 255 -33.34 34.37 14.09
N ILE C 256 -33.16 34.81 15.33
CA ILE C 256 -32.73 33.98 16.44
C ILE C 256 -33.65 34.21 17.62
N LEU C 257 -34.01 33.14 18.34
CA LEU C 257 -35.03 33.19 19.37
C LEU C 257 -34.50 32.62 20.69
N GLN C 258 -34.91 33.23 21.80
CA GLN C 258 -34.63 32.71 23.12
C GLN C 258 -35.90 32.02 23.62
N ILE C 259 -35.76 30.81 24.15
CA ILE C 259 -36.91 29.98 24.51
C ILE C 259 -37.15 30.02 26.00
N ILE C 260 -38.38 30.39 26.38
CA ILE C 260 -38.81 30.47 27.78
C ILE C 260 -40.17 29.81 27.90
N LYS C 261 -40.42 29.23 29.07
CA LYS C 261 -41.66 28.52 29.36
C LYS C 261 -42.90 29.29 28.92
N GLY C 262 -43.84 28.58 28.29
CA GLY C 262 -45.13 29.12 27.90
C GLY C 262 -45.05 30.38 27.06
N LYS C 263 -44.35 30.31 25.92
CA LYS C 263 -44.12 31.49 25.09
C LYS C 263 -44.53 31.18 23.66
N ASP C 264 -45.27 32.09 23.05
CA ASP C 264 -45.76 31.95 21.68
C ASP C 264 -44.80 32.73 20.77
N TYR C 265 -43.95 32.00 20.07
CA TYR C 265 -42.94 32.60 19.19
C TYR C 265 -43.45 32.89 17.79
N GLU C 266 -44.73 32.61 17.52
CA GLU C 266 -45.33 33.06 16.29
C GLU C 266 -45.30 34.58 16.23
N SER C 267 -44.81 35.13 15.11
CA SER C 267 -44.76 36.56 14.88
C SER C 267 -43.99 37.28 15.98
N GLU C 268 -42.91 36.65 16.45
CA GLU C 268 -42.07 37.19 17.51
C GLU C 268 -40.74 37.64 16.95
N PRO C 269 -40.29 38.85 17.28
CA PRO C 269 -39.06 39.37 16.67
C PRO C 269 -37.82 38.59 17.08
N SER C 270 -36.83 38.61 16.20
CA SER C 270 -35.51 38.10 16.51
C SER C 270 -34.86 38.95 17.58
N LEU C 271 -33.90 38.36 18.30
CA LEU C 271 -33.15 39.12 19.29
C LEU C 271 -32.43 40.31 18.66
N LEU C 272 -31.92 40.14 17.44
CA LEU C 272 -31.16 41.19 16.78
C LEU C 272 -31.38 41.09 15.27
N GLU C 273 -31.05 42.18 14.57
CA GLU C 273 -31.09 42.23 13.11
C GLU C 273 -29.67 42.22 12.56
N PHE C 274 -29.40 41.32 11.60
CA PHE C 274 -28.09 41.17 10.98
C PHE C 274 -28.28 41.21 9.47
N LYS C 275 -27.23 41.58 8.73
CA LYS C 275 -27.30 41.59 7.27
C LYS C 275 -28.34 42.55 6.71
N ASN C 279 -25.59 34.66 0.90
CA ASN C 279 -25.56 34.28 2.31
C ASN C 279 -26.75 33.37 2.62
N GLY C 280 -26.47 32.14 3.07
CA GLY C 280 -27.50 31.20 3.44
C GLY C 280 -28.15 31.51 4.78
N PRO C 281 -29.35 30.98 5.01
CA PRO C 281 -29.93 31.03 6.36
C PRO C 281 -29.11 30.17 7.32
N LEU C 282 -29.43 30.30 8.61
CA LEU C 282 -28.60 29.73 9.66
C LEU C 282 -28.84 28.23 9.81
N VAL C 283 -27.74 27.47 9.82
CA VAL C 283 -27.81 26.04 10.09
C VAL C 283 -28.17 25.78 11.55
N GLY C 284 -27.56 26.53 12.47
CA GLY C 284 -27.81 26.33 13.88
C GLY C 284 -26.72 27.00 14.71
N GLY C 285 -26.66 26.61 15.99
CA GLY C 285 -25.73 27.24 16.89
C GLY C 285 -25.37 26.40 18.08
N PHE C 286 -24.41 26.92 18.86
CA PHE C 286 -23.94 26.27 20.08
C PHE C 286 -23.43 27.32 21.05
N VAL C 287 -23.27 26.90 22.30
CA VAL C 287 -22.63 27.72 23.33
C VAL C 287 -21.27 27.11 23.64
N TYR C 288 -20.20 27.85 23.36
CA TYR C 288 -18.88 27.33 23.66
C TYR C 288 -18.65 27.38 25.16
N ARG C 289 -18.56 26.21 25.79
CA ARG C 289 -18.13 26.08 27.18
C ARG C 289 -16.88 25.23 27.29
N GLY C 290 -16.11 25.17 26.21
CA GLY C 290 -14.85 24.44 26.19
C GLY C 290 -13.75 25.18 26.93
N CYS C 291 -12.55 24.62 26.83
CA CYS C 291 -11.40 25.09 27.57
C CYS C 291 -10.25 25.60 26.71
N GLN C 292 -10.14 25.16 25.45
CA GLN C 292 -8.98 25.56 24.64
C GLN C 292 -8.98 27.06 24.38
N SER C 293 -10.15 27.64 24.12
CA SER C 293 -10.27 29.05 23.80
C SER C 293 -10.74 29.81 25.03
N GLU C 294 -9.90 30.76 25.50
CA GLU C 294 -10.30 31.61 26.61
C GLU C 294 -11.35 32.62 26.17
N ARG C 295 -11.11 33.29 25.04
CA ARG C 295 -11.95 34.42 24.64
C ARG C 295 -13.35 33.98 24.23
N LEU C 296 -13.51 32.75 23.75
CA LEU C 296 -14.80 32.30 23.24
C LEU C 296 -15.75 31.82 24.34
N TYR C 297 -15.26 31.65 25.57
CA TYR C 297 -16.07 31.06 26.63
C TYR C 297 -17.34 31.88 26.86
N GLY C 298 -18.48 31.19 26.98
CA GLY C 298 -19.76 31.82 27.22
C GLY C 298 -20.44 32.41 26.00
N SER C 299 -19.81 32.36 24.82
CA SER C 299 -20.39 32.93 23.61
C SER C 299 -21.33 31.94 22.92
N TYR C 300 -22.36 32.47 22.29
CA TYR C 300 -23.23 31.71 21.40
C TYR C 300 -22.72 31.90 19.97
N VAL C 301 -22.46 30.80 19.28
CA VAL C 301 -21.96 30.85 17.92
C VAL C 301 -23.02 30.29 17.00
N PHE C 302 -23.32 31.01 15.91
CA PHE C 302 -24.22 30.55 14.87
C PHE C 302 -23.54 30.66 13.52
N GLY C 303 -23.97 29.81 12.59
CA GLY C 303 -23.35 29.78 11.28
C GLY C 303 -24.35 29.30 10.23
N ASP C 304 -24.13 29.72 8.99
CA ASP C 304 -24.97 29.31 7.90
C ASP C 304 -24.30 28.19 7.10
N ARG C 305 -24.99 27.75 6.05
CA ARG C 305 -24.54 26.62 5.24
C ARG C 305 -23.11 26.76 4.74
N ASN C 306 -22.64 27.99 4.55
CA ASN C 306 -21.37 28.24 3.87
C ASN C 306 -20.27 28.70 4.82
N GLY C 307 -20.47 28.61 6.13
CA GLY C 307 -19.42 28.92 7.08
C GLY C 307 -19.32 30.38 7.48
N ASN C 308 -20.35 31.17 7.23
CA ASN C 308 -20.42 32.55 7.75
C ASN C 308 -20.92 32.50 9.19
N PHE C 309 -20.06 32.86 10.14
CA PHE C 309 -20.37 32.77 11.56
C PHE C 309 -20.64 34.13 12.18
N LEU C 310 -21.59 34.17 13.13
CA LEU C 310 -21.82 35.31 14.00
C LEU C 310 -21.81 34.82 15.44
N THR C 311 -21.55 35.71 16.39
CA THR C 311 -21.59 35.36 17.81
C THR C 311 -22.54 36.25 18.59
N LEU C 312 -23.28 35.65 19.52
CA LEU C 312 -24.09 36.35 20.51
C LEU C 312 -23.49 36.16 21.89
N GLN C 313 -23.25 37.27 22.59
CA GLN C 313 -22.73 37.23 23.95
C GLN C 313 -23.53 38.20 24.81
N GLN C 314 -23.98 37.75 25.98
CA GLN C 314 -24.65 38.68 26.88
C GLN C 314 -23.59 39.53 27.57
N SER C 315 -23.86 40.82 27.66
CA SER C 315 -22.92 41.73 28.34
C SER C 315 -22.95 41.48 29.84
N PRO C 316 -21.82 41.13 30.46
CA PRO C 316 -21.80 40.94 31.92
C PRO C 316 -22.25 42.17 32.69
N VAL C 317 -22.07 43.36 32.13
CA VAL C 317 -22.42 44.57 32.87
C VAL C 317 -23.92 44.81 32.85
N THR C 318 -24.54 44.80 31.67
CA THR C 318 -25.94 45.15 31.51
C THR C 318 -26.87 43.97 31.21
N LYS C 319 -26.35 42.74 31.11
CA LYS C 319 -27.15 41.56 30.78
C LYS C 319 -27.83 41.65 29.41
N GLN C 320 -27.34 42.51 28.53
CA GLN C 320 -27.92 42.67 27.19
C GLN C 320 -27.14 41.86 26.16
N TRP C 321 -27.85 41.42 25.12
CA TRP C 321 -27.20 40.63 24.08
C TRP C 321 -26.49 41.55 23.09
N GLN C 322 -25.37 41.09 22.58
CA GLN C 322 -24.58 41.87 21.65
C GLN C 322 -23.96 40.93 20.62
N GLU C 323 -23.86 41.40 19.38
CA GLU C 323 -23.31 40.60 18.29
C GLU C 323 -21.87 41.01 18.00
N LYS C 324 -21.01 40.02 17.84
CA LYS C 324 -19.63 40.16 17.40
C LYS C 324 -19.38 39.18 16.27
N PRO C 325 -18.74 39.61 15.19
CA PRO C 325 -18.43 38.68 14.11
C PRO C 325 -17.35 37.70 14.55
N LEU C 326 -17.41 36.48 14.00
CA LEU C 326 -16.35 35.50 14.16
C LEU C 326 -15.80 35.13 12.79
N CYS C 327 -14.49 35.22 12.63
CA CYS C 327 -13.86 34.96 11.34
C CYS C 327 -12.98 33.72 11.42
N LEU C 328 -12.72 33.14 10.25
CA LEU C 328 -11.79 32.03 10.12
C LEU C 328 -10.61 32.48 9.28
N GLY C 329 -9.43 32.04 9.68
CA GLY C 329 -8.21 32.39 8.97
C GLY C 329 -7.19 31.29 9.15
N THR C 330 -6.29 31.18 8.19
CA THR C 330 -5.31 30.11 8.22
C THR C 330 -4.18 30.51 9.16
N SER C 331 -3.76 29.55 9.99
CA SER C 331 -2.59 29.67 10.86
C SER C 331 -1.84 28.37 10.67
N GLY C 332 -0.89 28.38 9.73
CA GLY C 332 -0.12 27.18 9.45
C GLY C 332 -1.03 26.06 8.98
N SER C 333 -0.92 24.91 9.66
CA SER C 333 -1.70 23.73 9.30
C SER C 333 -3.17 23.94 9.56
N CYS C 334 -3.51 24.81 10.51
CA CYS C 334 -4.90 25.07 10.87
C CYS C 334 -5.48 26.09 9.90
N ARG C 335 -6.57 25.74 9.21
CA ARG C 335 -6.97 26.48 8.02
C ARG C 335 -8.26 27.25 8.24
N GLY C 336 -8.40 28.34 7.48
CA GLY C 336 -9.53 29.25 7.57
C GLY C 336 -10.66 28.95 6.61
N TYR C 337 -10.79 27.68 6.25
CA TYR C 337 -11.84 27.24 5.35
C TYR C 337 -12.07 25.76 5.59
N PHE C 338 -13.06 25.20 4.89
CA PHE C 338 -13.39 23.80 4.98
C PHE C 338 -14.15 23.42 3.72
N SER C 339 -14.27 22.12 3.50
CA SER C 339 -14.86 21.62 2.26
C SER C 339 -16.38 21.57 2.37
N GLY C 340 -17.05 21.87 1.25
CA GLY C 340 -18.49 21.68 1.17
C GLY C 340 -19.29 22.61 2.07
N HIS C 341 -20.46 22.13 2.48
CA HIS C 341 -21.41 22.90 3.26
C HIS C 341 -21.55 22.32 4.66
N ILE C 342 -21.88 23.18 5.62
CA ILE C 342 -22.09 22.74 7.00
C ILE C 342 -23.40 21.99 7.10
N LEU C 343 -23.38 20.82 7.75
CA LEU C 343 -24.59 20.06 7.98
C LEU C 343 -25.04 20.06 9.44
N GLY C 344 -24.11 20.22 10.37
CA GLY C 344 -24.46 20.20 11.79
C GLY C 344 -23.23 20.56 12.59
N PHE C 345 -23.42 20.60 13.91
CA PHE C 345 -22.33 20.94 14.83
C PHE C 345 -22.08 19.79 15.79
N GLY C 346 -20.94 19.86 16.48
CA GLY C 346 -20.56 18.84 17.44
C GLY C 346 -19.96 19.45 18.68
N GLU C 347 -20.02 18.68 19.77
CA GLU C 347 -19.42 19.07 21.04
C GLU C 347 -18.90 17.83 21.75
N ASP C 348 -17.63 17.87 22.16
CA ASP C 348 -17.01 16.75 22.87
C ASP C 348 -17.14 16.94 24.38
N GLU C 349 -16.66 15.95 25.14
CA GLU C 349 -16.87 15.96 26.57
C GLU C 349 -16.09 17.06 27.28
N LEU C 350 -15.03 17.56 26.66
CA LEU C 350 -14.30 18.68 27.25
C LEU C 350 -14.88 20.03 26.86
N GLY C 351 -15.90 20.05 26.01
CA GLY C 351 -16.58 21.29 25.64
C GLY C 351 -16.12 21.90 24.33
N GLU C 352 -15.15 21.30 23.65
CA GLU C 352 -14.71 21.84 22.38
C GLU C 352 -15.74 21.52 21.30
N VAL C 353 -15.85 22.43 20.32
CA VAL C 353 -16.95 22.39 19.36
C VAL C 353 -16.43 21.98 17.98
N TYR C 354 -17.35 21.42 17.18
CA TYR C 354 -17.00 20.85 15.90
C TYR C 354 -17.97 21.30 14.82
N ILE C 355 -17.52 21.19 13.58
CA ILE C 355 -18.34 21.42 12.40
C ILE C 355 -18.40 20.12 11.63
N LEU C 356 -19.58 19.77 11.13
CA LEU C 356 -19.75 18.61 10.28
C LEU C 356 -20.17 19.08 8.90
N SER C 357 -19.40 18.71 7.88
CA SER C 357 -19.58 19.24 6.54
C SER C 357 -19.67 18.12 5.54
N SER C 358 -20.36 18.43 4.44
CA SER C 358 -20.52 17.57 3.28
C SER C 358 -20.95 18.47 2.13
N SER C 359 -20.94 17.92 0.92
CA SER C 359 -21.47 18.64 -0.22
C SER C 359 -22.32 17.68 -1.05
N LYS C 360 -22.86 18.16 -2.17
CA LYS C 360 -23.44 17.21 -3.10
C LYS C 360 -22.35 16.34 -3.72
N SER C 361 -21.12 16.86 -3.82
CA SER C 361 -19.99 16.07 -4.28
C SER C 361 -19.43 15.16 -3.20
N MET C 362 -19.43 15.60 -1.94
CA MET C 362 -18.88 14.79 -0.85
C MET C 362 -19.85 13.70 -0.40
N THR C 363 -21.13 13.81 -0.75
CA THR C 363 -22.10 12.78 -0.41
C THR C 363 -21.95 11.57 -1.33
N GLN C 364 -21.97 11.80 -2.65
CA GLN C 364 -21.79 10.71 -3.61
C GLN C 364 -20.43 10.03 -3.41
N THR C 365 -19.39 10.81 -3.17
CA THR C 365 -18.07 10.24 -2.89
C THR C 365 -18.00 9.58 -1.51
N HIS C 366 -19.05 9.73 -0.70
CA HIS C 366 -19.11 9.15 0.65
C HIS C 366 -17.95 9.66 1.51
N ASN C 367 -17.73 10.97 1.46
CA ASN C 367 -16.62 11.61 2.16
C ASN C 367 -17.11 12.85 2.92
N GLY C 368 -17.89 12.63 4.00
CA GLY C 368 -18.17 13.71 4.92
C GLY C 368 -17.04 13.87 5.92
N LYS C 369 -16.92 15.07 6.50
CA LYS C 369 -15.76 15.40 7.33
C LYS C 369 -16.19 16.02 8.64
N LEU C 370 -15.36 15.79 9.66
CA LEU C 370 -15.53 16.37 11.00
C LEU C 370 -14.39 17.36 11.25
N TYR C 371 -14.75 18.59 11.55
CA TYR C 371 -13.77 19.66 11.73
C TYR C 371 -13.84 20.20 13.15
N LYS C 372 -12.66 20.45 13.74
CA LYS C 372 -12.58 21.08 15.05
C LYS C 372 -12.25 22.56 14.91
N ILE C 373 -12.90 23.36 15.74
CA ILE C 373 -12.61 24.79 15.80
C ILE C 373 -11.51 25.02 16.82
N VAL C 374 -10.48 25.75 16.41
CA VAL C 374 -9.29 25.96 17.24
C VAL C 374 -9.12 27.46 17.43
N ASP C 375 -8.59 27.84 18.59
CA ASP C 375 -8.21 29.23 18.83
C ASP C 375 -6.69 29.31 18.69
N PRO C 376 -6.16 29.78 17.56
CA PRO C 376 -4.71 29.74 17.37
C PRO C 376 -3.96 30.68 18.28
N LYS C 377 -4.66 31.60 18.96
CA LYS C 377 -4.02 32.43 19.96
C LYS C 377 -3.64 31.63 21.21
N ARG C 378 -4.20 30.44 21.38
CA ARG C 378 -4.01 29.63 22.57
C ARG C 378 -3.34 28.30 22.24
N PRO C 379 -2.65 27.70 23.21
CA PRO C 379 -2.10 26.35 23.00
C PRO C 379 -3.17 25.34 22.65
N LEU C 380 -2.73 24.26 21.99
CA LEU C 380 -3.66 23.17 21.69
C LEU C 380 -4.03 22.39 22.95
N MET C 381 -3.08 22.16 23.84
CA MET C 381 -3.35 21.49 25.12
C MET C 381 -2.85 22.39 26.23
N PRO C 382 -3.60 23.43 26.58
CA PRO C 382 -3.23 24.25 27.75
C PRO C 382 -3.19 23.41 29.01
N GLU C 383 -2.29 23.79 29.93
CA GLU C 383 -2.10 23.03 31.17
C GLU C 383 -3.43 22.75 31.86
N GLU C 384 -4.30 23.76 31.95
CA GLU C 384 -5.54 23.65 32.71
C GLU C 384 -6.60 22.77 32.03
N CYS C 385 -6.46 22.45 30.74
CA CYS C 385 -7.50 21.70 30.03
C CYS C 385 -7.28 20.19 30.03
N ARG C 386 -6.24 19.70 30.69
CA ARG C 386 -5.96 18.28 30.68
C ARG C 386 -7.01 17.50 31.46
N ALA C 387 -7.50 16.41 30.88
CA ALA C 387 -8.39 15.48 31.56
C ALA C 387 -7.98 14.06 31.20
N THR C 388 -8.07 13.16 32.17
CA THR C 388 -7.69 11.76 31.97
C THR C 388 -8.89 10.95 31.51
N VAL C 389 -8.71 10.18 30.43
CA VAL C 389 -9.79 9.35 29.92
C VAL C 389 -10.13 8.28 30.95
N GLN C 390 -11.40 8.21 31.32
CA GLN C 390 -11.92 7.11 32.12
C GLN C 390 -12.66 6.15 31.20
N PRO C 391 -12.02 5.09 30.72
CA PRO C 391 -12.63 4.25 29.69
C PRO C 391 -13.99 3.71 30.10
N ALA C 392 -14.88 3.60 29.12
CA ALA C 392 -16.26 3.24 29.37
C ALA C 392 -16.36 1.85 29.98
N GLN C 393 -17.26 1.71 30.96
CA GLN C 393 -17.46 0.47 31.67
C GLN C 393 -18.83 -0.11 31.34
N THR C 394 -18.94 -1.42 31.53
CA THR C 394 -20.23 -2.07 31.36
C THR C 394 -21.20 -1.58 32.44
N LEU C 395 -22.49 -1.78 32.20
CA LEU C 395 -23.51 -1.32 33.13
C LEU C 395 -23.35 -1.99 34.48
N THR C 396 -23.42 -1.18 35.54
CA THR C 396 -23.25 -1.66 36.91
C THR C 396 -24.49 -1.50 37.77
N SER C 397 -25.53 -0.83 37.29
CA SER C 397 -26.71 -0.58 38.11
C SER C 397 -27.38 -1.88 38.52
N GLU C 398 -28.00 -1.87 39.69
CA GLU C 398 -28.69 -3.06 40.16
C GLU C 398 -29.80 -3.48 39.20
N CYS C 399 -30.39 -2.53 38.48
CA CYS C 399 -31.52 -2.85 37.62
C CYS C 399 -31.09 -3.71 36.43
N SER C 400 -30.13 -3.22 35.65
CA SER C 400 -29.72 -3.96 34.45
C SER C 400 -29.20 -5.34 34.81
N ARG C 401 -28.65 -5.50 36.02
CA ARG C 401 -28.06 -6.78 36.39
C ARG C 401 -29.13 -7.79 36.77
N LEU C 402 -30.20 -7.33 37.44
CA LEU C 402 -31.21 -8.22 38.00
C LEU C 402 -32.55 -8.17 37.27
N CYS C 403 -32.85 -7.11 36.54
CA CYS C 403 -34.11 -6.97 35.83
C CYS C 403 -33.95 -7.64 34.47
N ARG C 404 -34.59 -8.80 34.28
CA ARG C 404 -34.38 -9.61 33.09
C ARG C 404 -35.63 -9.88 32.27
N ASN C 405 -36.82 -9.84 32.87
CA ASN C 405 -38.07 -10.06 32.14
C ASN C 405 -38.86 -8.77 31.94
N GLY C 406 -38.16 -7.65 31.72
CA GLY C 406 -38.83 -6.38 31.52
C GLY C 406 -37.90 -5.29 31.04
N TYR C 407 -38.16 -4.05 31.42
CA TYR C 407 -37.27 -2.95 31.07
C TYR C 407 -36.99 -2.10 32.31
N CYS C 408 -35.88 -1.38 32.26
CA CYS C 408 -35.42 -0.54 33.37
C CYS C 408 -35.74 0.92 33.08
N THR C 409 -36.44 1.55 34.02
CA THR C 409 -36.65 2.99 33.93
C THR C 409 -35.36 3.72 34.30
N PRO C 410 -35.14 4.93 33.75
CA PRO C 410 -33.92 5.70 34.10
C PRO C 410 -33.72 5.86 35.60
N THR C 411 -34.79 5.68 36.39
CA THR C 411 -34.70 5.80 37.84
C THR C 411 -34.15 4.54 38.50
N GLY C 412 -34.39 3.37 37.92
CA GLY C 412 -33.90 2.12 38.44
C GLY C 412 -34.99 1.12 38.74
N LYS C 413 -36.25 1.53 38.69
CA LYS C 413 -37.37 0.64 38.93
C LYS C 413 -37.57 -0.28 37.72
N CYS C 414 -37.80 -1.55 38.01
CA CYS C 414 -37.95 -2.57 36.97
C CYS C 414 -39.44 -2.73 36.61
N CYS C 415 -39.79 -2.41 35.37
CA CYS C 415 -41.16 -2.47 34.88
C CYS C 415 -41.38 -3.78 34.13
N CYS C 416 -42.30 -4.60 34.62
CA CYS C 416 -42.49 -5.95 34.11
C CYS C 416 -43.24 -5.98 32.79
N SER C 417 -42.93 -7.00 31.99
CA SER C 417 -43.68 -7.31 30.80
C SER C 417 -45.04 -7.90 31.17
N PRO C 418 -45.98 -7.96 30.22
CA PRO C 418 -47.26 -8.61 30.52
C PRO C 418 -47.05 -10.07 30.90
N GLY C 419 -47.68 -10.47 32.00
CA GLY C 419 -47.54 -11.82 32.52
C GLY C 419 -46.43 -12.01 33.53
N TRP C 420 -45.87 -10.93 34.07
CA TRP C 420 -44.84 -11.01 35.09
C TRP C 420 -45.12 -9.97 36.17
N GLU C 421 -44.73 -10.30 37.40
CA GLU C 421 -44.88 -9.40 38.53
C GLU C 421 -43.69 -9.59 39.46
N GLY C 422 -43.63 -8.79 40.52
CA GLY C 422 -42.56 -8.88 41.49
C GLY C 422 -41.66 -7.66 41.47
N ASP C 423 -40.75 -7.63 42.43
CA ASP C 423 -39.78 -6.53 42.52
C ASP C 423 -38.88 -6.49 41.30
N PHE C 424 -38.35 -7.64 40.87
CA PHE C 424 -37.55 -7.72 39.65
C PHE C 424 -38.22 -8.55 38.56
N CYS C 425 -39.55 -8.69 38.61
CA CYS C 425 -40.33 -9.36 37.56
C CYS C 425 -39.84 -10.78 37.32
N ARG C 426 -39.36 -11.44 38.38
CA ARG C 426 -38.83 -12.79 38.31
C ARG C 426 -39.89 -13.87 38.53
N THR C 427 -41.09 -13.49 38.94
CA THR C 427 -42.17 -14.44 39.23
C THR C 427 -43.25 -14.32 38.16
N ALA C 428 -43.59 -15.44 37.54
CA ALA C 428 -44.59 -15.46 36.49
C ALA C 428 -46.00 -15.34 37.06
N LYS C 429 -46.93 -14.90 36.22
CA LYS C 429 -48.33 -14.75 36.55
C LYS C 429 -49.13 -15.76 35.72
N CYS C 430 -50.02 -16.49 36.37
CA CYS C 430 -50.85 -17.49 35.70
C CYS C 430 -52.33 -17.15 35.91
N GLU C 431 -53.04 -16.96 34.79
CA GLU C 431 -54.47 -16.68 34.79
C GLU C 431 -55.16 -17.65 33.84
N PRO C 432 -56.08 -18.50 34.32
CA PRO C 432 -56.40 -18.65 35.75
C PRO C 432 -55.25 -19.28 36.55
N ALA C 433 -55.28 -19.09 37.86
CA ALA C 433 -54.16 -19.49 38.71
C ALA C 433 -53.98 -21.01 38.72
N CYS C 434 -52.75 -21.43 38.96
CA CYS C 434 -52.47 -22.85 39.15
C CYS C 434 -53.14 -23.37 40.41
N ARG C 435 -53.60 -24.61 40.35
CA ARG C 435 -54.34 -25.19 41.45
C ARG C 435 -53.60 -26.43 41.97
N HIS C 436 -54.04 -26.90 43.14
CA HIS C 436 -53.45 -28.05 43.83
C HIS C 436 -51.93 -27.90 43.98
N GLY C 437 -51.52 -26.77 44.56
CA GLY C 437 -50.13 -26.57 44.87
C GLY C 437 -49.20 -26.38 43.69
N GLY C 438 -49.73 -26.31 42.47
CA GLY C 438 -48.89 -26.11 41.32
C GLY C 438 -48.08 -24.83 41.39
N VAL C 439 -47.01 -24.78 40.60
CA VAL C 439 -46.10 -23.64 40.57
C VAL C 439 -46.22 -22.98 39.21
N CYS C 440 -46.34 -21.65 39.21
CA CYS C 440 -46.40 -20.86 37.99
C CYS C 440 -44.97 -20.54 37.56
N VAL C 441 -44.44 -21.33 36.62
CA VAL C 441 -43.03 -21.23 36.26
C VAL C 441 -42.81 -20.23 35.14
N ARG C 442 -43.64 -20.29 34.10
CA ARG C 442 -43.64 -19.39 32.96
C ARG C 442 -45.04 -18.79 32.84
N PRO C 443 -45.18 -17.63 32.20
CA PRO C 443 -46.50 -16.98 32.16
C PRO C 443 -47.57 -17.90 31.60
N ASN C 444 -48.58 -18.19 32.45
CA ASN C 444 -49.70 -19.07 32.10
C ASN C 444 -49.24 -20.50 31.80
N LYS C 445 -48.19 -20.96 32.49
CA LYS C 445 -47.74 -22.35 32.42
C LYS C 445 -47.54 -22.87 33.83
N CYS C 446 -48.28 -23.92 34.18
CA CYS C 446 -48.26 -24.48 35.52
C CYS C 446 -47.43 -25.76 35.57
N LEU C 447 -46.51 -25.84 36.54
CA LEU C 447 -45.78 -27.07 36.84
C LEU C 447 -46.53 -27.79 37.95
N CYS C 448 -47.24 -28.86 37.59
CA CYS C 448 -48.16 -29.51 38.53
C CYS C 448 -47.44 -30.51 39.40
N LYS C 449 -48.02 -30.77 40.57
CA LYS C 449 -47.55 -31.83 41.45
C LYS C 449 -48.09 -33.18 40.97
N LYS C 450 -47.33 -34.23 41.25
CA LYS C 450 -47.72 -35.59 40.88
C LYS C 450 -49.14 -35.89 41.37
N GLY C 451 -49.97 -36.38 40.46
CA GLY C 451 -51.36 -36.65 40.77
C GLY C 451 -52.35 -35.66 40.19
N TYR C 452 -51.88 -34.62 39.50
CA TYR C 452 -52.77 -33.57 39.00
C TYR C 452 -52.36 -33.17 37.59
N LEU C 453 -53.35 -33.12 36.69
CA LEU C 453 -53.15 -32.92 35.27
C LEU C 453 -53.93 -31.69 34.81
N GLY C 454 -53.63 -31.24 33.59
CA GLY C 454 -54.32 -30.12 32.99
C GLY C 454 -53.54 -28.82 33.07
N PRO C 455 -53.94 -27.83 32.26
CA PRO C 455 -53.19 -26.57 32.20
C PRO C 455 -53.14 -25.81 33.52
N GLN C 456 -54.11 -25.99 34.42
CA GLN C 456 -54.06 -25.37 35.74
C GLN C 456 -53.99 -26.42 36.84
N CYS C 457 -53.67 -27.66 36.50
CA CYS C 457 -53.62 -28.77 37.46
C CYS C 457 -54.99 -29.01 38.11
N GLU C 458 -56.06 -28.73 37.38
CA GLU C 458 -57.39 -28.84 37.96
C GLU C 458 -57.89 -30.28 38.05
N GLN C 459 -57.40 -31.18 37.20
CA GLN C 459 -57.89 -32.55 37.15
C GLN C 459 -57.10 -33.47 38.07
N VAL C 460 -57.81 -34.39 38.73
CA VAL C 460 -57.21 -35.32 39.69
C VAL C 460 -57.08 -36.70 39.07
N ASP C 461 -55.96 -37.36 39.32
CA ASP C 461 -55.68 -38.71 38.83
C ASP C 461 -55.24 -39.61 39.98
#